data_6KX3
# 
_entry.id   6KX3 
# 
_audit_conform.dict_name       mmcif_pdbx.dic 
_audit_conform.dict_version    5.398 
_audit_conform.dict_location   http://mmcif.pdb.org/dictionaries/ascii/mmcif_pdbx.dic 
# 
loop_
_database_2.database_id 
_database_2.database_code 
_database_2.pdbx_database_accession 
_database_2.pdbx_DOI 
PDB   6KX3         pdb_00006kx3 10.2210/pdb6kx3/pdb 
WWPDB D_1300013798 ?            ?                   
# 
loop_
_pdbx_audit_revision_history.ordinal 
_pdbx_audit_revision_history.data_content_type 
_pdbx_audit_revision_history.major_revision 
_pdbx_audit_revision_history.minor_revision 
_pdbx_audit_revision_history.revision_date 
1 'Structure model' 1 0 2020-08-19 
2 'Structure model' 1 1 2023-11-22 
3 'Structure model' 1 2 2024-11-13 
# 
_pdbx_audit_revision_details.ordinal             1 
_pdbx_audit_revision_details.revision_ordinal    1 
_pdbx_audit_revision_details.data_content_type   'Structure model' 
_pdbx_audit_revision_details.provider            repository 
_pdbx_audit_revision_details.type                'Initial release' 
_pdbx_audit_revision_details.description         ? 
_pdbx_audit_revision_details.details             ? 
# 
loop_
_pdbx_audit_revision_group.ordinal 
_pdbx_audit_revision_group.revision_ordinal 
_pdbx_audit_revision_group.data_content_type 
_pdbx_audit_revision_group.group 
1 2 'Structure model' 'Data collection'        
2 2 'Structure model' 'Database references'    
3 2 'Structure model' 'Refinement description' 
4 3 'Structure model' 'Structure summary'      
# 
loop_
_pdbx_audit_revision_category.ordinal 
_pdbx_audit_revision_category.revision_ordinal 
_pdbx_audit_revision_category.data_content_type 
_pdbx_audit_revision_category.category 
1 2 'Structure model' chem_comp_atom                
2 2 'Structure model' chem_comp_bond                
3 2 'Structure model' database_2                    
4 2 'Structure model' pdbx_initial_refinement_model 
5 3 'Structure model' pdbx_entry_details            
6 3 'Structure model' pdbx_modification_feature     
# 
loop_
_pdbx_audit_revision_item.ordinal 
_pdbx_audit_revision_item.revision_ordinal 
_pdbx_audit_revision_item.data_content_type 
_pdbx_audit_revision_item.item 
1 2 'Structure model' '_database_2.pdbx_DOI'                         
2 2 'Structure model' '_database_2.pdbx_database_accession'          
3 3 'Structure model' '_pdbx_entry_details.has_protein_modification' 
# 
_pdbx_database_status.status_code                     REL 
_pdbx_database_status.status_code_sf                  REL 
_pdbx_database_status.status_code_mr                  ? 
_pdbx_database_status.entry_id                        6KX3 
_pdbx_database_status.recvd_initial_deposition_date   2019-09-09 
_pdbx_database_status.SG_entry                        N 
_pdbx_database_status.deposit_site                    PDBJ 
_pdbx_database_status.process_site                    PDBJ 
_pdbx_database_status.status_code_cs                  ? 
_pdbx_database_status.methods_development_category    ? 
_pdbx_database_status.pdb_format_compatible           Y 
_pdbx_database_status.status_code_nmr_data            ? 
# 
loop_
_audit_author.name 
_audit_author.pdbx_ordinal 
_audit_author.identifier_ORCID 
'Zhang, H.' 1 ? 
'Luo, C.'   2 ? 
# 
_citation.abstract                  ? 
_citation.abstract_id_CAS           ? 
_citation.book_id_ISBN              ? 
_citation.book_publisher            ? 
_citation.book_publisher_city       ? 
_citation.book_title                ? 
_citation.coordinate_linkage        ? 
_citation.country                   DE 
_citation.database_id_Medline       ? 
_citation.details                   ? 
_citation.id                        primary 
_citation.journal_abbrev            'Adv Sci' 
_citation.journal_id_ASTM           ? 
_citation.journal_id_CSD            ? 
_citation.journal_id_ISSN           2198-3844 
_citation.journal_full              ? 
_citation.journal_issue             ? 
_citation.journal_volume            7 
_citation.language                  ? 
_citation.page_first                2000098 
_citation.page_last                 2000098 
_citation.title                     
'Covalent Inhibitors Allosterically Block the Activation of Rho Family Proteins and Suppress Cancer Cell Invasion.' 
_citation.year                      2020 
_citation.database_id_CSD           ? 
_citation.pdbx_database_id_DOI      10.1002/advs.202000098 
_citation.pdbx_database_id_PubMed   32714746 
_citation.unpublished_flag          ? 
# 
loop_
_citation_author.citation_id 
_citation_author.name 
_citation_author.ordinal 
_citation_author.identifier_ORCID 
primary 'Sun, Z.'   1  ?                   
primary 'Zhang, H.' 2  ?                   
primary 'Zhang, Y.' 3  ?                   
primary 'Liao, L.'  4  ?                   
primary 'Zhou, W.'  5  ?                   
primary 'Zhang, F.' 6  ?                   
primary 'Lian, F.'  7  ?                   
primary 'Huang, J.' 8  ?                   
primary 'Xu, P.'    9  ?                   
primary 'Zhang, R.' 10 ?                   
primary 'Lu, W.'    11 ?                   
primary 'Zhu, M.'   12 ?                   
primary 'Tao, H.'   13 ?                   
primary 'Yang, F.'  14 ?                   
primary 'Ding, H.'  15 ?                   
primary 'Chen, S.'  16 ?                   
primary 'Yue, L.'   17 ?                   
primary 'Zhou, B.'  18 ?                   
primary 'Zhang, N.' 19 ?                   
primary 'Tan, M.'   20 ?                   
primary 'Jiang, H.' 21 ?                   
primary 'Chen, K.'  22 ?                   
primary 'Liu, B.'   23 ?                   
primary 'Liu, C.'   24 ?                   
primary 'Dang, Y.'  25 ?                   
primary 'Luo, C.'   26 0000-0003-3864-8382 
# 
loop_
_entity.id 
_entity.type 
_entity.src_method 
_entity.pdbx_description 
_entity.formula_weight 
_entity.pdbx_number_of_molecules 
_entity.pdbx_ec 
_entity.pdbx_mutation 
_entity.pdbx_fragment 
_entity.details 
1 polymer     man 'Transforming protein RhoA'                                                          20441.330 1  3.6.5.2 
'C16V, C20S, C83V, C159T' ? ? 
2 non-polymer syn "GUANOSINE-5'-DIPHOSPHATE"                                                           443.201   1  ?       ? ? ? 
3 non-polymer syn 'prop-2-enyl (3R)-1,1-bis(oxidanylidene)-2,3-dihydro-1-benzothiophene-3-carboxylate' 252.286   1  ?       ? ? ? 
4 water       nat water                                                                                18.015    82 ?       ? ? ? 
# 
_entity_name_com.entity_id   1 
_entity_name_com.name        'RhoA protein, Rho cDNA clone 12,h12' 
# 
_entity_poly.entity_id                      1 
_entity_poly.type                           'polypeptide(L)' 
_entity_poly.nstd_linkage                   no 
_entity_poly.nstd_monomer                   no 
_entity_poly.pdbx_seq_one_letter_code       
;MAAIRKKLVIVGDGAVGKTSLLIVFSKDQFPEVYVPTVFENYVADIEVDGKQVELALWDTAGQEDYDRLRPLSYPDTDVI
LMVFSIDSPDSLENIPEKWTPEVKHFCPNVPIILVGNKKDLRNDEHTRRELAKMKQEPVKPEEGRDMANRIGAFGYMETS
AKTKDGVREVFEMATRAALQA
;
_entity_poly.pdbx_seq_one_letter_code_can   
;MAAIRKKLVIVGDGAVGKTSLLIVFSKDQFPEVYVPTVFENYVADIEVDGKQVELALWDTAGQEDYDRLRPLSYPDTDVI
LMVFSIDSPDSLENIPEKWTPEVKHFCPNVPIILVGNKKDLRNDEHTRRELAKMKQEPVKPEEGRDMANRIGAFGYMETS
AKTKDGVREVFEMATRAALQA
;
_entity_poly.pdbx_strand_id                 A 
_entity_poly.pdbx_target_identifier         ? 
# 
loop_
_pdbx_entity_nonpoly.entity_id 
_pdbx_entity_nonpoly.name 
_pdbx_entity_nonpoly.comp_id 
2 "GUANOSINE-5'-DIPHOSPHATE"                                                           GDP 
3 'prop-2-enyl (3R)-1,1-bis(oxidanylidene)-2,3-dihydro-1-benzothiophene-3-carboxylate' 8ZO 
4 water                                                                                HOH 
# 
loop_
_entity_poly_seq.entity_id 
_entity_poly_seq.num 
_entity_poly_seq.mon_id 
_entity_poly_seq.hetero 
1 1   MET n 
1 2   ALA n 
1 3   ALA n 
1 4   ILE n 
1 5   ARG n 
1 6   LYS n 
1 7   LYS n 
1 8   LEU n 
1 9   VAL n 
1 10  ILE n 
1 11  VAL n 
1 12  GLY n 
1 13  ASP n 
1 14  GLY n 
1 15  ALA n 
1 16  VAL n 
1 17  GLY n 
1 18  LYS n 
1 19  THR n 
1 20  SER n 
1 21  LEU n 
1 22  LEU n 
1 23  ILE n 
1 24  VAL n 
1 25  PHE n 
1 26  SER n 
1 27  LYS n 
1 28  ASP n 
1 29  GLN n 
1 30  PHE n 
1 31  PRO n 
1 32  GLU n 
1 33  VAL n 
1 34  TYR n 
1 35  VAL n 
1 36  PRO n 
1 37  THR n 
1 38  VAL n 
1 39  PHE n 
1 40  GLU n 
1 41  ASN n 
1 42  TYR n 
1 43  VAL n 
1 44  ALA n 
1 45  ASP n 
1 46  ILE n 
1 47  GLU n 
1 48  VAL n 
1 49  ASP n 
1 50  GLY n 
1 51  LYS n 
1 52  GLN n 
1 53  VAL n 
1 54  GLU n 
1 55  LEU n 
1 56  ALA n 
1 57  LEU n 
1 58  TRP n 
1 59  ASP n 
1 60  THR n 
1 61  ALA n 
1 62  GLY n 
1 63  GLN n 
1 64  GLU n 
1 65  ASP n 
1 66  TYR n 
1 67  ASP n 
1 68  ARG n 
1 69  LEU n 
1 70  ARG n 
1 71  PRO n 
1 72  LEU n 
1 73  SER n 
1 74  TYR n 
1 75  PRO n 
1 76  ASP n 
1 77  THR n 
1 78  ASP n 
1 79  VAL n 
1 80  ILE n 
1 81  LEU n 
1 82  MET n 
1 83  VAL n 
1 84  PHE n 
1 85  SER n 
1 86  ILE n 
1 87  ASP n 
1 88  SER n 
1 89  PRO n 
1 90  ASP n 
1 91  SER n 
1 92  LEU n 
1 93  GLU n 
1 94  ASN n 
1 95  ILE n 
1 96  PRO n 
1 97  GLU n 
1 98  LYS n 
1 99  TRP n 
1 100 THR n 
1 101 PRO n 
1 102 GLU n 
1 103 VAL n 
1 104 LYS n 
1 105 HIS n 
1 106 PHE n 
1 107 CYS n 
1 108 PRO n 
1 109 ASN n 
1 110 VAL n 
1 111 PRO n 
1 112 ILE n 
1 113 ILE n 
1 114 LEU n 
1 115 VAL n 
1 116 GLY n 
1 117 ASN n 
1 118 LYS n 
1 119 LYS n 
1 120 ASP n 
1 121 LEU n 
1 122 ARG n 
1 123 ASN n 
1 124 ASP n 
1 125 GLU n 
1 126 HIS n 
1 127 THR n 
1 128 ARG n 
1 129 ARG n 
1 130 GLU n 
1 131 LEU n 
1 132 ALA n 
1 133 LYS n 
1 134 MET n 
1 135 LYS n 
1 136 GLN n 
1 137 GLU n 
1 138 PRO n 
1 139 VAL n 
1 140 LYS n 
1 141 PRO n 
1 142 GLU n 
1 143 GLU n 
1 144 GLY n 
1 145 ARG n 
1 146 ASP n 
1 147 MET n 
1 148 ALA n 
1 149 ASN n 
1 150 ARG n 
1 151 ILE n 
1 152 GLY n 
1 153 ALA n 
1 154 PHE n 
1 155 GLY n 
1 156 TYR n 
1 157 MET n 
1 158 GLU n 
1 159 THR n 
1 160 SER n 
1 161 ALA n 
1 162 LYS n 
1 163 THR n 
1 164 LYS n 
1 165 ASP n 
1 166 GLY n 
1 167 VAL n 
1 168 ARG n 
1 169 GLU n 
1 170 VAL n 
1 171 PHE n 
1 172 GLU n 
1 173 MET n 
1 174 ALA n 
1 175 THR n 
1 176 ARG n 
1 177 ALA n 
1 178 ALA n 
1 179 LEU n 
1 180 GLN n 
1 181 ALA n 
# 
_entity_src_gen.entity_id                          1 
_entity_src_gen.pdbx_src_id                        1 
_entity_src_gen.pdbx_alt_source_flag               sample 
_entity_src_gen.pdbx_seq_type                      'Biological sequence' 
_entity_src_gen.pdbx_beg_seq_num                   1 
_entity_src_gen.pdbx_end_seq_num                   181 
_entity_src_gen.gene_src_common_name               Human 
_entity_src_gen.gene_src_genus                     ? 
_entity_src_gen.pdbx_gene_src_gene                 'RHOA, ARH12, ARHA, RHO12' 
_entity_src_gen.gene_src_species                   ? 
_entity_src_gen.gene_src_strain                    ? 
_entity_src_gen.gene_src_tissue                    ? 
_entity_src_gen.gene_src_tissue_fraction           ? 
_entity_src_gen.gene_src_details                   ? 
_entity_src_gen.pdbx_gene_src_fragment             ? 
_entity_src_gen.pdbx_gene_src_scientific_name      'Homo sapiens' 
_entity_src_gen.pdbx_gene_src_ncbi_taxonomy_id     9606 
_entity_src_gen.pdbx_gene_src_variant              ? 
_entity_src_gen.pdbx_gene_src_cell_line            ? 
_entity_src_gen.pdbx_gene_src_atcc                 ? 
_entity_src_gen.pdbx_gene_src_organ                ? 
_entity_src_gen.pdbx_gene_src_organelle            ? 
_entity_src_gen.pdbx_gene_src_cell                 ? 
_entity_src_gen.pdbx_gene_src_cellular_location    ? 
_entity_src_gen.host_org_common_name               ? 
_entity_src_gen.pdbx_host_org_scientific_name      'Escherichia coli' 
_entity_src_gen.pdbx_host_org_ncbi_taxonomy_id     562 
_entity_src_gen.host_org_genus                     ? 
_entity_src_gen.pdbx_host_org_gene                 ? 
_entity_src_gen.pdbx_host_org_organ                ? 
_entity_src_gen.host_org_species                   ? 
_entity_src_gen.pdbx_host_org_tissue               ? 
_entity_src_gen.pdbx_host_org_tissue_fraction      ? 
_entity_src_gen.pdbx_host_org_strain               ? 
_entity_src_gen.pdbx_host_org_variant              ? 
_entity_src_gen.pdbx_host_org_cell_line            ? 
_entity_src_gen.pdbx_host_org_atcc                 ? 
_entity_src_gen.pdbx_host_org_culture_collection   ? 
_entity_src_gen.pdbx_host_org_cell                 ? 
_entity_src_gen.pdbx_host_org_organelle            ? 
_entity_src_gen.pdbx_host_org_cellular_location    ? 
_entity_src_gen.pdbx_host_org_vector_type          ? 
_entity_src_gen.pdbx_host_org_vector               ? 
_entity_src_gen.host_org_details                   ? 
_entity_src_gen.expression_system_id               ? 
_entity_src_gen.plasmid_name                       ? 
_entity_src_gen.plasmid_details                    ? 
_entity_src_gen.pdbx_description                   ? 
# 
loop_
_chem_comp.id 
_chem_comp.type 
_chem_comp.mon_nstd_flag 
_chem_comp.name 
_chem_comp.pdbx_synonyms 
_chem_comp.formula 
_chem_comp.formula_weight 
8ZO non-polymer         . 'prop-2-enyl (3R)-1,1-bis(oxidanylidene)-2,3-dihydro-1-benzothiophene-3-carboxylate' ? 'C12 H12 O4 S' 
252.286 
ALA 'L-peptide linking' y ALANINE                                                                              ? 'C3 H7 N O2' 
89.093  
ARG 'L-peptide linking' y ARGININE                                                                             ? 'C6 H15 N4 O2 1' 
175.209 
ASN 'L-peptide linking' y ASPARAGINE                                                                           ? 'C4 H8 N2 O3' 
132.118 
ASP 'L-peptide linking' y 'ASPARTIC ACID'                                                                      ? 'C4 H7 N O4' 
133.103 
CYS 'L-peptide linking' y CYSTEINE                                                                             ? 'C3 H7 N O2 S' 
121.158 
GDP 'RNA linking'       n "GUANOSINE-5'-DIPHOSPHATE"                                                           ? 
'C10 H15 N5 O11 P2' 443.201 
GLN 'L-peptide linking' y GLUTAMINE                                                                            ? 'C5 H10 N2 O3' 
146.144 
GLU 'L-peptide linking' y 'GLUTAMIC ACID'                                                                      ? 'C5 H9 N O4' 
147.129 
GLY 'peptide linking'   y GLYCINE                                                                              ? 'C2 H5 N O2' 
75.067  
HIS 'L-peptide linking' y HISTIDINE                                                                            ? 'C6 H10 N3 O2 1' 
156.162 
HOH non-polymer         . WATER                                                                                ? 'H2 O' 18.015  
ILE 'L-peptide linking' y ISOLEUCINE                                                                           ? 'C6 H13 N O2' 
131.173 
LEU 'L-peptide linking' y LEUCINE                                                                              ? 'C6 H13 N O2' 
131.173 
LYS 'L-peptide linking' y LYSINE                                                                               ? 'C6 H15 N2 O2 1' 
147.195 
MET 'L-peptide linking' y METHIONINE                                                                           ? 'C5 H11 N O2 S' 
149.211 
PHE 'L-peptide linking' y PHENYLALANINE                                                                        ? 'C9 H11 N O2' 
165.189 
PRO 'L-peptide linking' y PROLINE                                                                              ? 'C5 H9 N O2' 
115.130 
SER 'L-peptide linking' y SERINE                                                                               ? 'C3 H7 N O3' 
105.093 
THR 'L-peptide linking' y THREONINE                                                                            ? 'C4 H9 N O3' 
119.119 
TRP 'L-peptide linking' y TRYPTOPHAN                                                                           ? 'C11 H12 N2 O2' 
204.225 
TYR 'L-peptide linking' y TYROSINE                                                                             ? 'C9 H11 N O3' 
181.189 
VAL 'L-peptide linking' y VALINE                                                                               ? 'C5 H11 N O2' 
117.146 
# 
loop_
_pdbx_poly_seq_scheme.asym_id 
_pdbx_poly_seq_scheme.entity_id 
_pdbx_poly_seq_scheme.seq_id 
_pdbx_poly_seq_scheme.mon_id 
_pdbx_poly_seq_scheme.ndb_seq_num 
_pdbx_poly_seq_scheme.pdb_seq_num 
_pdbx_poly_seq_scheme.auth_seq_num 
_pdbx_poly_seq_scheme.pdb_mon_id 
_pdbx_poly_seq_scheme.auth_mon_id 
_pdbx_poly_seq_scheme.pdb_strand_id 
_pdbx_poly_seq_scheme.pdb_ins_code 
_pdbx_poly_seq_scheme.hetero 
A 1 1   MET 1   1   ?   ?   ?   A . n 
A 1 2   ALA 2   2   ?   ?   ?   A . n 
A 1 3   ALA 3   3   3   ALA ALA A . n 
A 1 4   ILE 4   4   4   ILE ILE A . n 
A 1 5   ARG 5   5   5   ARG ARG A . n 
A 1 6   LYS 6   6   6   LYS LYS A . n 
A 1 7   LYS 7   7   7   LYS LYS A . n 
A 1 8   LEU 8   8   8   LEU LEU A . n 
A 1 9   VAL 9   9   9   VAL VAL A . n 
A 1 10  ILE 10  10  10  ILE ILE A . n 
A 1 11  VAL 11  11  11  VAL VAL A . n 
A 1 12  GLY 12  12  12  GLY GLY A . n 
A 1 13  ASP 13  13  13  ASP ASP A . n 
A 1 14  GLY 14  14  14  GLY GLY A . n 
A 1 15  ALA 15  15  15  ALA ALA A . n 
A 1 16  VAL 16  16  16  VAL VAL A . n 
A 1 17  GLY 17  17  17  GLY GLY A . n 
A 1 18  LYS 18  18  18  LYS LYS A . n 
A 1 19  THR 19  19  19  THR THR A . n 
A 1 20  SER 20  20  20  SER SER A . n 
A 1 21  LEU 21  21  21  LEU LEU A . n 
A 1 22  LEU 22  22  22  LEU LEU A . n 
A 1 23  ILE 23  23  23  ILE ILE A . n 
A 1 24  VAL 24  24  24  VAL VAL A . n 
A 1 25  PHE 25  25  25  PHE PHE A . n 
A 1 26  SER 26  26  26  SER SER A . n 
A 1 27  LYS 27  27  27  LYS LYS A . n 
A 1 28  ASP 28  28  28  ASP ASP A . n 
A 1 29  GLN 29  29  29  GLN GLN A . n 
A 1 30  PHE 30  30  30  PHE PHE A . n 
A 1 31  PRO 31  31  31  PRO PRO A . n 
A 1 32  GLU 32  32  32  GLU GLU A . n 
A 1 33  VAL 33  33  33  VAL VAL A . n 
A 1 34  TYR 34  34  34  TYR TYR A . n 
A 1 35  VAL 35  35  35  VAL VAL A . n 
A 1 36  PRO 36  36  36  PRO PRO A . n 
A 1 37  THR 37  37  37  THR THR A . n 
A 1 38  VAL 38  38  38  VAL VAL A . n 
A 1 39  PHE 39  39  39  PHE PHE A . n 
A 1 40  GLU 40  40  40  GLU GLU A . n 
A 1 41  ASN 41  41  41  ASN ASN A . n 
A 1 42  TYR 42  42  42  TYR TYR A . n 
A 1 43  VAL 43  43  43  VAL VAL A . n 
A 1 44  ALA 44  44  44  ALA ALA A . n 
A 1 45  ASP 45  45  45  ASP ASP A . n 
A 1 46  ILE 46  46  46  ILE ILE A . n 
A 1 47  GLU 47  47  47  GLU GLU A . n 
A 1 48  VAL 48  48  48  VAL VAL A . n 
A 1 49  ASP 49  49  49  ASP ASP A . n 
A 1 50  GLY 50  50  50  GLY GLY A . n 
A 1 51  LYS 51  51  51  LYS LYS A . n 
A 1 52  GLN 52  52  52  GLN GLN A . n 
A 1 53  VAL 53  53  53  VAL VAL A . n 
A 1 54  GLU 54  54  54  GLU GLU A . n 
A 1 55  LEU 55  55  55  LEU LEU A . n 
A 1 56  ALA 56  56  56  ALA ALA A . n 
A 1 57  LEU 57  57  57  LEU LEU A . n 
A 1 58  TRP 58  58  58  TRP TRP A . n 
A 1 59  ASP 59  59  59  ASP ASP A . n 
A 1 60  THR 60  60  60  THR THR A . n 
A 1 61  ALA 61  61  61  ALA ALA A . n 
A 1 62  GLY 62  62  62  GLY GLY A . n 
A 1 63  GLN 63  63  63  GLN GLN A . n 
A 1 64  GLU 64  64  64  GLU GLU A . n 
A 1 65  ASP 65  65  65  ASP ASP A . n 
A 1 66  TYR 66  66  66  TYR TYR A . n 
A 1 67  ASP 67  67  ?   ?   ?   A . n 
A 1 68  ARG 68  68  ?   ?   ?   A . n 
A 1 69  LEU 69  69  ?   ?   ?   A . n 
A 1 70  ARG 70  70  ?   ?   ?   A . n 
A 1 71  PRO 71  71  ?   ?   ?   A . n 
A 1 72  LEU 72  72  ?   ?   ?   A . n 
A 1 73  SER 73  73  ?   ?   ?   A . n 
A 1 74  TYR 74  74  ?   ?   ?   A . n 
A 1 75  PRO 75  75  75  PRO PRO A . n 
A 1 76  ASP 76  76  76  ASP ASP A . n 
A 1 77  THR 77  77  77  THR THR A . n 
A 1 78  ASP 78  78  78  ASP ASP A . n 
A 1 79  VAL 79  79  79  VAL VAL A . n 
A 1 80  ILE 80  80  80  ILE ILE A . n 
A 1 81  LEU 81  81  81  LEU LEU A . n 
A 1 82  MET 82  82  82  MET MET A . n 
A 1 83  VAL 83  83  83  VAL VAL A . n 
A 1 84  PHE 84  84  84  PHE PHE A . n 
A 1 85  SER 85  85  85  SER SER A . n 
A 1 86  ILE 86  86  86  ILE ILE A . n 
A 1 87  ASP 87  87  87  ASP ASP A . n 
A 1 88  SER 88  88  88  SER SER A . n 
A 1 89  PRO 89  89  89  PRO PRO A . n 
A 1 90  ASP 90  90  90  ASP ASP A . n 
A 1 91  SER 91  91  91  SER SER A . n 
A 1 92  LEU 92  92  92  LEU LEU A . n 
A 1 93  GLU 93  93  93  GLU GLU A . n 
A 1 94  ASN 94  94  94  ASN ASN A . n 
A 1 95  ILE 95  95  95  ILE ILE A . n 
A 1 96  PRO 96  96  96  PRO PRO A . n 
A 1 97  GLU 97  97  97  GLU GLU A . n 
A 1 98  LYS 98  98  98  LYS LYS A . n 
A 1 99  TRP 99  99  99  TRP TRP A . n 
A 1 100 THR 100 100 100 THR THR A . n 
A 1 101 PRO 101 101 101 PRO PRO A . n 
A 1 102 GLU 102 102 102 GLU GLU A . n 
A 1 103 VAL 103 103 103 VAL VAL A . n 
A 1 104 LYS 104 104 104 LYS LYS A . n 
A 1 105 HIS 105 105 105 HIS HIS A . n 
A 1 106 PHE 106 106 106 PHE PHE A . n 
A 1 107 CYS 107 107 107 CYS CYS A . n 
A 1 108 PRO 108 108 108 PRO PRO A . n 
A 1 109 ASN 109 109 109 ASN ASN A . n 
A 1 110 VAL 110 110 110 VAL VAL A . n 
A 1 111 PRO 111 111 111 PRO PRO A . n 
A 1 112 ILE 112 112 112 ILE ILE A . n 
A 1 113 ILE 113 113 113 ILE ILE A . n 
A 1 114 LEU 114 114 114 LEU LEU A . n 
A 1 115 VAL 115 115 115 VAL VAL A . n 
A 1 116 GLY 116 116 116 GLY GLY A . n 
A 1 117 ASN 117 117 117 ASN ASN A . n 
A 1 118 LYS 118 118 118 LYS LYS A . n 
A 1 119 LYS 119 119 119 LYS LYS A . n 
A 1 120 ASP 120 120 120 ASP ASP A . n 
A 1 121 LEU 121 121 121 LEU LEU A . n 
A 1 122 ARG 122 122 122 ARG ARG A . n 
A 1 123 ASN 123 123 123 ASN ASN A . n 
A 1 124 ASP 124 124 124 ASP ASP A . n 
A 1 125 GLU 125 125 125 GLU GLU A . n 
A 1 126 HIS 126 126 126 HIS HIS A . n 
A 1 127 THR 127 127 127 THR THR A . n 
A 1 128 ARG 128 128 128 ARG ARG A . n 
A 1 129 ARG 129 129 129 ARG ARG A . n 
A 1 130 GLU 130 130 130 GLU GLU A . n 
A 1 131 LEU 131 131 131 LEU LEU A . n 
A 1 132 ALA 132 132 132 ALA ALA A . n 
A 1 133 LYS 133 133 133 LYS LYS A . n 
A 1 134 MET 134 134 134 MET MET A . n 
A 1 135 LYS 135 135 135 LYS LYS A . n 
A 1 136 GLN 136 136 136 GLN GLN A . n 
A 1 137 GLU 137 137 137 GLU GLU A . n 
A 1 138 PRO 138 138 138 PRO PRO A . n 
A 1 139 VAL 139 139 139 VAL VAL A . n 
A 1 140 LYS 140 140 140 LYS LYS A . n 
A 1 141 PRO 141 141 141 PRO PRO A . n 
A 1 142 GLU 142 142 142 GLU GLU A . n 
A 1 143 GLU 143 143 143 GLU GLU A . n 
A 1 144 GLY 144 144 144 GLY GLY A . n 
A 1 145 ARG 145 145 145 ARG ARG A . n 
A 1 146 ASP 146 146 146 ASP ASP A . n 
A 1 147 MET 147 147 147 MET MET A . n 
A 1 148 ALA 148 148 148 ALA ALA A . n 
A 1 149 ASN 149 149 149 ASN ASN A . n 
A 1 150 ARG 150 150 150 ARG ARG A . n 
A 1 151 ILE 151 151 151 ILE ILE A . n 
A 1 152 GLY 152 152 152 GLY GLY A . n 
A 1 153 ALA 153 153 153 ALA ALA A . n 
A 1 154 PHE 154 154 154 PHE PHE A . n 
A 1 155 GLY 155 155 155 GLY GLY A . n 
A 1 156 TYR 156 156 156 TYR TYR A . n 
A 1 157 MET 157 157 157 MET MET A . n 
A 1 158 GLU 158 158 158 GLU GLU A . n 
A 1 159 THR 159 159 159 THR THR A . n 
A 1 160 SER 160 160 160 SER SER A . n 
A 1 161 ALA 161 161 161 ALA ALA A . n 
A 1 162 LYS 162 162 162 LYS LYS A . n 
A 1 163 THR 163 163 163 THR THR A . n 
A 1 164 LYS 164 164 164 LYS LYS A . n 
A 1 165 ASP 165 165 165 ASP ASP A . n 
A 1 166 GLY 166 166 166 GLY GLY A . n 
A 1 167 VAL 167 167 167 VAL VAL A . n 
A 1 168 ARG 168 168 168 ARG ARG A . n 
A 1 169 GLU 169 169 169 GLU GLU A . n 
A 1 170 VAL 170 170 170 VAL VAL A . n 
A 1 171 PHE 171 171 171 PHE PHE A . n 
A 1 172 GLU 172 172 172 GLU GLU A . n 
A 1 173 MET 173 173 173 MET MET A . n 
A 1 174 ALA 174 174 174 ALA ALA A . n 
A 1 175 THR 175 175 175 THR THR A . n 
A 1 176 ARG 176 176 176 ARG ARG A . n 
A 1 177 ALA 177 177 177 ALA ALA A . n 
A 1 178 ALA 178 178 178 ALA ALA A . n 
A 1 179 LEU 179 179 179 LEU LEU A . n 
A 1 180 GLN 180 180 180 GLN GLN A . n 
A 1 181 ALA 181 181 181 ALA ALA A . n 
# 
_pdbx_entity_instance_feature.ordinal        1 
_pdbx_entity_instance_feature.comp_id        8ZO 
_pdbx_entity_instance_feature.asym_id        ? 
_pdbx_entity_instance_feature.seq_num        ? 
_pdbx_entity_instance_feature.auth_comp_id   8ZO 
_pdbx_entity_instance_feature.auth_asym_id   ? 
_pdbx_entity_instance_feature.auth_seq_num   ? 
_pdbx_entity_instance_feature.feature_type   'SUBJECT OF INVESTIGATION' 
_pdbx_entity_instance_feature.details        ? 
# 
loop_
_pdbx_nonpoly_scheme.asym_id 
_pdbx_nonpoly_scheme.entity_id 
_pdbx_nonpoly_scheme.mon_id 
_pdbx_nonpoly_scheme.ndb_seq_num 
_pdbx_nonpoly_scheme.pdb_seq_num 
_pdbx_nonpoly_scheme.auth_seq_num 
_pdbx_nonpoly_scheme.pdb_mon_id 
_pdbx_nonpoly_scheme.auth_mon_id 
_pdbx_nonpoly_scheme.pdb_strand_id 
_pdbx_nonpoly_scheme.pdb_ins_code 
B 2 GDP 1  201 200 GDP GDP A . 
C 3 8ZO 1  202 999 8ZO UNK A . 
D 4 HOH 1  301 77  HOH HOH A . 
D 4 HOH 2  302 64  HOH HOH A . 
D 4 HOH 3  303 60  HOH HOH A . 
D 4 HOH 4  304 43  HOH HOH A . 
D 4 HOH 5  305 47  HOH HOH A . 
D 4 HOH 6  306 70  HOH HOH A . 
D 4 HOH 7  307 35  HOH HOH A . 
D 4 HOH 8  308 17  HOH HOH A . 
D 4 HOH 9  309 4   HOH HOH A . 
D 4 HOH 10 310 29  HOH HOH A . 
D 4 HOH 11 311 15  HOH HOH A . 
D 4 HOH 12 312 30  HOH HOH A . 
D 4 HOH 13 313 79  HOH HOH A . 
D 4 HOH 14 314 34  HOH HOH A . 
D 4 HOH 15 315 22  HOH HOH A . 
D 4 HOH 16 316 23  HOH HOH A . 
D 4 HOH 17 317 33  HOH HOH A . 
D 4 HOH 18 318 25  HOH HOH A . 
D 4 HOH 19 319 27  HOH HOH A . 
D 4 HOH 20 320 57  HOH HOH A . 
D 4 HOH 21 321 28  HOH HOH A . 
D 4 HOH 22 322 10  HOH HOH A . 
D 4 HOH 23 323 13  HOH HOH A . 
D 4 HOH 24 324 21  HOH HOH A . 
D 4 HOH 25 325 37  HOH HOH A . 
D 4 HOH 26 326 16  HOH HOH A . 
D 4 HOH 27 327 65  HOH HOH A . 
D 4 HOH 28 328 19  HOH HOH A . 
D 4 HOH 29 329 14  HOH HOH A . 
D 4 HOH 30 330 1   HOH HOH A . 
D 4 HOH 31 331 55  HOH HOH A . 
D 4 HOH 32 332 18  HOH HOH A . 
D 4 HOH 33 333 46  HOH HOH A . 
D 4 HOH 34 334 31  HOH HOH A . 
D 4 HOH 35 335 38  HOH HOH A . 
D 4 HOH 36 336 2   HOH HOH A . 
D 4 HOH 37 337 56  HOH HOH A . 
D 4 HOH 38 338 42  HOH HOH A . 
D 4 HOH 39 339 32  HOH HOH A . 
D 4 HOH 40 340 20  HOH HOH A . 
D 4 HOH 41 341 54  HOH HOH A . 
D 4 HOH 42 342 7   HOH HOH A . 
D 4 HOH 43 343 49  HOH HOH A . 
D 4 HOH 44 344 8   HOH HOH A . 
D 4 HOH 45 345 5   HOH HOH A . 
D 4 HOH 46 346 82  HOH HOH A . 
D 4 HOH 47 347 81  HOH HOH A . 
D 4 HOH 48 348 69  HOH HOH A . 
D 4 HOH 49 349 9   HOH HOH A . 
D 4 HOH 50 350 24  HOH HOH A . 
D 4 HOH 51 351 44  HOH HOH A . 
D 4 HOH 52 352 52  HOH HOH A . 
D 4 HOH 53 353 6   HOH HOH A . 
D 4 HOH 54 354 3   HOH HOH A . 
D 4 HOH 55 355 76  HOH HOH A . 
D 4 HOH 56 356 12  HOH HOH A . 
D 4 HOH 57 357 58  HOH HOH A . 
D 4 HOH 58 358 41  HOH HOH A . 
D 4 HOH 59 359 11  HOH HOH A . 
D 4 HOH 60 360 85  HOH HOH A . 
D 4 HOH 61 361 75  HOH HOH A . 
D 4 HOH 62 362 61  HOH HOH A . 
D 4 HOH 63 363 51  HOH HOH A . 
D 4 HOH 64 364 45  HOH HOH A . 
D 4 HOH 65 365 36  HOH HOH A . 
D 4 HOH 66 366 53  HOH HOH A . 
D 4 HOH 67 367 83  HOH HOH A . 
D 4 HOH 68 368 40  HOH HOH A . 
D 4 HOH 69 369 63  HOH HOH A . 
D 4 HOH 70 370 50  HOH HOH A . 
D 4 HOH 71 371 84  HOH HOH A . 
D 4 HOH 72 372 78  HOH HOH A . 
D 4 HOH 73 373 74  HOH HOH A . 
D 4 HOH 74 374 72  HOH HOH A . 
D 4 HOH 75 375 48  HOH HOH A . 
D 4 HOH 76 376 62  HOH HOH A . 
D 4 HOH 77 377 59  HOH HOH A . 
D 4 HOH 78 378 71  HOH HOH A . 
D 4 HOH 79 379 26  HOH HOH A . 
D 4 HOH 80 380 68  HOH HOH A . 
D 4 HOH 81 381 39  HOH HOH A . 
D 4 HOH 82 382 80  HOH HOH A . 
# 
loop_
_software.citation_id 
_software.classification 
_software.compiler_name 
_software.compiler_version 
_software.contact_author 
_software.contact_author_email 
_software.date 
_software.description 
_software.dependencies 
_software.hardware 
_software.language 
_software.location 
_software.mods 
_software.name 
_software.os 
_software.os_version 
_software.type 
_software.version 
_software.pdbx_ordinal 
? 'data scaling'    ? ? ? ? ? ? ? ? ? ? ? XSCALE      ? ? ? .           1 
? refinement        ? ? ? ? ? ? ? ? ? ? ? PHENIX      ? ? ? 1.10.1_2155 2 
? 'data extraction' ? ? ? ? ? ? ? ? ? ? ? PDB_EXTRACT ? ? ? 3.25        3 
? 'data reduction'  ? ? ? ? ? ? ? ? ? ? ? XDS         ? ? ? .           4 
? phasing           ? ? ? ? ? ? ? ? ? ? ? PHASER      ? ? ? .           5 
# 
_cell.angle_alpha                  90.000 
_cell.angle_alpha_esd              ? 
_cell.angle_beta                   90.000 
_cell.angle_beta_esd               ? 
_cell.angle_gamma                  90.000 
_cell.angle_gamma_esd              ? 
_cell.entry_id                     6KX3 
_cell.details                      ? 
_cell.formula_units_Z              ? 
_cell.length_a                     91.784 
_cell.length_a_esd                 ? 
_cell.length_b                     91.784 
_cell.length_b_esd                 ? 
_cell.length_c                     55.813 
_cell.length_c_esd                 ? 
_cell.volume                       ? 
_cell.volume_esd                   ? 
_cell.Z_PDB                        8 
_cell.reciprocal_angle_alpha       ? 
_cell.reciprocal_angle_beta        ? 
_cell.reciprocal_angle_gamma       ? 
_cell.reciprocal_angle_alpha_esd   ? 
_cell.reciprocal_angle_beta_esd    ? 
_cell.reciprocal_angle_gamma_esd   ? 
_cell.reciprocal_length_a          ? 
_cell.reciprocal_length_b          ? 
_cell.reciprocal_length_c          ? 
_cell.reciprocal_length_a_esd      ? 
_cell.reciprocal_length_b_esd      ? 
_cell.reciprocal_length_c_esd      ? 
_cell.pdbx_unique_axis             ? 
# 
_symmetry.entry_id                         6KX3 
_symmetry.cell_setting                     ? 
_symmetry.Int_Tables_number                96 
_symmetry.space_group_name_Hall            ? 
_symmetry.space_group_name_H-M             'P 43 21 2' 
_symmetry.pdbx_full_space_group_name_H-M   ? 
# 
_exptl.absorpt_coefficient_mu     ? 
_exptl.absorpt_correction_T_max   ? 
_exptl.absorpt_correction_T_min   ? 
_exptl.absorpt_correction_type    ? 
_exptl.absorpt_process_details    ? 
_exptl.entry_id                   6KX3 
_exptl.crystals_number            1 
_exptl.details                    ? 
_exptl.method                     'X-RAY DIFFRACTION' 
_exptl.method_details             ? 
# 
_exptl_crystal.colour                      ? 
_exptl_crystal.density_diffrn              ? 
_exptl_crystal.density_Matthews            2.88 
_exptl_crystal.density_method              ? 
_exptl_crystal.density_percent_sol         57.22 
_exptl_crystal.description                 ? 
_exptl_crystal.F_000                       ? 
_exptl_crystal.id                          1 
_exptl_crystal.preparation                 ? 
_exptl_crystal.size_max                    ? 
_exptl_crystal.size_mid                    ? 
_exptl_crystal.size_min                    ? 
_exptl_crystal.size_rad                    ? 
_exptl_crystal.colour_lustre               ? 
_exptl_crystal.colour_modifier             ? 
_exptl_crystal.colour_primary              ? 
_exptl_crystal.density_meas                ? 
_exptl_crystal.density_meas_esd            ? 
_exptl_crystal.density_meas_gt             ? 
_exptl_crystal.density_meas_lt             ? 
_exptl_crystal.density_meas_temp           ? 
_exptl_crystal.density_meas_temp_esd       ? 
_exptl_crystal.density_meas_temp_gt        ? 
_exptl_crystal.density_meas_temp_lt        ? 
_exptl_crystal.pdbx_crystal_image_url      ? 
_exptl_crystal.pdbx_crystal_image_format   ? 
_exptl_crystal.pdbx_mosaicity              ? 
_exptl_crystal.pdbx_mosaicity_esd          ? 
# 
_exptl_crystal_grow.apparatus       ? 
_exptl_crystal_grow.atmosphere      ? 
_exptl_crystal_grow.crystal_id      1 
_exptl_crystal_grow.details         ? 
_exptl_crystal_grow.method          'VAPOR DIFFUSION, SITTING DROP' 
_exptl_crystal_grow.method_ref      ? 
_exptl_crystal_grow.pH              4.5 
_exptl_crystal_grow.pressure        ? 
_exptl_crystal_grow.pressure_esd    ? 
_exptl_crystal_grow.seeding         ? 
_exptl_crystal_grow.seeding_ref     ? 
_exptl_crystal_grow.temp            289 
_exptl_crystal_grow.temp_details    ? 
_exptl_crystal_grow.temp_esd        ? 
_exptl_crystal_grow.time            ? 
_exptl_crystal_grow.pdbx_details    '10 mg/mL mutant, 0.2M NaCl, 0.1M acetate Na (pH 4.5), 1.26M ammonium sulfate' 
_exptl_crystal_grow.pdbx_pH_range   ? 
# 
_diffrn.ambient_environment              ? 
_diffrn.ambient_temp                     100 
_diffrn.ambient_temp_details             ? 
_diffrn.ambient_temp_esd                 ? 
_diffrn.crystal_id                       1 
_diffrn.crystal_support                  ? 
_diffrn.crystal_treatment                ? 
_diffrn.details                          ? 
_diffrn.id                               1 
_diffrn.ambient_pressure                 ? 
_diffrn.ambient_pressure_esd             ? 
_diffrn.ambient_pressure_gt              ? 
_diffrn.ambient_pressure_lt              ? 
_diffrn.ambient_temp_gt                  ? 
_diffrn.ambient_temp_lt                  ? 
_diffrn.pdbx_serial_crystal_experiment   N 
# 
_diffrn_detector.details                      ? 
_diffrn_detector.detector                     PIXEL 
_diffrn_detector.diffrn_id                    1 
_diffrn_detector.type                         'DECTRIS PILATUS3 S 6M' 
_diffrn_detector.area_resol_mean              ? 
_diffrn_detector.dtime                        ? 
_diffrn_detector.pdbx_frames_total            ? 
_diffrn_detector.pdbx_collection_time_total   ? 
_diffrn_detector.pdbx_collection_date         2018-05-03 
_diffrn_detector.pdbx_frequency               ? 
# 
_diffrn_radiation.collimation                      ? 
_diffrn_radiation.diffrn_id                        1 
_diffrn_radiation.filter_edge                      ? 
_diffrn_radiation.inhomogeneity                    ? 
_diffrn_radiation.monochromator                    ? 
_diffrn_radiation.polarisn_norm                    ? 
_diffrn_radiation.polarisn_ratio                   ? 
_diffrn_radiation.probe                            ? 
_diffrn_radiation.type                             ? 
_diffrn_radiation.xray_symbol                      ? 
_diffrn_radiation.wavelength_id                    1 
_diffrn_radiation.pdbx_monochromatic_or_laue_m_l   M 
_diffrn_radiation.pdbx_wavelength_list             ? 
_diffrn_radiation.pdbx_wavelength                  ? 
_diffrn_radiation.pdbx_diffrn_protocol             'SINGLE WAVELENGTH' 
_diffrn_radiation.pdbx_analyzer                    ? 
_diffrn_radiation.pdbx_scattering_type             x-ray 
# 
_diffrn_radiation_wavelength.id           1 
_diffrn_radiation_wavelength.wavelength   0.979 
_diffrn_radiation_wavelength.wt           1.0 
# 
_diffrn_source.current                     ? 
_diffrn_source.details                     ? 
_diffrn_source.diffrn_id                   1 
_diffrn_source.power                       ? 
_diffrn_source.size                        ? 
_diffrn_source.source                      SYNCHROTRON 
_diffrn_source.target                      ? 
_diffrn_source.type                        'SSRF BEAMLINE BL17U1' 
_diffrn_source.voltage                     ? 
_diffrn_source.take-off_angle              ? 
_diffrn_source.pdbx_wavelength_list        0.979 
_diffrn_source.pdbx_wavelength             ? 
_diffrn_source.pdbx_synchrotron_beamline   BL17U1 
_diffrn_source.pdbx_synchrotron_site       SSRF 
# 
_reflns.B_iso_Wilson_estimate            33.880 
_reflns.entry_id                         6KX3 
_reflns.data_reduction_details           ? 
_reflns.data_reduction_method            ? 
_reflns.d_resolution_high                1.981 
_reflns.d_resolution_low                 45.892 
_reflns.details                          ? 
_reflns.limit_h_max                      ? 
_reflns.limit_h_min                      ? 
_reflns.limit_k_max                      ? 
_reflns.limit_k_min                      ? 
_reflns.limit_l_max                      ? 
_reflns.limit_l_min                      ? 
_reflns.number_all                       ? 
_reflns.number_obs                       17117 
_reflns.observed_criterion               ? 
_reflns.observed_criterion_F_max         ? 
_reflns.observed_criterion_F_min         ? 
_reflns.observed_criterion_I_max         ? 
_reflns.observed_criterion_I_min         ? 
_reflns.observed_criterion_sigma_F       ? 
_reflns.observed_criterion_sigma_I       ? 
_reflns.percent_possible_obs             100 
_reflns.R_free_details                   ? 
_reflns.Rmerge_F_all                     ? 
_reflns.Rmerge_F_obs                     ? 
_reflns.Friedel_coverage                 ? 
_reflns.number_gt                        ? 
_reflns.threshold_expression             ? 
_reflns.pdbx_redundancy                  28.6 
_reflns.pdbx_Rmerge_I_obs                0.07104 
_reflns.pdbx_Rmerge_I_all                ? 
_reflns.pdbx_Rsym_value                  ? 
_reflns.pdbx_netI_over_av_sigmaI         ? 
_reflns.pdbx_netI_over_sigmaI            46.17 
_reflns.pdbx_res_netI_over_av_sigmaI_2   ? 
_reflns.pdbx_res_netI_over_sigmaI_2      ? 
_reflns.pdbx_chi_squared                 ? 
_reflns.pdbx_scaling_rejects             ? 
_reflns.pdbx_d_res_high_opt              ? 
_reflns.pdbx_d_res_low_opt               ? 
_reflns.pdbx_d_res_opt_method            ? 
_reflns.phase_calculation_details        ? 
_reflns.pdbx_Rrim_I_all                  ? 
_reflns.pdbx_Rpim_I_all                  ? 
_reflns.pdbx_d_opt                       ? 
_reflns.pdbx_number_measured_all         ? 
_reflns.pdbx_diffrn_id                   1 
_reflns.pdbx_ordinal                     1 
_reflns.pdbx_CC_half                     0.994 
_reflns.pdbx_R_split                     ? 
# 
_reflns_shell.d_res_high                  1.981 
_reflns_shell.d_res_low                   2.052 
_reflns_shell.meanI_over_sigI_all         ? 
_reflns_shell.meanI_over_sigI_obs         ? 
_reflns_shell.number_measured_all         ? 
_reflns_shell.number_measured_obs         ? 
_reflns_shell.number_possible             ? 
_reflns_shell.number_unique_all           ? 
_reflns_shell.number_unique_obs           1670 
_reflns_shell.percent_possible_all        ? 
_reflns_shell.percent_possible_obs        ? 
_reflns_shell.Rmerge_F_all                ? 
_reflns_shell.Rmerge_F_obs                ? 
_reflns_shell.Rmerge_I_all                ? 
_reflns_shell.Rmerge_I_obs                0.6719 
_reflns_shell.meanI_over_sigI_gt          ? 
_reflns_shell.meanI_over_uI_all           ? 
_reflns_shell.meanI_over_uI_gt            ? 
_reflns_shell.number_measured_gt          ? 
_reflns_shell.number_unique_gt            ? 
_reflns_shell.percent_possible_gt         ? 
_reflns_shell.Rmerge_F_gt                 ? 
_reflns_shell.Rmerge_I_gt                 ? 
_reflns_shell.pdbx_redundancy             ? 
_reflns_shell.pdbx_Rsym_value             ? 
_reflns_shell.pdbx_chi_squared            ? 
_reflns_shell.pdbx_netI_over_sigmaI_all   ? 
_reflns_shell.pdbx_netI_over_sigmaI_obs   ? 
_reflns_shell.pdbx_Rrim_I_all             ? 
_reflns_shell.pdbx_Rpim_I_all             ? 
_reflns_shell.pdbx_rejects                ? 
_reflns_shell.pdbx_ordinal                1 
_reflns_shell.pdbx_diffrn_id              1 
_reflns_shell.pdbx_CC_half                0.967 
_reflns_shell.pdbx_R_split                ? 
# 
_refine.aniso_B[1][1]                            ? 
_refine.aniso_B[1][2]                            ? 
_refine.aniso_B[1][3]                            ? 
_refine.aniso_B[2][2]                            ? 
_refine.aniso_B[2][3]                            ? 
_refine.aniso_B[3][3]                            ? 
_refine.B_iso_max                                86.850 
_refine.B_iso_mean                               41.2361 
_refine.B_iso_min                                19.330 
_refine.correlation_coeff_Fo_to_Fc               ? 
_refine.correlation_coeff_Fo_to_Fc_free          ? 
_refine.details                                  ? 
_refine.diff_density_max                         ? 
_refine.diff_density_max_esd                     ? 
_refine.diff_density_min                         ? 
_refine.diff_density_min_esd                     ? 
_refine.diff_density_rms                         ? 
_refine.diff_density_rms_esd                     ? 
_refine.entry_id                                 6KX3 
_refine.pdbx_refine_id                           'X-RAY DIFFRACTION' 
_refine.ls_abs_structure_details                 ? 
_refine.ls_abs_structure_Flack                   ? 
_refine.ls_abs_structure_Flack_esd               ? 
_refine.ls_abs_structure_Rogers                  ? 
_refine.ls_abs_structure_Rogers_esd              ? 
_refine.ls_d_res_high                            1.9810 
_refine.ls_d_res_low                             45.8920 
_refine.ls_extinction_coef                       ? 
_refine.ls_extinction_coef_esd                   ? 
_refine.ls_extinction_expression                 ? 
_refine.ls_extinction_method                     ? 
_refine.ls_goodness_of_fit_all                   ? 
_refine.ls_goodness_of_fit_all_esd               ? 
_refine.ls_goodness_of_fit_obs                   ? 
_refine.ls_goodness_of_fit_obs_esd               ? 
_refine.ls_hydrogen_treatment                    ? 
_refine.ls_matrix_type                           ? 
_refine.ls_number_constraints                    ? 
_refine.ls_number_parameters                     ? 
_refine.ls_number_reflns_all                     ? 
_refine.ls_number_reflns_obs                     17114 
_refine.ls_number_reflns_R_free                  838 
_refine.ls_number_reflns_R_work                  ? 
_refine.ls_number_restraints                     ? 
_refine.ls_percent_reflns_obs                    99.9900 
_refine.ls_percent_reflns_R_free                 4.9000 
_refine.ls_R_factor_all                          ? 
_refine.ls_R_factor_obs                          0.2230 
_refine.ls_R_factor_R_free                       0.2677 
_refine.ls_R_factor_R_free_error                 ? 
_refine.ls_R_factor_R_free_error_details         ? 
_refine.ls_R_factor_R_work                       0.2207 
_refine.ls_R_Fsqd_factor_obs                     ? 
_refine.ls_R_I_factor_obs                        ? 
_refine.ls_redundancy_reflns_all                 ? 
_refine.ls_redundancy_reflns_obs                 ? 
_refine.ls_restrained_S_all                      ? 
_refine.ls_restrained_S_obs                      ? 
_refine.ls_shift_over_esd_max                    ? 
_refine.ls_shift_over_esd_mean                   ? 
_refine.ls_structure_factor_coef                 ? 
_refine.ls_weighting_details                     ? 
_refine.ls_weighting_scheme                      ? 
_refine.ls_wR_factor_all                         ? 
_refine.ls_wR_factor_obs                         ? 
_refine.ls_wR_factor_R_free                      ? 
_refine.ls_wR_factor_R_work                      ? 
_refine.occupancy_max                            ? 
_refine.occupancy_min                            ? 
_refine.solvent_model_details                    ? 
_refine.solvent_model_param_bsol                 ? 
_refine.solvent_model_param_ksol                 ? 
_refine.ls_R_factor_gt                           ? 
_refine.ls_goodness_of_fit_gt                    ? 
_refine.ls_goodness_of_fit_ref                   ? 
_refine.ls_shift_over_su_max                     ? 
_refine.ls_shift_over_su_max_lt                  ? 
_refine.ls_shift_over_su_mean                    ? 
_refine.ls_shift_over_su_mean_lt                 ? 
_refine.pdbx_ls_sigma_I                          ? 
_refine.pdbx_ls_sigma_F                          1.350 
_refine.pdbx_ls_sigma_Fsqd                       ? 
_refine.pdbx_data_cutoff_high_absF               ? 
_refine.pdbx_data_cutoff_high_rms_absF           ? 
_refine.pdbx_data_cutoff_low_absF                ? 
_refine.pdbx_isotropic_thermal_model             ? 
_refine.pdbx_ls_cross_valid_method               THROUGHOUT 
_refine.pdbx_method_to_determine_struct          'MOLECULAR REPLACEMENT' 
_refine.pdbx_starting_model                      1FTN 
_refine.pdbx_stereochemistry_target_values       ? 
_refine.pdbx_R_Free_selection_details            ? 
_refine.pdbx_stereochem_target_val_spec_case     ? 
_refine.pdbx_overall_ESU_R                       ? 
_refine.pdbx_overall_ESU_R_Free                  ? 
_refine.pdbx_solvent_vdw_probe_radii             1.1100 
_refine.pdbx_solvent_ion_probe_radii             ? 
_refine.pdbx_solvent_shrinkage_radii             0.9000 
_refine.pdbx_real_space_R                        ? 
_refine.pdbx_density_correlation                 ? 
_refine.pdbx_pd_number_of_powder_patterns        ? 
_refine.pdbx_pd_number_of_points                 ? 
_refine.pdbx_pd_meas_number_of_points            ? 
_refine.pdbx_pd_proc_ls_prof_R_factor            ? 
_refine.pdbx_pd_proc_ls_prof_wR_factor           ? 
_refine.pdbx_pd_Marquardt_correlation_coeff      ? 
_refine.pdbx_pd_Fsqrd_R_factor                   ? 
_refine.pdbx_pd_ls_matrix_band_width             ? 
_refine.pdbx_overall_phase_error                 27.9200 
_refine.pdbx_overall_SU_R_free_Cruickshank_DPI   ? 
_refine.pdbx_overall_SU_R_free_Blow_DPI          ? 
_refine.pdbx_overall_SU_R_Blow_DPI               ? 
_refine.pdbx_TLS_residual_ADP_flag               ? 
_refine.pdbx_diffrn_id                           1 
_refine.overall_SU_B                             ? 
_refine.overall_SU_ML                            0.2200 
_refine.overall_SU_R_Cruickshank_DPI             ? 
_refine.overall_SU_R_free                        ? 
_refine.overall_FOM_free_R_set                   ? 
_refine.overall_FOM_work_R_set                   ? 
_refine.pdbx_average_fsc_overall                 ? 
_refine.pdbx_average_fsc_work                    ? 
_refine.pdbx_average_fsc_free                    ? 
# 
_refine_hist.pdbx_refine_id                   'X-RAY DIFFRACTION' 
_refine_hist.cycle_id                         final 
_refine_hist.details                          ? 
_refine_hist.d_res_high                       1.9810 
_refine_hist.d_res_low                        45.8920 
_refine_hist.number_atoms_solvent             82 
_refine_hist.number_atoms_total               1477 
_refine_hist.number_reflns_all                ? 
_refine_hist.number_reflns_obs                ? 
_refine_hist.number_reflns_R_free             ? 
_refine_hist.number_reflns_R_work             ? 
_refine_hist.R_factor_all                     ? 
_refine_hist.R_factor_obs                     ? 
_refine_hist.R_factor_R_free                  ? 
_refine_hist.R_factor_R_work                  ? 
_refine_hist.pdbx_number_residues_total       171 
_refine_hist.pdbx_B_iso_mean_ligand           40.23 
_refine_hist.pdbx_B_iso_mean_solvent          45.35 
_refine_hist.pdbx_number_atoms_protein        1350 
_refine_hist.pdbx_number_atoms_nucleic_acid   0 
_refine_hist.pdbx_number_atoms_ligand         45 
_refine_hist.pdbx_number_atoms_lipid          ? 
_refine_hist.pdbx_number_atoms_carb           ? 
_refine_hist.pdbx_pseudo_atom_details         ? 
# 
loop_
_refine_ls_restr.pdbx_refine_id 
_refine_ls_restr.criterion 
_refine_ls_restr.dev_ideal 
_refine_ls_restr.dev_ideal_target 
_refine_ls_restr.number 
_refine_ls_restr.rejects 
_refine_ls_restr.type 
_refine_ls_restr.weight 
_refine_ls_restr.pdbx_restraint_function 
'X-RAY DIFFRACTION' ? 0.008  ? 1424 ? f_bond_d           ? ? 
'X-RAY DIFFRACTION' ? 1.036  ? 1932 ? f_angle_d          ? ? 
'X-RAY DIFFRACTION' ? 0.068  ? 214  ? f_chiral_restr     ? ? 
'X-RAY DIFFRACTION' ? 0.006  ? 245  ? f_plane_restr      ? ? 
'X-RAY DIFFRACTION' ? 18.359 ? 851  ? f_dihedral_angle_d ? ? 
# 
loop_
_refine_ls_shell.pdbx_refine_id 
_refine_ls_shell.d_res_high 
_refine_ls_shell.d_res_low 
_refine_ls_shell.number_reflns_all 
_refine_ls_shell.number_reflns_obs 
_refine_ls_shell.number_reflns_R_free 
_refine_ls_shell.number_reflns_R_work 
_refine_ls_shell.percent_reflns_obs 
_refine_ls_shell.percent_reflns_R_free 
_refine_ls_shell.R_factor_all 
_refine_ls_shell.R_factor_obs 
_refine_ls_shell.R_factor_R_free 
_refine_ls_shell.R_factor_R_free_error 
_refine_ls_shell.R_factor_R_work 
_refine_ls_shell.redundancy_reflns_all 
_refine_ls_shell.redundancy_reflns_obs 
_refine_ls_shell.wR_factor_all 
_refine_ls_shell.wR_factor_obs 
_refine_ls_shell.wR_factor_R_free 
_refine_ls_shell.wR_factor_R_work 
_refine_ls_shell.pdbx_total_number_of_bins_used 
_refine_ls_shell.pdbx_phase_error 
_refine_ls_shell.pdbx_fsc_work 
_refine_ls_shell.pdbx_fsc_free 
'X-RAY DIFFRACTION' 1.9811 2.1053  . . 139 2652 100.0000 . . . 0.2946 0.0000 0.2566 . . . . . . . . . . 
'X-RAY DIFFRACTION' 2.1053 2.2678  . . 130 2660 100.0000 . . . 0.3107 0.0000 0.2501 . . . . . . . . . . 
'X-RAY DIFFRACTION' 2.2678 2.4960  . . 141 2677 100.0000 . . . 0.3132 0.0000 0.2487 . . . . . . . . . . 
'X-RAY DIFFRACTION' 2.4960 2.8571  . . 144 2681 100.0000 . . . 0.3014 0.0000 0.2467 . . . . . . . . . . 
'X-RAY DIFFRACTION' 2.8571 3.5995  . . 141 2731 100.0000 . . . 0.2684 0.0000 0.2295 . . . . . . . . . . 
'X-RAY DIFFRACTION' 3.5995 45.8920 . . 143 2875 100.0000 . . . 0.2355 0.0000 0.1928 . . . . . . . . . . 
# 
_struct.entry_id                     6KX3 
_struct.title                        'Crystal structure of RhoA protein with covalent inhibitor DC-Rhoin' 
_struct.pdbx_model_details           ? 
_struct.pdbx_formula_weight          ? 
_struct.pdbx_formula_weight_method   ? 
_struct.pdbx_model_type_details      ? 
_struct.pdbx_CASP_flag               N 
# 
_struct_keywords.entry_id        6KX3 
_struct_keywords.text            'inhibitor, covalent, complex, CELL INVASION' 
_struct_keywords.pdbx_keywords   'CELL INVASION' 
# 
loop_
_struct_asym.id 
_struct_asym.pdbx_blank_PDB_chainid_flag 
_struct_asym.pdbx_modified 
_struct_asym.entity_id 
_struct_asym.details 
A N N 1 ? 
B N N 2 ? 
C N N 3 ? 
D N N 4 ? 
# 
_struct_ref.id                         1 
_struct_ref.db_name                    UNP 
_struct_ref.db_code                    RHOA_HUMAN 
_struct_ref.pdbx_db_accession          P61586 
_struct_ref.pdbx_db_isoform            ? 
_struct_ref.entity_id                  1 
_struct_ref.pdbx_seq_one_letter_code   
;MAAIRKKLVIVGDGACGKTCLLIVFSKDQFPEVYVPTVFENYVADIEVDGKQVELALWDTAGQEDYDRLRPLSYPDTDVI
LMCFSIDSPDSLENIPEKWTPEVKHFCPNVPIILVGNKKDLRNDEHTRRELAKMKQEPVKPEEGRDMANRIGAFGYMECS
AKTKDGVREVFEMATRAALQA
;
_struct_ref.pdbx_align_begin           1 
# 
_struct_ref_seq.align_id                      1 
_struct_ref_seq.ref_id                        1 
_struct_ref_seq.pdbx_PDB_id_code              6KX3 
_struct_ref_seq.pdbx_strand_id                A 
_struct_ref_seq.seq_align_beg                 1 
_struct_ref_seq.pdbx_seq_align_beg_ins_code   ? 
_struct_ref_seq.seq_align_end                 181 
_struct_ref_seq.pdbx_seq_align_end_ins_code   ? 
_struct_ref_seq.pdbx_db_accession             P61586 
_struct_ref_seq.db_align_beg                  1 
_struct_ref_seq.pdbx_db_align_beg_ins_code    ? 
_struct_ref_seq.db_align_end                  181 
_struct_ref_seq.pdbx_db_align_end_ins_code    ? 
_struct_ref_seq.pdbx_auth_seq_align_beg       1 
_struct_ref_seq.pdbx_auth_seq_align_end       181 
# 
loop_
_struct_ref_seq_dif.align_id 
_struct_ref_seq_dif.pdbx_pdb_id_code 
_struct_ref_seq_dif.mon_id 
_struct_ref_seq_dif.pdbx_pdb_strand_id 
_struct_ref_seq_dif.seq_num 
_struct_ref_seq_dif.pdbx_pdb_ins_code 
_struct_ref_seq_dif.pdbx_seq_db_name 
_struct_ref_seq_dif.pdbx_seq_db_accession_code 
_struct_ref_seq_dif.db_mon_id 
_struct_ref_seq_dif.pdbx_seq_db_seq_num 
_struct_ref_seq_dif.details 
_struct_ref_seq_dif.pdbx_auth_seq_num 
_struct_ref_seq_dif.pdbx_ordinal 
1 6KX3 VAL A 16  ? UNP P61586 CYS 16  'engineered mutation' 16  1 
1 6KX3 SER A 20  ? UNP P61586 CYS 20  'engineered mutation' 20  2 
1 6KX3 VAL A 83  ? UNP P61586 CYS 83  'engineered mutation' 83  3 
1 6KX3 THR A 159 ? UNP P61586 CYS 159 'engineered mutation' 159 4 
# 
_pdbx_struct_assembly.id                   1 
_pdbx_struct_assembly.details              author_and_software_defined_assembly 
_pdbx_struct_assembly.method_details       PISA 
_pdbx_struct_assembly.oligomeric_details   monomeric 
_pdbx_struct_assembly.oligomeric_count     1 
# 
loop_
_pdbx_struct_assembly_prop.biol_id 
_pdbx_struct_assembly_prop.type 
_pdbx_struct_assembly_prop.value 
_pdbx_struct_assembly_prop.details 
1 'ABSA (A^2)' 600  ? 
1 MORE         -5   ? 
1 'SSA (A^2)'  9150 ? 
# 
_pdbx_struct_assembly_gen.assembly_id       1 
_pdbx_struct_assembly_gen.oper_expression   1 
_pdbx_struct_assembly_gen.asym_id_list      A,B,C,D 
# 
_pdbx_struct_assembly_auth_evidence.id                     1 
_pdbx_struct_assembly_auth_evidence.assembly_id            1 
_pdbx_struct_assembly_auth_evidence.experimental_support   none 
_pdbx_struct_assembly_auth_evidence.details                ? 
# 
_pdbx_struct_oper_list.id                   1 
_pdbx_struct_oper_list.type                 'identity operation' 
_pdbx_struct_oper_list.name                 1_555 
_pdbx_struct_oper_list.symmetry_operation   x,y,z 
_pdbx_struct_oper_list.matrix[1][1]         1.0000000000 
_pdbx_struct_oper_list.matrix[1][2]         0.0000000000 
_pdbx_struct_oper_list.matrix[1][3]         0.0000000000 
_pdbx_struct_oper_list.vector[1]            0.0000000000 
_pdbx_struct_oper_list.matrix[2][1]         0.0000000000 
_pdbx_struct_oper_list.matrix[2][2]         1.0000000000 
_pdbx_struct_oper_list.matrix[2][3]         0.0000000000 
_pdbx_struct_oper_list.vector[2]            0.0000000000 
_pdbx_struct_oper_list.matrix[3][1]         0.0000000000 
_pdbx_struct_oper_list.matrix[3][2]         0.0000000000 
_pdbx_struct_oper_list.matrix[3][3]         1.0000000000 
_pdbx_struct_oper_list.vector[3]            0.0000000000 
# 
loop_
_struct_conf.conf_type_id 
_struct_conf.id 
_struct_conf.pdbx_PDB_helix_id 
_struct_conf.beg_label_comp_id 
_struct_conf.beg_label_asym_id 
_struct_conf.beg_label_seq_id 
_struct_conf.pdbx_beg_PDB_ins_code 
_struct_conf.end_label_comp_id 
_struct_conf.end_label_asym_id 
_struct_conf.end_label_seq_id 
_struct_conf.pdbx_end_PDB_ins_code 
_struct_conf.beg_auth_comp_id 
_struct_conf.beg_auth_asym_id 
_struct_conf.beg_auth_seq_id 
_struct_conf.end_auth_comp_id 
_struct_conf.end_auth_asym_id 
_struct_conf.end_auth_seq_id 
_struct_conf.pdbx_PDB_helix_class 
_struct_conf.details 
_struct_conf.pdbx_PDB_helix_length 
HELX_P HELX_P1 AA1 GLY A 17  ? ASP A 28  ? GLY A 17  ASP A 28  1 ? 12 
HELX_P HELX_P2 AA2 SER A 88  ? LYS A 98  ? SER A 88  LYS A 98  1 ? 11 
HELX_P HELX_P3 AA3 LYS A 98  ? CYS A 107 ? LYS A 98  CYS A 107 1 ? 10 
HELX_P HELX_P4 AA4 LYS A 118 ? ARG A 122 ? LYS A 118 ARG A 122 5 ? 5  
HELX_P HELX_P5 AA5 ASP A 124 ? LYS A 133 ? ASP A 124 LYS A 133 1 ? 10 
HELX_P HELX_P6 AA6 LYS A 140 ? GLY A 152 ? LYS A 140 GLY A 152 1 ? 13 
HELX_P HELX_P7 AA7 GLY A 166 ? ALA A 181 ? GLY A 166 ALA A 181 1 ? 16 
# 
_struct_conf_type.id          HELX_P 
_struct_conf_type.criteria    ? 
_struct_conf_type.reference   ? 
# 
_struct_conn.id                            covale1 
_struct_conn.conn_type_id                  covale 
_struct_conn.pdbx_leaving_atom_flag        none 
_struct_conn.pdbx_PDB_id                   ? 
_struct_conn.ptnr1_label_asym_id           A 
_struct_conn.ptnr1_label_comp_id           CYS 
_struct_conn.ptnr1_label_seq_id            107 
_struct_conn.ptnr1_label_atom_id           SG 
_struct_conn.pdbx_ptnr1_label_alt_id       ? 
_struct_conn.pdbx_ptnr1_PDB_ins_code       ? 
_struct_conn.pdbx_ptnr1_standard_comp_id   ? 
_struct_conn.ptnr1_symmetry                1_555 
_struct_conn.ptnr2_label_asym_id           C 
_struct_conn.ptnr2_label_comp_id           8ZO 
_struct_conn.ptnr2_label_seq_id            . 
_struct_conn.ptnr2_label_atom_id           C8 
_struct_conn.pdbx_ptnr2_label_alt_id       ? 
_struct_conn.pdbx_ptnr2_PDB_ins_code       ? 
_struct_conn.ptnr1_auth_asym_id            A 
_struct_conn.ptnr1_auth_comp_id            CYS 
_struct_conn.ptnr1_auth_seq_id             107 
_struct_conn.ptnr2_auth_asym_id            A 
_struct_conn.ptnr2_auth_comp_id            8ZO 
_struct_conn.ptnr2_auth_seq_id             202 
_struct_conn.ptnr2_symmetry                1_555 
_struct_conn.pdbx_ptnr3_label_atom_id      ? 
_struct_conn.pdbx_ptnr3_label_seq_id       ? 
_struct_conn.pdbx_ptnr3_label_comp_id      ? 
_struct_conn.pdbx_ptnr3_label_asym_id      ? 
_struct_conn.pdbx_ptnr3_label_alt_id       ? 
_struct_conn.pdbx_ptnr3_PDB_ins_code       ? 
_struct_conn.details                       ? 
_struct_conn.pdbx_dist_value               1.677 
_struct_conn.pdbx_value_order              ? 
_struct_conn.pdbx_role                     ? 
# 
_struct_conn_type.id          covale 
_struct_conn_type.criteria    ? 
_struct_conn_type.reference   ? 
# 
_pdbx_modification_feature.ordinal                            1 
_pdbx_modification_feature.label_comp_id                      8ZO 
_pdbx_modification_feature.label_asym_id                      C 
_pdbx_modification_feature.label_seq_id                       . 
_pdbx_modification_feature.label_alt_id                       ? 
_pdbx_modification_feature.modified_residue_label_comp_id     CYS 
_pdbx_modification_feature.modified_residue_label_asym_id     A 
_pdbx_modification_feature.modified_residue_label_seq_id      107 
_pdbx_modification_feature.modified_residue_label_alt_id      ? 
_pdbx_modification_feature.auth_comp_id                       8ZO 
_pdbx_modification_feature.auth_asym_id                       A 
_pdbx_modification_feature.auth_seq_id                        202 
_pdbx_modification_feature.PDB_ins_code                       ? 
_pdbx_modification_feature.symmetry                           1_555 
_pdbx_modification_feature.modified_residue_auth_comp_id      CYS 
_pdbx_modification_feature.modified_residue_auth_asym_id      A 
_pdbx_modification_feature.modified_residue_auth_seq_id       107 
_pdbx_modification_feature.modified_residue_PDB_ins_code      ? 
_pdbx_modification_feature.modified_residue_symmetry          1_555 
_pdbx_modification_feature.comp_id_linking_atom               C8 
_pdbx_modification_feature.modified_residue_id_linking_atom   SG 
_pdbx_modification_feature.modified_residue_id                CYS 
_pdbx_modification_feature.ref_pcm_id                         1 
_pdbx_modification_feature.ref_comp_id                        8ZO 
_pdbx_modification_feature.type                               None 
_pdbx_modification_feature.category                           'Covalent chemical modification' 
# 
_struct_mon_prot_cis.pdbx_id                1 
_struct_mon_prot_cis.label_comp_id          PHE 
_struct_mon_prot_cis.label_seq_id           30 
_struct_mon_prot_cis.label_asym_id          A 
_struct_mon_prot_cis.label_alt_id           . 
_struct_mon_prot_cis.pdbx_PDB_ins_code      ? 
_struct_mon_prot_cis.auth_comp_id           PHE 
_struct_mon_prot_cis.auth_seq_id            30 
_struct_mon_prot_cis.auth_asym_id           A 
_struct_mon_prot_cis.pdbx_label_comp_id_2   PRO 
_struct_mon_prot_cis.pdbx_label_seq_id_2    31 
_struct_mon_prot_cis.pdbx_label_asym_id_2   A 
_struct_mon_prot_cis.pdbx_PDB_ins_code_2    ? 
_struct_mon_prot_cis.pdbx_auth_comp_id_2    PRO 
_struct_mon_prot_cis.pdbx_auth_seq_id_2     31 
_struct_mon_prot_cis.pdbx_auth_asym_id_2    A 
_struct_mon_prot_cis.pdbx_PDB_model_num     1 
_struct_mon_prot_cis.pdbx_omega_angle       -0.65 
# 
_struct_sheet.id               AA1 
_struct_sheet.type             ? 
_struct_sheet.number_strands   6 
_struct_sheet.details          ? 
# 
loop_
_struct_sheet_order.sheet_id 
_struct_sheet_order.range_id_1 
_struct_sheet_order.range_id_2 
_struct_sheet_order.offset 
_struct_sheet_order.sense 
AA1 1 2 ? anti-parallel 
AA1 2 3 ? parallel      
AA1 3 4 ? parallel      
AA1 4 5 ? parallel      
AA1 5 6 ? parallel      
# 
loop_
_struct_sheet_range.sheet_id 
_struct_sheet_range.id 
_struct_sheet_range.beg_label_comp_id 
_struct_sheet_range.beg_label_asym_id 
_struct_sheet_range.beg_label_seq_id 
_struct_sheet_range.pdbx_beg_PDB_ins_code 
_struct_sheet_range.end_label_comp_id 
_struct_sheet_range.end_label_asym_id 
_struct_sheet_range.end_label_seq_id 
_struct_sheet_range.pdbx_end_PDB_ins_code 
_struct_sheet_range.beg_auth_comp_id 
_struct_sheet_range.beg_auth_asym_id 
_struct_sheet_range.beg_auth_seq_id 
_struct_sheet_range.end_auth_comp_id 
_struct_sheet_range.end_auth_asym_id 
_struct_sheet_range.end_auth_seq_id 
AA1 1 GLU A 40  ? VAL A 48  ? GLU A 40  VAL A 48  
AA1 2 LYS A 51  ? ASP A 59  ? LYS A 51  ASP A 59  
AA1 3 ARG A 5   ? GLY A 12  ? ARG A 5   GLY A 12  
AA1 4 VAL A 79  ? SER A 85  ? VAL A 79  SER A 85  
AA1 5 ILE A 112 ? ASN A 117 ? ILE A 112 ASN A 117 
AA1 6 GLY A 155 ? GLU A 158 ? GLY A 155 GLU A 158 
# 
loop_
_pdbx_struct_sheet_hbond.sheet_id 
_pdbx_struct_sheet_hbond.range_id_1 
_pdbx_struct_sheet_hbond.range_id_2 
_pdbx_struct_sheet_hbond.range_1_label_atom_id 
_pdbx_struct_sheet_hbond.range_1_label_comp_id 
_pdbx_struct_sheet_hbond.range_1_label_asym_id 
_pdbx_struct_sheet_hbond.range_1_label_seq_id 
_pdbx_struct_sheet_hbond.range_1_PDB_ins_code 
_pdbx_struct_sheet_hbond.range_1_auth_atom_id 
_pdbx_struct_sheet_hbond.range_1_auth_comp_id 
_pdbx_struct_sheet_hbond.range_1_auth_asym_id 
_pdbx_struct_sheet_hbond.range_1_auth_seq_id 
_pdbx_struct_sheet_hbond.range_2_label_atom_id 
_pdbx_struct_sheet_hbond.range_2_label_comp_id 
_pdbx_struct_sheet_hbond.range_2_label_asym_id 
_pdbx_struct_sheet_hbond.range_2_label_seq_id 
_pdbx_struct_sheet_hbond.range_2_PDB_ins_code 
_pdbx_struct_sheet_hbond.range_2_auth_atom_id 
_pdbx_struct_sheet_hbond.range_2_auth_comp_id 
_pdbx_struct_sheet_hbond.range_2_auth_asym_id 
_pdbx_struct_sheet_hbond.range_2_auth_seq_id 
AA1 1 2 N ILE A 46  ? N ILE A 46  O VAL A 53  ? O VAL A 53  
AA1 2 3 O ALA A 56  ? O ALA A 56  N LYS A 6   ? N LYS A 6   
AA1 3 4 N VAL A 11  ? N VAL A 11  O VAL A 83  ? O VAL A 83  
AA1 4 5 N ILE A 80  ? N ILE A 80  O ILE A 113 ? O ILE A 113 
AA1 5 6 N GLY A 116 ? N GLY A 116 O MET A 157 ? O MET A 157 
# 
loop_
_struct_site.id 
_struct_site.pdbx_evidence_code 
_struct_site.pdbx_auth_asym_id 
_struct_site.pdbx_auth_comp_id 
_struct_site.pdbx_auth_seq_id 
_struct_site.pdbx_auth_ins_code 
_struct_site.pdbx_num_residues 
_struct_site.details 
AC1 Software A GDP 201 ? 16 'binding site for residue GDP A 201' 
AC2 Software A 8ZO 202 ? 7  'binding site for residue 8ZO A 202' 
# 
loop_
_struct_site_gen.id 
_struct_site_gen.site_id 
_struct_site_gen.pdbx_num_res 
_struct_site_gen.label_comp_id 
_struct_site_gen.label_asym_id 
_struct_site_gen.label_seq_id 
_struct_site_gen.pdbx_auth_ins_code 
_struct_site_gen.auth_comp_id 
_struct_site_gen.auth_asym_id 
_struct_site_gen.auth_seq_id 
_struct_site_gen.label_atom_id 
_struct_site_gen.label_alt_id 
_struct_site_gen.symmetry 
_struct_site_gen.details 
1  AC1 16 ALA A 15  ? ALA A 15  . ? 1_555 ? 
2  AC1 16 VAL A 16  ? VAL A 16  . ? 1_555 ? 
3  AC1 16 GLY A 17  ? GLY A 17  . ? 1_555 ? 
4  AC1 16 LYS A 18  ? LYS A 18  . ? 1_555 ? 
5  AC1 16 THR A 19  ? THR A 19  . ? 1_555 ? 
6  AC1 16 SER A 20  ? SER A 20  . ? 1_555 ? 
7  AC1 16 ASN A 117 ? ASN A 117 . ? 1_555 ? 
8  AC1 16 LYS A 118 ? LYS A 118 . ? 1_555 ? 
9  AC1 16 ASP A 120 ? ASP A 120 . ? 1_555 ? 
10 AC1 16 LEU A 121 ? LEU A 121 . ? 1_555 ? 
11 AC1 16 SER A 160 ? SER A 160 . ? 1_555 ? 
12 AC1 16 ALA A 161 ? ALA A 161 . ? 1_555 ? 
13 AC1 16 LYS A 162 ? LYS A 162 . ? 1_555 ? 
14 AC1 16 HOH D .   ? HOH A 315 . ? 1_555 ? 
15 AC1 16 HOH D .   ? HOH A 325 . ? 1_555 ? 
16 AC1 16 HOH D .   ? HOH A 331 . ? 1_555 ? 
17 AC2 7  LYS A 7   ? LYS A 7   . ? 1_555 ? 
18 AC2 7  THR A 77  ? THR A 77  . ? 1_555 ? 
19 AC2 7  ILE A 80  ? ILE A 80  . ? 1_555 ? 
20 AC2 7  GLU A 102 ? GLU A 102 . ? 1_555 ? 
21 AC2 7  VAL A 103 ? VAL A 103 . ? 1_555 ? 
22 AC2 7  PHE A 106 ? PHE A 106 . ? 1_555 ? 
23 AC2 7  CYS A 107 ? CYS A 107 . ? 1_555 ? 
# 
_pdbx_entry_details.entry_id                   6KX3 
_pdbx_entry_details.has_ligand_of_interest     Y 
_pdbx_entry_details.compound_details           ? 
_pdbx_entry_details.source_details             ? 
_pdbx_entry_details.nonpolymer_details         ? 
_pdbx_entry_details.sequence_details           ? 
_pdbx_entry_details.has_protein_modification   Y 
# 
_pdbx_validate_close_contact.id               1 
_pdbx_validate_close_contact.PDB_model_num    1 
_pdbx_validate_close_contact.auth_atom_id_1   OE2 
_pdbx_validate_close_contact.auth_asym_id_1   A 
_pdbx_validate_close_contact.auth_comp_id_1   GLU 
_pdbx_validate_close_contact.auth_seq_id_1    97 
_pdbx_validate_close_contact.PDB_ins_code_1   ? 
_pdbx_validate_close_contact.label_alt_id_1   ? 
_pdbx_validate_close_contact.auth_atom_id_2   O 
_pdbx_validate_close_contact.auth_asym_id_2   A 
_pdbx_validate_close_contact.auth_comp_id_2   HOH 
_pdbx_validate_close_contact.auth_seq_id_2    301 
_pdbx_validate_close_contact.PDB_ins_code_2   ? 
_pdbx_validate_close_contact.label_alt_id_2   ? 
_pdbx_validate_close_contact.dist             2.19 
# 
loop_
_pdbx_validate_torsion.id 
_pdbx_validate_torsion.PDB_model_num 
_pdbx_validate_torsion.auth_comp_id 
_pdbx_validate_torsion.auth_asym_id 
_pdbx_validate_torsion.auth_seq_id 
_pdbx_validate_torsion.PDB_ins_code 
_pdbx_validate_torsion.label_alt_id 
_pdbx_validate_torsion.phi 
_pdbx_validate_torsion.psi 
1 1 ASP A 49 ? ? 53.49   -115.50 
2 1 LYS A 98 ? ? -126.59 -56.84  
# 
loop_
_pdbx_unobs_or_zero_occ_residues.id 
_pdbx_unobs_or_zero_occ_residues.PDB_model_num 
_pdbx_unobs_or_zero_occ_residues.polymer_flag 
_pdbx_unobs_or_zero_occ_residues.occupancy_flag 
_pdbx_unobs_or_zero_occ_residues.auth_asym_id 
_pdbx_unobs_or_zero_occ_residues.auth_comp_id 
_pdbx_unobs_or_zero_occ_residues.auth_seq_id 
_pdbx_unobs_or_zero_occ_residues.PDB_ins_code 
_pdbx_unobs_or_zero_occ_residues.label_asym_id 
_pdbx_unobs_or_zero_occ_residues.label_comp_id 
_pdbx_unobs_or_zero_occ_residues.label_seq_id 
1  1 Y 1 A MET 1  ? A MET 1  
2  1 Y 1 A ALA 2  ? A ALA 2  
3  1 Y 1 A ASP 67 ? A ASP 67 
4  1 Y 1 A ARG 68 ? A ARG 68 
5  1 Y 1 A LEU 69 ? A LEU 69 
6  1 Y 1 A ARG 70 ? A ARG 70 
7  1 Y 1 A PRO 71 ? A PRO 71 
8  1 Y 1 A LEU 72 ? A LEU 72 
9  1 Y 1 A SER 73 ? A SER 73 
10 1 Y 1 A TYR 74 ? A TYR 74 
# 
loop_
_chem_comp_atom.comp_id 
_chem_comp_atom.atom_id 
_chem_comp_atom.type_symbol 
_chem_comp_atom.pdbx_aromatic_flag 
_chem_comp_atom.pdbx_stereo_config 
_chem_comp_atom.pdbx_ordinal 
8ZO C1     C Y N 1   
8ZO C2     C Y N 2   
8ZO C3     C Y N 3   
8ZO C4     C Y N 4   
8ZO C5     C Y N 5   
8ZO C6     C Y N 6   
8ZO C7     C N R 7   
8ZO C8     C N N 8   
8ZO S9     S N N 9   
8ZO C10    C N N 10  
8ZO O11    O N N 11  
8ZO O12    O N N 12  
8ZO C13    C N N 13  
8ZO C14    C N N 14  
8ZO C15    C N N 15  
8ZO O16    O N N 16  
8ZO O17    O N N 17  
8ZO H1     H N N 18  
8ZO H2     H N N 19  
8ZO H3     H N N 20  
8ZO H4     H N N 21  
8ZO H5     H N N 22  
8ZO H6     H N N 23  
8ZO H7     H N N 24  
8ZO H8     H N N 25  
8ZO H9     H N N 26  
8ZO H10    H N N 27  
8ZO H12    H N N 28  
8ZO H13    H N N 29  
ALA N      N N N 30  
ALA CA     C N S 31  
ALA C      C N N 32  
ALA O      O N N 33  
ALA CB     C N N 34  
ALA OXT    O N N 35  
ALA H      H N N 36  
ALA H2     H N N 37  
ALA HA     H N N 38  
ALA HB1    H N N 39  
ALA HB2    H N N 40  
ALA HB3    H N N 41  
ALA HXT    H N N 42  
ARG N      N N N 43  
ARG CA     C N S 44  
ARG C      C N N 45  
ARG O      O N N 46  
ARG CB     C N N 47  
ARG CG     C N N 48  
ARG CD     C N N 49  
ARG NE     N N N 50  
ARG CZ     C N N 51  
ARG NH1    N N N 52  
ARG NH2    N N N 53  
ARG OXT    O N N 54  
ARG H      H N N 55  
ARG H2     H N N 56  
ARG HA     H N N 57  
ARG HB2    H N N 58  
ARG HB3    H N N 59  
ARG HG2    H N N 60  
ARG HG3    H N N 61  
ARG HD2    H N N 62  
ARG HD3    H N N 63  
ARG HE     H N N 64  
ARG HH11   H N N 65  
ARG HH12   H N N 66  
ARG HH21   H N N 67  
ARG HH22   H N N 68  
ARG HXT    H N N 69  
ASN N      N N N 70  
ASN CA     C N S 71  
ASN C      C N N 72  
ASN O      O N N 73  
ASN CB     C N N 74  
ASN CG     C N N 75  
ASN OD1    O N N 76  
ASN ND2    N N N 77  
ASN OXT    O N N 78  
ASN H      H N N 79  
ASN H2     H N N 80  
ASN HA     H N N 81  
ASN HB2    H N N 82  
ASN HB3    H N N 83  
ASN HD21   H N N 84  
ASN HD22   H N N 85  
ASN HXT    H N N 86  
ASP N      N N N 87  
ASP CA     C N S 88  
ASP C      C N N 89  
ASP O      O N N 90  
ASP CB     C N N 91  
ASP CG     C N N 92  
ASP OD1    O N N 93  
ASP OD2    O N N 94  
ASP OXT    O N N 95  
ASP H      H N N 96  
ASP H2     H N N 97  
ASP HA     H N N 98  
ASP HB2    H N N 99  
ASP HB3    H N N 100 
ASP HD2    H N N 101 
ASP HXT    H N N 102 
CYS N      N N N 103 
CYS CA     C N R 104 
CYS C      C N N 105 
CYS O      O N N 106 
CYS CB     C N N 107 
CYS SG     S N N 108 
CYS OXT    O N N 109 
CYS H      H N N 110 
CYS H2     H N N 111 
CYS HA     H N N 112 
CYS HB2    H N N 113 
CYS HB3    H N N 114 
CYS HG     H N N 115 
CYS HXT    H N N 116 
GDP PB     P N N 117 
GDP O1B    O N N 118 
GDP O2B    O N N 119 
GDP O3B    O N N 120 
GDP O3A    O N N 121 
GDP PA     P N N 122 
GDP O1A    O N N 123 
GDP O2A    O N N 124 
GDP "O5'"  O N N 125 
GDP "C5'"  C N N 126 
GDP "C4'"  C N R 127 
GDP "O4'"  O N N 128 
GDP "C3'"  C N S 129 
GDP "O3'"  O N N 130 
GDP "C2'"  C N R 131 
GDP "O2'"  O N N 132 
GDP "C1'"  C N R 133 
GDP N9     N Y N 134 
GDP C8     C Y N 135 
GDP N7     N Y N 136 
GDP C5     C Y N 137 
GDP C6     C N N 138 
GDP O6     O N N 139 
GDP N1     N N N 140 
GDP C2     C N N 141 
GDP N2     N N N 142 
GDP N3     N N N 143 
GDP C4     C Y N 144 
GDP HOB2   H N N 145 
GDP HOB3   H N N 146 
GDP HOA2   H N N 147 
GDP "H5'"  H N N 148 
GDP "H5''" H N N 149 
GDP "H4'"  H N N 150 
GDP "H3'"  H N N 151 
GDP "HO3'" H N N 152 
GDP "H2'"  H N N 153 
GDP "HO2'" H N N 154 
GDP "H1'"  H N N 155 
GDP H8     H N N 156 
GDP HN1    H N N 157 
GDP HN21   H N N 158 
GDP HN22   H N N 159 
GLN N      N N N 160 
GLN CA     C N S 161 
GLN C      C N N 162 
GLN O      O N N 163 
GLN CB     C N N 164 
GLN CG     C N N 165 
GLN CD     C N N 166 
GLN OE1    O N N 167 
GLN NE2    N N N 168 
GLN OXT    O N N 169 
GLN H      H N N 170 
GLN H2     H N N 171 
GLN HA     H N N 172 
GLN HB2    H N N 173 
GLN HB3    H N N 174 
GLN HG2    H N N 175 
GLN HG3    H N N 176 
GLN HE21   H N N 177 
GLN HE22   H N N 178 
GLN HXT    H N N 179 
GLU N      N N N 180 
GLU CA     C N S 181 
GLU C      C N N 182 
GLU O      O N N 183 
GLU CB     C N N 184 
GLU CG     C N N 185 
GLU CD     C N N 186 
GLU OE1    O N N 187 
GLU OE2    O N N 188 
GLU OXT    O N N 189 
GLU H      H N N 190 
GLU H2     H N N 191 
GLU HA     H N N 192 
GLU HB2    H N N 193 
GLU HB3    H N N 194 
GLU HG2    H N N 195 
GLU HG3    H N N 196 
GLU HE2    H N N 197 
GLU HXT    H N N 198 
GLY N      N N N 199 
GLY CA     C N N 200 
GLY C      C N N 201 
GLY O      O N N 202 
GLY OXT    O N N 203 
GLY H      H N N 204 
GLY H2     H N N 205 
GLY HA2    H N N 206 
GLY HA3    H N N 207 
GLY HXT    H N N 208 
HIS N      N N N 209 
HIS CA     C N S 210 
HIS C      C N N 211 
HIS O      O N N 212 
HIS CB     C N N 213 
HIS CG     C Y N 214 
HIS ND1    N Y N 215 
HIS CD2    C Y N 216 
HIS CE1    C Y N 217 
HIS NE2    N Y N 218 
HIS OXT    O N N 219 
HIS H      H N N 220 
HIS H2     H N N 221 
HIS HA     H N N 222 
HIS HB2    H N N 223 
HIS HB3    H N N 224 
HIS HD1    H N N 225 
HIS HD2    H N N 226 
HIS HE1    H N N 227 
HIS HE2    H N N 228 
HIS HXT    H N N 229 
HOH O      O N N 230 
HOH H1     H N N 231 
HOH H2     H N N 232 
ILE N      N N N 233 
ILE CA     C N S 234 
ILE C      C N N 235 
ILE O      O N N 236 
ILE CB     C N S 237 
ILE CG1    C N N 238 
ILE CG2    C N N 239 
ILE CD1    C N N 240 
ILE OXT    O N N 241 
ILE H      H N N 242 
ILE H2     H N N 243 
ILE HA     H N N 244 
ILE HB     H N N 245 
ILE HG12   H N N 246 
ILE HG13   H N N 247 
ILE HG21   H N N 248 
ILE HG22   H N N 249 
ILE HG23   H N N 250 
ILE HD11   H N N 251 
ILE HD12   H N N 252 
ILE HD13   H N N 253 
ILE HXT    H N N 254 
LEU N      N N N 255 
LEU CA     C N S 256 
LEU C      C N N 257 
LEU O      O N N 258 
LEU CB     C N N 259 
LEU CG     C N N 260 
LEU CD1    C N N 261 
LEU CD2    C N N 262 
LEU OXT    O N N 263 
LEU H      H N N 264 
LEU H2     H N N 265 
LEU HA     H N N 266 
LEU HB2    H N N 267 
LEU HB3    H N N 268 
LEU HG     H N N 269 
LEU HD11   H N N 270 
LEU HD12   H N N 271 
LEU HD13   H N N 272 
LEU HD21   H N N 273 
LEU HD22   H N N 274 
LEU HD23   H N N 275 
LEU HXT    H N N 276 
LYS N      N N N 277 
LYS CA     C N S 278 
LYS C      C N N 279 
LYS O      O N N 280 
LYS CB     C N N 281 
LYS CG     C N N 282 
LYS CD     C N N 283 
LYS CE     C N N 284 
LYS NZ     N N N 285 
LYS OXT    O N N 286 
LYS H      H N N 287 
LYS H2     H N N 288 
LYS HA     H N N 289 
LYS HB2    H N N 290 
LYS HB3    H N N 291 
LYS HG2    H N N 292 
LYS HG3    H N N 293 
LYS HD2    H N N 294 
LYS HD3    H N N 295 
LYS HE2    H N N 296 
LYS HE3    H N N 297 
LYS HZ1    H N N 298 
LYS HZ2    H N N 299 
LYS HZ3    H N N 300 
LYS HXT    H N N 301 
MET N      N N N 302 
MET CA     C N S 303 
MET C      C N N 304 
MET O      O N N 305 
MET CB     C N N 306 
MET CG     C N N 307 
MET SD     S N N 308 
MET CE     C N N 309 
MET OXT    O N N 310 
MET H      H N N 311 
MET H2     H N N 312 
MET HA     H N N 313 
MET HB2    H N N 314 
MET HB3    H N N 315 
MET HG2    H N N 316 
MET HG3    H N N 317 
MET HE1    H N N 318 
MET HE2    H N N 319 
MET HE3    H N N 320 
MET HXT    H N N 321 
PHE N      N N N 322 
PHE CA     C N S 323 
PHE C      C N N 324 
PHE O      O N N 325 
PHE CB     C N N 326 
PHE CG     C Y N 327 
PHE CD1    C Y N 328 
PHE CD2    C Y N 329 
PHE CE1    C Y N 330 
PHE CE2    C Y N 331 
PHE CZ     C Y N 332 
PHE OXT    O N N 333 
PHE H      H N N 334 
PHE H2     H N N 335 
PHE HA     H N N 336 
PHE HB2    H N N 337 
PHE HB3    H N N 338 
PHE HD1    H N N 339 
PHE HD2    H N N 340 
PHE HE1    H N N 341 
PHE HE2    H N N 342 
PHE HZ     H N N 343 
PHE HXT    H N N 344 
PRO N      N N N 345 
PRO CA     C N S 346 
PRO C      C N N 347 
PRO O      O N N 348 
PRO CB     C N N 349 
PRO CG     C N N 350 
PRO CD     C N N 351 
PRO OXT    O N N 352 
PRO H      H N N 353 
PRO HA     H N N 354 
PRO HB2    H N N 355 
PRO HB3    H N N 356 
PRO HG2    H N N 357 
PRO HG3    H N N 358 
PRO HD2    H N N 359 
PRO HD3    H N N 360 
PRO HXT    H N N 361 
SER N      N N N 362 
SER CA     C N S 363 
SER C      C N N 364 
SER O      O N N 365 
SER CB     C N N 366 
SER OG     O N N 367 
SER OXT    O N N 368 
SER H      H N N 369 
SER H2     H N N 370 
SER HA     H N N 371 
SER HB2    H N N 372 
SER HB3    H N N 373 
SER HG     H N N 374 
SER HXT    H N N 375 
THR N      N N N 376 
THR CA     C N S 377 
THR C      C N N 378 
THR O      O N N 379 
THR CB     C N R 380 
THR OG1    O N N 381 
THR CG2    C N N 382 
THR OXT    O N N 383 
THR H      H N N 384 
THR H2     H N N 385 
THR HA     H N N 386 
THR HB     H N N 387 
THR HG1    H N N 388 
THR HG21   H N N 389 
THR HG22   H N N 390 
THR HG23   H N N 391 
THR HXT    H N N 392 
TRP N      N N N 393 
TRP CA     C N S 394 
TRP C      C N N 395 
TRP O      O N N 396 
TRP CB     C N N 397 
TRP CG     C Y N 398 
TRP CD1    C Y N 399 
TRP CD2    C Y N 400 
TRP NE1    N Y N 401 
TRP CE2    C Y N 402 
TRP CE3    C Y N 403 
TRP CZ2    C Y N 404 
TRP CZ3    C Y N 405 
TRP CH2    C Y N 406 
TRP OXT    O N N 407 
TRP H      H N N 408 
TRP H2     H N N 409 
TRP HA     H N N 410 
TRP HB2    H N N 411 
TRP HB3    H N N 412 
TRP HD1    H N N 413 
TRP HE1    H N N 414 
TRP HE3    H N N 415 
TRP HZ2    H N N 416 
TRP HZ3    H N N 417 
TRP HH2    H N N 418 
TRP HXT    H N N 419 
TYR N      N N N 420 
TYR CA     C N S 421 
TYR C      C N N 422 
TYR O      O N N 423 
TYR CB     C N N 424 
TYR CG     C Y N 425 
TYR CD1    C Y N 426 
TYR CD2    C Y N 427 
TYR CE1    C Y N 428 
TYR CE2    C Y N 429 
TYR CZ     C Y N 430 
TYR OH     O N N 431 
TYR OXT    O N N 432 
TYR H      H N N 433 
TYR H2     H N N 434 
TYR HA     H N N 435 
TYR HB2    H N N 436 
TYR HB3    H N N 437 
TYR HD1    H N N 438 
TYR HD2    H N N 439 
TYR HE1    H N N 440 
TYR HE2    H N N 441 
TYR HH     H N N 442 
TYR HXT    H N N 443 
VAL N      N N N 444 
VAL CA     C N S 445 
VAL C      C N N 446 
VAL O      O N N 447 
VAL CB     C N N 448 
VAL CG1    C N N 449 
VAL CG2    C N N 450 
VAL OXT    O N N 451 
VAL H      H N N 452 
VAL H2     H N N 453 
VAL HA     H N N 454 
VAL HB     H N N 455 
VAL HG11   H N N 456 
VAL HG12   H N N 457 
VAL HG13   H N N 458 
VAL HG21   H N N 459 
VAL HG22   H N N 460 
VAL HG23   H N N 461 
VAL HXT    H N N 462 
# 
loop_
_chem_comp_bond.comp_id 
_chem_comp_bond.atom_id_1 
_chem_comp_bond.atom_id_2 
_chem_comp_bond.value_order 
_chem_comp_bond.pdbx_aromatic_flag 
_chem_comp_bond.pdbx_stereo_config 
_chem_comp_bond.pdbx_ordinal 
8ZO O16   S9     doub N N 1   
8ZO C4    C5     doub Y N 2   
8ZO C4    C3     sing Y N 3   
8ZO S9    C5     sing N N 4   
8ZO S9    O17    doub N N 5   
8ZO S9    C8     sing N N 6   
8ZO C5    C6     sing Y N 7   
8ZO C3    C2     doub Y N 8   
8ZO C2    C1     sing Y N 9   
8ZO C6    C1     doub Y N 10  
8ZO C6    C7     sing N N 11  
8ZO C8    C7     sing N N 12  
8ZO C7    C10    sing N N 13  
8ZO C13   C14    sing N N 14  
8ZO C13   O12    sing N N 15  
8ZO C15   C14    doub N N 16  
8ZO C10   O12    sing N N 17  
8ZO C10   O11    doub N N 18  
8ZO C1    H1     sing N N 19  
8ZO C2    H2     sing N N 20  
8ZO C3    H3     sing N N 21  
8ZO C4    H4     sing N N 22  
8ZO C7    H5     sing N N 23  
8ZO C8    H6     sing N N 24  
8ZO C8    H7     sing N N 25  
8ZO C13   H8     sing N N 26  
8ZO C13   H9     sing N N 27  
8ZO C14   H10    sing N N 28  
8ZO C15   H12    sing N N 29  
8ZO C15   H13    sing N N 30  
ALA N     CA     sing N N 31  
ALA N     H      sing N N 32  
ALA N     H2     sing N N 33  
ALA CA    C      sing N N 34  
ALA CA    CB     sing N N 35  
ALA CA    HA     sing N N 36  
ALA C     O      doub N N 37  
ALA C     OXT    sing N N 38  
ALA CB    HB1    sing N N 39  
ALA CB    HB2    sing N N 40  
ALA CB    HB3    sing N N 41  
ALA OXT   HXT    sing N N 42  
ARG N     CA     sing N N 43  
ARG N     H      sing N N 44  
ARG N     H2     sing N N 45  
ARG CA    C      sing N N 46  
ARG CA    CB     sing N N 47  
ARG CA    HA     sing N N 48  
ARG C     O      doub N N 49  
ARG C     OXT    sing N N 50  
ARG CB    CG     sing N N 51  
ARG CB    HB2    sing N N 52  
ARG CB    HB3    sing N N 53  
ARG CG    CD     sing N N 54  
ARG CG    HG2    sing N N 55  
ARG CG    HG3    sing N N 56  
ARG CD    NE     sing N N 57  
ARG CD    HD2    sing N N 58  
ARG CD    HD3    sing N N 59  
ARG NE    CZ     sing N N 60  
ARG NE    HE     sing N N 61  
ARG CZ    NH1    sing N N 62  
ARG CZ    NH2    doub N N 63  
ARG NH1   HH11   sing N N 64  
ARG NH1   HH12   sing N N 65  
ARG NH2   HH21   sing N N 66  
ARG NH2   HH22   sing N N 67  
ARG OXT   HXT    sing N N 68  
ASN N     CA     sing N N 69  
ASN N     H      sing N N 70  
ASN N     H2     sing N N 71  
ASN CA    C      sing N N 72  
ASN CA    CB     sing N N 73  
ASN CA    HA     sing N N 74  
ASN C     O      doub N N 75  
ASN C     OXT    sing N N 76  
ASN CB    CG     sing N N 77  
ASN CB    HB2    sing N N 78  
ASN CB    HB3    sing N N 79  
ASN CG    OD1    doub N N 80  
ASN CG    ND2    sing N N 81  
ASN ND2   HD21   sing N N 82  
ASN ND2   HD22   sing N N 83  
ASN OXT   HXT    sing N N 84  
ASP N     CA     sing N N 85  
ASP N     H      sing N N 86  
ASP N     H2     sing N N 87  
ASP CA    C      sing N N 88  
ASP CA    CB     sing N N 89  
ASP CA    HA     sing N N 90  
ASP C     O      doub N N 91  
ASP C     OXT    sing N N 92  
ASP CB    CG     sing N N 93  
ASP CB    HB2    sing N N 94  
ASP CB    HB3    sing N N 95  
ASP CG    OD1    doub N N 96  
ASP CG    OD2    sing N N 97  
ASP OD2   HD2    sing N N 98  
ASP OXT   HXT    sing N N 99  
CYS N     CA     sing N N 100 
CYS N     H      sing N N 101 
CYS N     H2     sing N N 102 
CYS CA    C      sing N N 103 
CYS CA    CB     sing N N 104 
CYS CA    HA     sing N N 105 
CYS C     O      doub N N 106 
CYS C     OXT    sing N N 107 
CYS CB    SG     sing N N 108 
CYS CB    HB2    sing N N 109 
CYS CB    HB3    sing N N 110 
CYS SG    HG     sing N N 111 
CYS OXT   HXT    sing N N 112 
GDP PB    O1B    doub N N 113 
GDP PB    O2B    sing N N 114 
GDP PB    O3B    sing N N 115 
GDP PB    O3A    sing N N 116 
GDP O2B   HOB2   sing N N 117 
GDP O3B   HOB3   sing N N 118 
GDP O3A   PA     sing N N 119 
GDP PA    O1A    doub N N 120 
GDP PA    O2A    sing N N 121 
GDP PA    "O5'"  sing N N 122 
GDP O2A   HOA2   sing N N 123 
GDP "O5'" "C5'"  sing N N 124 
GDP "C5'" "C4'"  sing N N 125 
GDP "C5'" "H5'"  sing N N 126 
GDP "C5'" "H5''" sing N N 127 
GDP "C4'" "O4'"  sing N N 128 
GDP "C4'" "C3'"  sing N N 129 
GDP "C4'" "H4'"  sing N N 130 
GDP "O4'" "C1'"  sing N N 131 
GDP "C3'" "O3'"  sing N N 132 
GDP "C3'" "C2'"  sing N N 133 
GDP "C3'" "H3'"  sing N N 134 
GDP "O3'" "HO3'" sing N N 135 
GDP "C2'" "O2'"  sing N N 136 
GDP "C2'" "C1'"  sing N N 137 
GDP "C2'" "H2'"  sing N N 138 
GDP "O2'" "HO2'" sing N N 139 
GDP "C1'" N9     sing N N 140 
GDP "C1'" "H1'"  sing N N 141 
GDP N9    C8     sing Y N 142 
GDP N9    C4     sing Y N 143 
GDP C8    N7     doub Y N 144 
GDP C8    H8     sing N N 145 
GDP N7    C5     sing Y N 146 
GDP C5    C6     sing N N 147 
GDP C5    C4     doub Y N 148 
GDP C6    O6     doub N N 149 
GDP C6    N1     sing N N 150 
GDP N1    C2     sing N N 151 
GDP N1    HN1    sing N N 152 
GDP C2    N2     sing N N 153 
GDP C2    N3     doub N N 154 
GDP N2    HN21   sing N N 155 
GDP N2    HN22   sing N N 156 
GDP N3    C4     sing N N 157 
GLN N     CA     sing N N 158 
GLN N     H      sing N N 159 
GLN N     H2     sing N N 160 
GLN CA    C      sing N N 161 
GLN CA    CB     sing N N 162 
GLN CA    HA     sing N N 163 
GLN C     O      doub N N 164 
GLN C     OXT    sing N N 165 
GLN CB    CG     sing N N 166 
GLN CB    HB2    sing N N 167 
GLN CB    HB3    sing N N 168 
GLN CG    CD     sing N N 169 
GLN CG    HG2    sing N N 170 
GLN CG    HG3    sing N N 171 
GLN CD    OE1    doub N N 172 
GLN CD    NE2    sing N N 173 
GLN NE2   HE21   sing N N 174 
GLN NE2   HE22   sing N N 175 
GLN OXT   HXT    sing N N 176 
GLU N     CA     sing N N 177 
GLU N     H      sing N N 178 
GLU N     H2     sing N N 179 
GLU CA    C      sing N N 180 
GLU CA    CB     sing N N 181 
GLU CA    HA     sing N N 182 
GLU C     O      doub N N 183 
GLU C     OXT    sing N N 184 
GLU CB    CG     sing N N 185 
GLU CB    HB2    sing N N 186 
GLU CB    HB3    sing N N 187 
GLU CG    CD     sing N N 188 
GLU CG    HG2    sing N N 189 
GLU CG    HG3    sing N N 190 
GLU CD    OE1    doub N N 191 
GLU CD    OE2    sing N N 192 
GLU OE2   HE2    sing N N 193 
GLU OXT   HXT    sing N N 194 
GLY N     CA     sing N N 195 
GLY N     H      sing N N 196 
GLY N     H2     sing N N 197 
GLY CA    C      sing N N 198 
GLY CA    HA2    sing N N 199 
GLY CA    HA3    sing N N 200 
GLY C     O      doub N N 201 
GLY C     OXT    sing N N 202 
GLY OXT   HXT    sing N N 203 
HIS N     CA     sing N N 204 
HIS N     H      sing N N 205 
HIS N     H2     sing N N 206 
HIS CA    C      sing N N 207 
HIS CA    CB     sing N N 208 
HIS CA    HA     sing N N 209 
HIS C     O      doub N N 210 
HIS C     OXT    sing N N 211 
HIS CB    CG     sing N N 212 
HIS CB    HB2    sing N N 213 
HIS CB    HB3    sing N N 214 
HIS CG    ND1    sing Y N 215 
HIS CG    CD2    doub Y N 216 
HIS ND1   CE1    doub Y N 217 
HIS ND1   HD1    sing N N 218 
HIS CD2   NE2    sing Y N 219 
HIS CD2   HD2    sing N N 220 
HIS CE1   NE2    sing Y N 221 
HIS CE1   HE1    sing N N 222 
HIS NE2   HE2    sing N N 223 
HIS OXT   HXT    sing N N 224 
HOH O     H1     sing N N 225 
HOH O     H2     sing N N 226 
ILE N     CA     sing N N 227 
ILE N     H      sing N N 228 
ILE N     H2     sing N N 229 
ILE CA    C      sing N N 230 
ILE CA    CB     sing N N 231 
ILE CA    HA     sing N N 232 
ILE C     O      doub N N 233 
ILE C     OXT    sing N N 234 
ILE CB    CG1    sing N N 235 
ILE CB    CG2    sing N N 236 
ILE CB    HB     sing N N 237 
ILE CG1   CD1    sing N N 238 
ILE CG1   HG12   sing N N 239 
ILE CG1   HG13   sing N N 240 
ILE CG2   HG21   sing N N 241 
ILE CG2   HG22   sing N N 242 
ILE CG2   HG23   sing N N 243 
ILE CD1   HD11   sing N N 244 
ILE CD1   HD12   sing N N 245 
ILE CD1   HD13   sing N N 246 
ILE OXT   HXT    sing N N 247 
LEU N     CA     sing N N 248 
LEU N     H      sing N N 249 
LEU N     H2     sing N N 250 
LEU CA    C      sing N N 251 
LEU CA    CB     sing N N 252 
LEU CA    HA     sing N N 253 
LEU C     O      doub N N 254 
LEU C     OXT    sing N N 255 
LEU CB    CG     sing N N 256 
LEU CB    HB2    sing N N 257 
LEU CB    HB3    sing N N 258 
LEU CG    CD1    sing N N 259 
LEU CG    CD2    sing N N 260 
LEU CG    HG     sing N N 261 
LEU CD1   HD11   sing N N 262 
LEU CD1   HD12   sing N N 263 
LEU CD1   HD13   sing N N 264 
LEU CD2   HD21   sing N N 265 
LEU CD2   HD22   sing N N 266 
LEU CD2   HD23   sing N N 267 
LEU OXT   HXT    sing N N 268 
LYS N     CA     sing N N 269 
LYS N     H      sing N N 270 
LYS N     H2     sing N N 271 
LYS CA    C      sing N N 272 
LYS CA    CB     sing N N 273 
LYS CA    HA     sing N N 274 
LYS C     O      doub N N 275 
LYS C     OXT    sing N N 276 
LYS CB    CG     sing N N 277 
LYS CB    HB2    sing N N 278 
LYS CB    HB3    sing N N 279 
LYS CG    CD     sing N N 280 
LYS CG    HG2    sing N N 281 
LYS CG    HG3    sing N N 282 
LYS CD    CE     sing N N 283 
LYS CD    HD2    sing N N 284 
LYS CD    HD3    sing N N 285 
LYS CE    NZ     sing N N 286 
LYS CE    HE2    sing N N 287 
LYS CE    HE3    sing N N 288 
LYS NZ    HZ1    sing N N 289 
LYS NZ    HZ2    sing N N 290 
LYS NZ    HZ3    sing N N 291 
LYS OXT   HXT    sing N N 292 
MET N     CA     sing N N 293 
MET N     H      sing N N 294 
MET N     H2     sing N N 295 
MET CA    C      sing N N 296 
MET CA    CB     sing N N 297 
MET CA    HA     sing N N 298 
MET C     O      doub N N 299 
MET C     OXT    sing N N 300 
MET CB    CG     sing N N 301 
MET CB    HB2    sing N N 302 
MET CB    HB3    sing N N 303 
MET CG    SD     sing N N 304 
MET CG    HG2    sing N N 305 
MET CG    HG3    sing N N 306 
MET SD    CE     sing N N 307 
MET CE    HE1    sing N N 308 
MET CE    HE2    sing N N 309 
MET CE    HE3    sing N N 310 
MET OXT   HXT    sing N N 311 
PHE N     CA     sing N N 312 
PHE N     H      sing N N 313 
PHE N     H2     sing N N 314 
PHE CA    C      sing N N 315 
PHE CA    CB     sing N N 316 
PHE CA    HA     sing N N 317 
PHE C     O      doub N N 318 
PHE C     OXT    sing N N 319 
PHE CB    CG     sing N N 320 
PHE CB    HB2    sing N N 321 
PHE CB    HB3    sing N N 322 
PHE CG    CD1    doub Y N 323 
PHE CG    CD2    sing Y N 324 
PHE CD1   CE1    sing Y N 325 
PHE CD1   HD1    sing N N 326 
PHE CD2   CE2    doub Y N 327 
PHE CD2   HD2    sing N N 328 
PHE CE1   CZ     doub Y N 329 
PHE CE1   HE1    sing N N 330 
PHE CE2   CZ     sing Y N 331 
PHE CE2   HE2    sing N N 332 
PHE CZ    HZ     sing N N 333 
PHE OXT   HXT    sing N N 334 
PRO N     CA     sing N N 335 
PRO N     CD     sing N N 336 
PRO N     H      sing N N 337 
PRO CA    C      sing N N 338 
PRO CA    CB     sing N N 339 
PRO CA    HA     sing N N 340 
PRO C     O      doub N N 341 
PRO C     OXT    sing N N 342 
PRO CB    CG     sing N N 343 
PRO CB    HB2    sing N N 344 
PRO CB    HB3    sing N N 345 
PRO CG    CD     sing N N 346 
PRO CG    HG2    sing N N 347 
PRO CG    HG3    sing N N 348 
PRO CD    HD2    sing N N 349 
PRO CD    HD3    sing N N 350 
PRO OXT   HXT    sing N N 351 
SER N     CA     sing N N 352 
SER N     H      sing N N 353 
SER N     H2     sing N N 354 
SER CA    C      sing N N 355 
SER CA    CB     sing N N 356 
SER CA    HA     sing N N 357 
SER C     O      doub N N 358 
SER C     OXT    sing N N 359 
SER CB    OG     sing N N 360 
SER CB    HB2    sing N N 361 
SER CB    HB3    sing N N 362 
SER OG    HG     sing N N 363 
SER OXT   HXT    sing N N 364 
THR N     CA     sing N N 365 
THR N     H      sing N N 366 
THR N     H2     sing N N 367 
THR CA    C      sing N N 368 
THR CA    CB     sing N N 369 
THR CA    HA     sing N N 370 
THR C     O      doub N N 371 
THR C     OXT    sing N N 372 
THR CB    OG1    sing N N 373 
THR CB    CG2    sing N N 374 
THR CB    HB     sing N N 375 
THR OG1   HG1    sing N N 376 
THR CG2   HG21   sing N N 377 
THR CG2   HG22   sing N N 378 
THR CG2   HG23   sing N N 379 
THR OXT   HXT    sing N N 380 
TRP N     CA     sing N N 381 
TRP N     H      sing N N 382 
TRP N     H2     sing N N 383 
TRP CA    C      sing N N 384 
TRP CA    CB     sing N N 385 
TRP CA    HA     sing N N 386 
TRP C     O      doub N N 387 
TRP C     OXT    sing N N 388 
TRP CB    CG     sing N N 389 
TRP CB    HB2    sing N N 390 
TRP CB    HB3    sing N N 391 
TRP CG    CD1    doub Y N 392 
TRP CG    CD2    sing Y N 393 
TRP CD1   NE1    sing Y N 394 
TRP CD1   HD1    sing N N 395 
TRP CD2   CE2    doub Y N 396 
TRP CD2   CE3    sing Y N 397 
TRP NE1   CE2    sing Y N 398 
TRP NE1   HE1    sing N N 399 
TRP CE2   CZ2    sing Y N 400 
TRP CE3   CZ3    doub Y N 401 
TRP CE3   HE3    sing N N 402 
TRP CZ2   CH2    doub Y N 403 
TRP CZ2   HZ2    sing N N 404 
TRP CZ3   CH2    sing Y N 405 
TRP CZ3   HZ3    sing N N 406 
TRP CH2   HH2    sing N N 407 
TRP OXT   HXT    sing N N 408 
TYR N     CA     sing N N 409 
TYR N     H      sing N N 410 
TYR N     H2     sing N N 411 
TYR CA    C      sing N N 412 
TYR CA    CB     sing N N 413 
TYR CA    HA     sing N N 414 
TYR C     O      doub N N 415 
TYR C     OXT    sing N N 416 
TYR CB    CG     sing N N 417 
TYR CB    HB2    sing N N 418 
TYR CB    HB3    sing N N 419 
TYR CG    CD1    doub Y N 420 
TYR CG    CD2    sing Y N 421 
TYR CD1   CE1    sing Y N 422 
TYR CD1   HD1    sing N N 423 
TYR CD2   CE2    doub Y N 424 
TYR CD2   HD2    sing N N 425 
TYR CE1   CZ     doub Y N 426 
TYR CE1   HE1    sing N N 427 
TYR CE2   CZ     sing Y N 428 
TYR CE2   HE2    sing N N 429 
TYR CZ    OH     sing N N 430 
TYR OH    HH     sing N N 431 
TYR OXT   HXT    sing N N 432 
VAL N     CA     sing N N 433 
VAL N     H      sing N N 434 
VAL N     H2     sing N N 435 
VAL CA    C      sing N N 436 
VAL CA    CB     sing N N 437 
VAL CA    HA     sing N N 438 
VAL C     O      doub N N 439 
VAL C     OXT    sing N N 440 
VAL CB    CG1    sing N N 441 
VAL CB    CG2    sing N N 442 
VAL CB    HB     sing N N 443 
VAL CG1   HG11   sing N N 444 
VAL CG1   HG12   sing N N 445 
VAL CG1   HG13   sing N N 446 
VAL CG2   HG21   sing N N 447 
VAL CG2   HG22   sing N N 448 
VAL CG2   HG23   sing N N 449 
VAL OXT   HXT    sing N N 450 
# 
_pdbx_initial_refinement_model.id               1 
_pdbx_initial_refinement_model.entity_id_list   ? 
_pdbx_initial_refinement_model.type             'experimental model' 
_pdbx_initial_refinement_model.source_name      PDB 
_pdbx_initial_refinement_model.accession_code   1FTN 
_pdbx_initial_refinement_model.details          ? 
# 
_atom_sites.entry_id                    6KX3 
_atom_sites.Cartn_transf_matrix[1][1]   ? 
_atom_sites.Cartn_transf_matrix[1][2]   ? 
_atom_sites.Cartn_transf_matrix[1][3]   ? 
_atom_sites.Cartn_transf_matrix[2][1]   ? 
_atom_sites.Cartn_transf_matrix[2][2]   ? 
_atom_sites.Cartn_transf_matrix[2][3]   ? 
_atom_sites.Cartn_transf_matrix[3][1]   ? 
_atom_sites.Cartn_transf_matrix[3][2]   ? 
_atom_sites.Cartn_transf_matrix[3][3]   ? 
_atom_sites.Cartn_transf_vector[1]      ? 
_atom_sites.Cartn_transf_vector[2]      ? 
_atom_sites.Cartn_transf_vector[3]      ? 
_atom_sites.fract_transf_matrix[1][1]   -0.01059251 
_atom_sites.fract_transf_matrix[1][2]   -0.00035214 
_atom_sites.fract_transf_matrix[1][3]   -0.00252502 
_atom_sites.fract_transf_matrix[2][1]   -0.00004502 
_atom_sites.fract_transf_matrix[2][2]   0.01081472 
_atom_sites.fract_transf_matrix[2][3]   -0.00131938 
_atom_sites.fract_transf_matrix[3][1]   0.00419196 
_atom_sites.fract_transf_matrix[3][2]   -0.00209234 
_atom_sites.fract_transf_matrix[3][3]   -0.01729360 
_atom_sites.fract_transf_vector[1]      -0.090210 
_atom_sites.fract_transf_vector[2]      -0.303684 
_atom_sites.fract_transf_vector[3]      -0.200182 
_atom_sites.solution_primary            ? 
_atom_sites.solution_secondary          ? 
_atom_sites.solution_hydrogens          ? 
_atom_sites.special_details             ? 
# 
loop_
_atom_type.symbol 
C 
N 
O 
P 
S 
# 
loop_
_atom_site.group_PDB 
_atom_site.id 
_atom_site.type_symbol 
_atom_site.label_atom_id 
_atom_site.label_alt_id 
_atom_site.label_comp_id 
_atom_site.label_asym_id 
_atom_site.label_entity_id 
_atom_site.label_seq_id 
_atom_site.pdbx_PDB_ins_code 
_atom_site.Cartn_x 
_atom_site.Cartn_y 
_atom_site.Cartn_z 
_atom_site.occupancy 
_atom_site.B_iso_or_equiv 
_atom_site.pdbx_formal_charge 
_atom_site.auth_seq_id 
_atom_site.auth_comp_id 
_atom_site.auth_asym_id 
_atom_site.auth_atom_id 
_atom_site.pdbx_PDB_model_num 
ATOM   1    N N     . ALA A 1 3   ? 19.635  -10.986 -4.378  1.00 73.53 ? 3   ALA A N     1 
ATOM   2    C CA    . ALA A 1 3   ? 18.471  -10.547 -3.613  1.00 67.51 ? 3   ALA A CA    1 
ATOM   3    C C     . ALA A 1 3   ? 18.562  -9.061  -3.251  1.00 57.74 ? 3   ALA A C     1 
ATOM   4    O O     . ALA A 1 3   ? 17.975  -8.621  -2.264  1.00 57.91 ? 3   ALA A O     1 
ATOM   5    C CB    . ALA A 1 3   ? 18.322  -11.398 -2.347  1.00 63.91 ? 3   ALA A CB    1 
ATOM   6    N N     . ILE A 1 4   ? 19.289  -8.282  -4.045  1.00 52.64 ? 4   ILE A N     1 
ATOM   7    C CA    . ILE A 1 4   ? 19.562  -6.904  -3.664  1.00 48.96 ? 4   ILE A CA    1 
ATOM   8    C C     . ILE A 1 4   ? 18.553  -5.940  -4.276  1.00 39.53 ? 4   ILE A C     1 
ATOM   9    O O     . ILE A 1 4   ? 18.044  -5.062  -3.579  1.00 43.12 ? 4   ILE A O     1 
ATOM   10   C CB    . ILE A 1 4   ? 21.017  -6.515  -4.015  1.00 53.54 ? 4   ILE A CB    1 
ATOM   11   C CG1   . ILE A 1 4   ? 21.460  -7.138  -5.344  1.00 49.83 ? 4   ILE A CG1   1 
ATOM   12   C CG2   . ILE A 1 4   ? 21.941  -6.860  -2.860  1.00 49.50 ? 4   ILE A CG2   1 
ATOM   13   C CD1   . ILE A 1 4   ? 22.736  -6.529  -5.904  1.00 53.83 ? 4   ILE A CD1   1 
ATOM   14   N N     . ARG A 1 5   ? 18.231  -6.067  -5.564  1.00 37.54 ? 5   ARG A N     1 
ATOM   15   C CA    . ARG A 1 5   ? 17.305  -5.140  -6.209  1.00 41.59 ? 5   ARG A CA    1 
ATOM   16   C C     . ARG A 1 5   ? 15.929  -5.776  -6.328  1.00 40.35 ? 5   ARG A C     1 
ATOM   17   O O     . ARG A 1 5   ? 15.791  -6.863  -6.892  1.00 40.77 ? 5   ARG A O     1 
ATOM   18   C CB    . ARG A 1 5   ? 17.789  -4.703  -7.596  1.00 39.76 ? 5   ARG A CB    1 
ATOM   19   C CG    . ARG A 1 5   ? 16.834  -3.722  -8.323  1.00 39.97 ? 5   ARG A CG    1 
ATOM   20   C CD    . ARG A 1 5   ? 17.039  -2.238  -7.917  1.00 43.46 ? 5   ARG A CD    1 
ATOM   21   N NE    . ARG A 1 5   ? 18.454  -1.858  -8.018  1.00 48.71 ? 5   ARG A NE    1 
ATOM   22   C CZ    . ARG A 1 5   ? 19.046  -1.385  -9.114  1.00 45.93 ? 5   ARG A CZ    1 
ATOM   23   N NH1   . ARG A 1 5   ? 18.362  -1.197  -10.233 1.00 40.40 ? 5   ARG A NH1   1 
ATOM   24   N NH2   . ARG A 1 5   ? 20.341  -1.107  -9.092  1.00 42.96 ? 5   ARG A NH2   1 
ATOM   25   N N     . LYS A 1 6   ? 14.916  -5.093  -5.796  1.00 34.42 ? 6   LYS A N     1 
ATOM   26   C CA    . LYS A 1 6   ? 13.540  -5.539  -5.918  1.00 31.73 ? 6   LYS A CA    1 
ATOM   27   C C     . LYS A 1 6   ? 12.652  -4.355  -6.278  1.00 29.72 ? 6   LYS A C     1 
ATOM   28   O O     . LYS A 1 6   ? 12.883  -3.227  -5.824  1.00 35.48 ? 6   LYS A O     1 
ATOM   29   C CB    . LYS A 1 6   ? 13.066  -6.203  -4.615  1.00 33.55 ? 6   LYS A CB    1 
ATOM   30   C CG    . LYS A 1 6   ? 13.806  -7.490  -4.248  1.00 36.18 ? 6   LYS A CG    1 
ATOM   31   C CD    . LYS A 1 6   ? 13.488  -8.626  -5.210  1.00 32.46 ? 6   LYS A CD    1 
ATOM   32   C CE    . LYS A 1 6   ? 14.199  -9.913  -4.793  1.00 41.41 ? 6   LYS A CE    1 
ATOM   33   N NZ    . LYS A 1 6   ? 13.744  -11.081 -5.591  1.00 38.95 ? 6   LYS A NZ    1 
ATOM   34   N N     . LYS A 1 7   ? 11.649  -4.620  -7.101  1.00 27.98 ? 7   LYS A N     1 
ATOM   35   C CA    . LYS A 1 7   ? 10.774  -3.602  -7.669  1.00 31.17 ? 7   LYS A CA    1 
ATOM   36   C C     . LYS A 1 7   ? 9.402   -3.674  -7.006  1.00 29.03 ? 7   LYS A C     1 
ATOM   37   O O     . LYS A 1 7   ? 8.729   -4.711  -7.073  1.00 26.85 ? 7   LYS A O     1 
ATOM   38   C CB    . LYS A 1 7   ? 10.647  -3.798  -9.180  1.00 30.13 ? 7   LYS A CB    1 
ATOM   39   C CG    . LYS A 1 7   ? 9.633   -2.882  -9.853  1.00 39.96 ? 7   LYS A CG    1 
ATOM   40   C CD    . LYS A 1 7   ? 9.553   -3.137  -11.371 1.00 42.63 ? 7   LYS A CD    1 
ATOM   41   C CE    . LYS A 1 7   ? 8.494   -2.248  -12.035 1.00 46.23 ? 7   LYS A CE    1 
ATOM   42   N NZ    . LYS A 1 7   ? 8.832   -1.872  -13.453 1.00 47.54 ? 7   LYS A NZ    1 
ATOM   43   N N     . LEU A 1 8   ? 8.990   -2.572  -6.390  1.00 28.31 ? 8   LEU A N     1 
ATOM   44   C CA    . LEU A 1 8   ? 7.711   -2.458  -5.707  1.00 25.29 ? 8   LEU A CA    1 
ATOM   45   C C     . LEU A 1 8   ? 6.832   -1.467  -6.459  1.00 24.88 ? 8   LEU A C     1 
ATOM   46   O O     . LEU A 1 8   ? 7.265   -0.351  -6.761  1.00 22.95 ? 8   LEU A O     1 
ATOM   47   C CB    . LEU A 1 8   ? 7.919   -2.001  -4.259  1.00 24.62 ? 8   LEU A CB    1 
ATOM   48   C CG    . LEU A 1 8   ? 6.681   -1.737  -3.373  1.00 25.27 ? 8   LEU A CG    1 
ATOM   49   C CD1   . LEU A 1 8   ? 7.070   -1.874  -1.915  1.00 24.21 ? 8   LEU A CD1   1 
ATOM   50   C CD2   . LEU A 1 8   ? 6.060   -0.336  -3.603  1.00 21.89 ? 8   LEU A CD2   1 
ATOM   51   N N     . VAL A 1 9   ? 5.588   -1.856  -6.725  1.00 20.91 ? 9   VAL A N     1 
ATOM   52   C CA    . VAL A 1 9   ? 4.609   -0.966  -7.330  1.00 19.92 ? 9   VAL A CA    1 
ATOM   53   C C     . VAL A 1 9   ? 3.454   -0.804  -6.353  1.00 24.08 ? 9   VAL A C     1 
ATOM   54   O O     . VAL A 1 9   ? 3.028   -1.776  -5.724  1.00 23.21 ? 9   VAL A O     1 
ATOM   55   C CB    . VAL A 1 9   ? 4.107   -1.505  -8.688  1.00 26.31 ? 9   VAL A CB    1 
ATOM   56   C CG1   . VAL A 1 9   ? 3.122   -0.540  -9.286  1.00 26.94 ? 9   VAL A CG1   1 
ATOM   57   C CG2   . VAL A 1 9   ? 5.283   -1.772  -9.655  1.00 27.79 ? 9   VAL A CG2   1 
ATOM   58   N N     . ILE A 1 10  ? 2.967   0.417   -6.203  1.00 19.66 ? 10  ILE A N     1 
ATOM   59   C CA    . ILE A 1 10  ? 1.868   0.708   -5.295  1.00 20.20 ? 10  ILE A CA    1 
ATOM   60   C C     . ILE A 1 10  ? 0.678   1.124   -6.148  1.00 25.48 ? 10  ILE A C     1 
ATOM   61   O O     . ILE A 1 10  ? 0.824   1.950   -7.059  1.00 25.70 ? 10  ILE A O     1 
ATOM   62   C CB    . ILE A 1 10  ? 2.254   1.778   -4.255  1.00 23.60 ? 10  ILE A CB    1 
ATOM   63   C CG1   . ILE A 1 10  ? 1.140   1.942   -3.219  1.00 19.33 ? 10  ILE A CG1   1 
ATOM   64   C CG2   . ILE A 1 10  ? 2.623   3.127   -4.910  1.00 25.04 ? 10  ILE A CG2   1 
ATOM   65   C CD1   . ILE A 1 10  ? 1.609   2.635   -1.930  1.00 21.72 ? 10  ILE A CD1   1 
ATOM   66   N N     . VAL A 1 11  ? -0.474  0.475   -5.927  1.00 20.92 ? 11  VAL A N     1 
ATOM   67   C CA    . VAL A 1 11  ? -1.680  0.766   -6.693  1.00 20.41 ? 11  VAL A CA    1 
ATOM   68   C C     . VAL A 1 11  ? -2.848  0.934   -5.732  1.00 25.37 ? 11  VAL A C     1 
ATOM   69   O O     . VAL A 1 11  ? -2.795  0.525   -4.571  1.00 22.60 ? 11  VAL A O     1 
ATOM   70   C CB    . VAL A 1 11  ? -1.993  -0.315  -7.755  1.00 22.62 ? 11  VAL A CB    1 
ATOM   71   C CG1   . VAL A 1 11  ? -0.742  -0.617  -8.592  1.00 21.01 ? 11  VAL A CG1   1 
ATOM   72   C CG2   . VAL A 1 11  ? -2.514  -1.612  -7.091  1.00 22.46 ? 11  VAL A CG2   1 
ATOM   73   N N     . GLY A 1 12  ? -3.903  1.554   -6.234  1.00 21.58 ? 12  GLY A N     1 
ATOM   74   C CA    . GLY A 1 12  ? -5.108  1.808   -5.466  1.00 22.62 ? 12  GLY A CA    1 
ATOM   75   C C     . GLY A 1 12  ? -5.754  3.098   -5.926  1.00 25.72 ? 12  GLY A C     1 
ATOM   76   O O     . GLY A 1 12  ? -5.174  3.877   -6.680  1.00 26.04 ? 12  GLY A O     1 
ATOM   77   N N     . ASP A 1 13  ? -6.960  3.345   -5.411  1.00 24.31 ? 13  ASP A N     1 
ATOM   78   C CA    . ASP A 1 13  ? -7.758  4.491   -5.846  1.00 27.23 ? 13  ASP A CA    1 
ATOM   79   C C     . ASP A 1 13  ? -7.055  5.825   -5.563  1.00 30.74 ? 13  ASP A C     1 
ATOM   80   O O     . ASP A 1 13  ? -6.223  5.947   -4.658  1.00 26.85 ? 13  ASP A O     1 
ATOM   81   C CB    . ASP A 1 13  ? -9.112  4.499   -5.133  1.00 30.00 ? 13  ASP A CB    1 
ATOM   82   C CG    . ASP A 1 13  ? -10.112 3.539   -5.741  1.00 26.04 ? 13  ASP A CG    1 
ATOM   83   O OD1   . ASP A 1 13  ? -9.784  2.814   -6.703  1.00 27.71 ? 13  ASP A OD1   1 
ATOM   84   O OD2   . ASP A 1 13  ? -11.249 3.511   -5.229  1.00 32.03 ? 13  ASP A OD2   1 
ATOM   85   N N     . GLY A 1 14  ? -7.440  6.843   -6.333  1.00 31.31 ? 14  GLY A N     1 
ATOM   86   C CA    . GLY A 1 14  ? -6.947  8.190   -6.079  1.00 27.41 ? 14  GLY A CA    1 
ATOM   87   C C     . GLY A 1 14  ? -7.213  8.622   -4.649  1.00 30.24 ? 14  GLY A C     1 
ATOM   88   O O     . GLY A 1 14  ? -8.266  8.334   -4.075  1.00 28.65 ? 14  GLY A O     1 
ATOM   89   N N     . ALA A 1 15  ? -6.209  9.273   -4.050  1.00 29.31 ? 15  ALA A N     1 
ATOM   90   C CA    . ALA A 1 15  ? -6.260  9.898   -2.731  1.00 29.73 ? 15  ALA A CA    1 
ATOM   91   C C     . ALA A 1 15  ? -6.349  8.900   -1.578  1.00 27.63 ? 15  ALA A C     1 
ATOM   92   O O     . ALA A 1 15  ? -6.624  9.303   -0.444  1.00 30.25 ? 15  ALA A O     1 
ATOM   93   C CB    . ALA A 1 15  ? -7.407  10.928  -2.625  1.00 30.93 ? 15  ALA A CB    1 
ATOM   94   N N     . VAL A 1 16  ? -6.071  7.607   -1.798  1.00 27.22 ? 16  VAL A N     1 
ATOM   95   C CA    . VAL A 1 16  ? -6.041  6.693   -0.653  1.00 24.68 ? 16  VAL A CA    1 
ATOM   96   C C     . VAL A 1 16  ? -4.779  6.850   0.189   1.00 27.59 ? 16  VAL A C     1 
ATOM   97   O O     . VAL A 1 16  ? -4.732  6.337   1.311   1.00 26.38 ? 16  VAL A O     1 
ATOM   98   C CB    . VAL A 1 16  ? -6.165  5.212   -1.061  1.00 27.12 ? 16  VAL A CB    1 
ATOM   99   C CG1   . VAL A 1 16  ? -7.543  4.923   -1.712  1.00 28.38 ? 16  VAL A CG1   1 
ATOM   100  C CG2   . VAL A 1 16  ? -5.030  4.802   -1.981  1.00 25.14 ? 16  VAL A CG2   1 
ATOM   101  N N     . GLY A 1 17  ? -3.765  7.542   -0.310  1.00 27.72 ? 17  GLY A N     1 
ATOM   102  C CA    . GLY A 1 17  ? -2.534  7.782   0.420   1.00 29.82 ? 17  GLY A CA    1 
ATOM   103  C C     . GLY A 1 17  ? -1.297  7.064   -0.104  1.00 28.47 ? 17  GLY A C     1 
ATOM   104  O O     . GLY A 1 17  ? -0.338  6.876   0.667   1.00 25.10 ? 17  GLY A O     1 
ATOM   105  N N     . LYS A 1 18  ? -1.272  6.682   -1.380  1.00 21.74 ? 18  LYS A N     1 
ATOM   106  C CA    . LYS A 1 18  ? -0.120  5.950   -1.912  1.00 19.85 ? 18  LYS A CA    1 
ATOM   107  C C     . LYS A 1 18  ? 1.152   6.801   -1.862  1.00 23.47 ? 18  LYS A C     1 
ATOM   108  O O     . LYS A 1 18  ? 2.209   6.343   -1.401  1.00 21.63 ? 18  LYS A O     1 
ATOM   109  C CB    . LYS A 1 18  ? -0.420  5.500   -3.347  1.00 24.00 ? 18  LYS A CB    1 
ATOM   110  C CG    . LYS A 1 18  ? -1.662  4.591   -3.492  1.00 23.72 ? 18  LYS A CG    1 
ATOM   111  C CD    . LYS A 1 18  ? -1.889  4.200   -4.991  1.00 23.24 ? 18  LYS A CD    1 
ATOM   112  C CE    . LYS A 1 18  ? -2.113  5.467   -5.877  1.00 25.41 ? 18  LYS A CE    1 
ATOM   113  N NZ    . LYS A 1 18  ? -3.393  6.158   -5.492  1.00 25.28 ? 18  LYS A NZ    1 
ATOM   114  N N     . THR A 1 19  ? 1.078   8.038   -2.354  1.00 25.82 ? 19  THR A N     1 
ATOM   115  C CA    . THR A 1 19  ? 2.254   8.910   -2.311  1.00 26.49 ? 19  THR A CA    1 
ATOM   116  C C     . THR A 1 19  ? 2.701   9.177   -0.875  1.00 28.11 ? 19  THR A C     1 
ATOM   117  O O     . THR A 1 19  ? 3.901   9.164   -0.579  1.00 27.58 ? 19  THR A O     1 
ATOM   118  C CB    . THR A 1 19  ? 1.963   10.229  -3.036  1.00 29.13 ? 19  THR A CB    1 
ATOM   119  O OG1   . THR A 1 19  ? 1.571   9.948   -4.394  1.00 29.04 ? 19  THR A OG1   1 
ATOM   120  C CG2   . THR A 1 19  ? 3.205   11.087  -3.059  1.00 29.00 ? 19  THR A CG2   1 
ATOM   121  N N     . SER A 1 20  ? 1.749   9.417   0.027   1.00 25.57 ? 20  SER A N     1 
ATOM   122  C CA    . SER A 1 20  ? 2.073   9.677   1.430   1.00 29.26 ? 20  SER A CA    1 
ATOM   123  C C     . SER A 1 20  ? 2.795   8.505   2.078   1.00 26.82 ? 20  SER A C     1 
ATOM   124  O O     . SER A 1 20  ? 3.718   8.703   2.879   1.00 29.48 ? 20  SER A O     1 
ATOM   125  C CB    . SER A 1 20  ? 0.790   10.007  2.197   1.00 29.20 ? 20  SER A CB    1 
ATOM   126  O OG    . SER A 1 20  ? 0.187   11.179  1.647   1.00 32.78 ? 20  SER A OG    1 
ATOM   127  N N     . LEU A 1 21  ? 2.385   7.275   1.754   1.00 26.13 ? 21  LEU A N     1 
ATOM   128  C CA    . LEU A 1 21  ? 3.075   6.102   2.274   1.00 27.24 ? 21  LEU A CA    1 
ATOM   129  C C     . LEU A 1 21  ? 4.507   6.040   1.769   1.00 25.76 ? 21  LEU A C     1 
ATOM   130  O O     . LEU A 1 21  ? 5.435   5.740   2.534   1.00 25.47 ? 21  LEU A O     1 
ATOM   131  C CB    . LEU A 1 21  ? 2.312   4.833   1.889   1.00 23.15 ? 21  LEU A CB    1 
ATOM   132  C CG    . LEU A 1 21  ? 1.016   4.603   2.662   1.00 23.44 ? 21  LEU A CG    1 
ATOM   133  C CD1   . LEU A 1 21  ? 0.207   3.508   1.974   1.00 22.32 ? 21  LEU A CD1   1 
ATOM   134  C CD2   . LEU A 1 21  ? 1.328   4.226   4.136   1.00 26.34 ? 21  LEU A CD2   1 
ATOM   135  N N     . LEU A 1 22  ? 4.708   6.309   0.480   1.00 20.91 ? 22  LEU A N     1 
ATOM   136  C CA    . LEU A 1 22  ? 6.057   6.314   -0.071  1.00 19.86 ? 22  LEU A CA    1 
ATOM   137  C C     . LEU A 1 22  ? 6.918   7.397   0.571   1.00 23.50 ? 22  LEU A C     1 
ATOM   138  O O     . LEU A 1 22  ? 8.111   7.177   0.805   1.00 26.75 ? 22  LEU A O     1 
ATOM   139  C CB    . LEU A 1 22  ? 5.996   6.487   -1.598  1.00 22.53 ? 22  LEU A CB    1 
ATOM   140  C CG    . LEU A 1 22  ? 5.342   5.314   -2.344  1.00 26.00 ? 22  LEU A CG    1 
ATOM   141  C CD1   . LEU A 1 22  ? 5.341   5.521   -3.828  1.00 26.49 ? 22  LEU A CD1   1 
ATOM   142  C CD2   . LEU A 1 22  ? 6.089   4.030   -2.020  1.00 24.97 ? 22  LEU A CD2   1 
ATOM   143  N N     . ILE A 1 23  ? 6.338   8.578   0.820   1.00 25.33 ? 23  ILE A N     1 
ATOM   144  C CA    . ILE A 1 23  ? 7.055   9.680   1.468   1.00 25.85 ? 23  ILE A CA    1 
ATOM   145  C C     . ILE A 1 23  ? 7.514   9.276   2.860   1.00 29.10 ? 23  ILE A C     1 
ATOM   146  O O     . ILE A 1 23  ? 8.677   9.481   3.237   1.00 28.29 ? 23  ILE A O     1 
ATOM   147  C CB    . ILE A 1 23  ? 6.165   10.931  1.563   1.00 29.31 ? 23  ILE A CB    1 
ATOM   148  C CG1   . ILE A 1 23  ? 5.704   11.439  0.200   1.00 34.47 ? 23  ILE A CG1   1 
ATOM   149  C CG2   . ILE A 1 23  ? 6.903   12.039  2.329   1.00 29.19 ? 23  ILE A CG2   1 
ATOM   150  C CD1   . ILE A 1 23  ? 6.802   11.833  -0.667  1.00 40.87 ? 23  ILE A CD1   1 
ATOM   151  N N     . VAL A 1 24  ? 6.589   8.754   3.665   1.00 26.40 ? 24  VAL A N     1 
ATOM   152  C CA    . VAL A 1 24  ? 6.926   8.378   5.039   1.00 27.83 ? 24  VAL A CA    1 
ATOM   153  C C     . VAL A 1 24  ? 8.035   7.339   5.045   1.00 29.64 ? 24  VAL A C     1 
ATOM   154  O O     . VAL A 1 24  ? 9.002   7.438   5.809   1.00 28.94 ? 24  VAL A O     1 
ATOM   155  C CB    . VAL A 1 24  ? 5.670   7.891   5.786   1.00 27.31 ? 24  VAL A CB    1 
ATOM   156  C CG1   . VAL A 1 24  ? 6.039   7.347   7.174   1.00 29.92 ? 24  VAL A CG1   1 
ATOM   157  C CG2   . VAL A 1 24  ? 4.697   9.033   5.913   1.00 30.47 ? 24  VAL A CG2   1 
ATOM   158  N N     . PHE A 1 25  ? 7.922   6.334   4.178   1.00 26.69 ? 25  PHE A N     1 
ATOM   159  C CA    . PHE A 1 25  ? 8.962   5.322   4.094   1.00 26.65 ? 25  PHE A CA    1 
ATOM   160  C C     . PHE A 1 25  ? 10.295  5.932   3.677   1.00 31.32 ? 25  PHE A C     1 
ATOM   161  O O     . PHE A 1 25  ? 11.351  5.599   4.237   1.00 32.30 ? 25  PHE A O     1 
ATOM   162  C CB    . PHE A 1 25  ? 8.536   4.224   3.109   1.00 25.88 ? 25  PHE A CB    1 
ATOM   163  C CG    . PHE A 1 25  ? 9.601   3.203   2.863   1.00 27.92 ? 25  PHE A CG    1 
ATOM   164  C CD1   . PHE A 1 25  ? 9.973   2.310   3.869   1.00 25.81 ? 25  PHE A CD1   1 
ATOM   165  C CD2   . PHE A 1 25  ? 10.228  3.129   1.639   1.00 28.52 ? 25  PHE A CD2   1 
ATOM   166  C CE1   . PHE A 1 25  ? 10.958  1.363   3.655   1.00 29.04 ? 25  PHE A CE1   1 
ATOM   167  C CE2   . PHE A 1 25  ? 11.219  2.186   1.408   1.00 33.29 ? 25  PHE A CE2   1 
ATOM   168  C CZ    . PHE A 1 25  ? 11.581  1.292   2.420   1.00 36.74 ? 25  PHE A CZ    1 
ATOM   169  N N     . SER A 1 26  ? 10.271  6.816   2.682   1.00 26.18 ? 26  SER A N     1 
ATOM   170  C CA    . SER A 1 26  ? 11.518  7.379   2.176   1.00 32.12 ? 26  SER A CA    1 
ATOM   171  C C     . SER A 1 26  ? 12.148  8.334   3.188   1.00 32.44 ? 26  SER A C     1 
ATOM   172  O O     . SER A 1 26  ? 13.375  8.361   3.346   1.00 34.00 ? 26  SER A O     1 
ATOM   173  C CB    . SER A 1 26  ? 11.254  8.069   0.836   1.00 34.19 ? 26  SER A CB    1 
ATOM   174  O OG    . SER A 1 26  ? 10.887  7.104   -0.161  1.00 31.24 ? 26  SER A OG    1 
ATOM   175  N N     . LYS A 1 27  ? 11.327  9.118   3.894   1.00 30.42 ? 27  LYS A N     1 
ATOM   176  C CA    . LYS A 1 27  ? 11.860  9.970   4.952   1.00 36.94 ? 27  LYS A CA    1 
ATOM   177  C C     . LYS A 1 27  ? 12.482  9.149   6.085   1.00 38.16 ? 27  LYS A C     1 
ATOM   178  O O     . LYS A 1 27  ? 13.354  9.646   6.803   1.00 38.84 ? 27  LYS A O     1 
ATOM   179  C CB    . LYS A 1 27  ? 10.762  10.881  5.505   1.00 30.40 ? 27  LYS A CB    1 
ATOM   180  C CG    . LYS A 1 27  ? 10.325  12.020  4.582   1.00 36.68 ? 27  LYS A CG    1 
ATOM   181  C CD    . LYS A 1 27  ? 9.286   12.898  5.270   1.00 44.77 ? 27  LYS A CD    1 
ATOM   182  C CE    . LYS A 1 27  ? 8.879   14.109  4.429   1.00 51.84 ? 27  LYS A CE    1 
ATOM   183  N NZ    . LYS A 1 27  ? 10.036  14.980  4.080   1.00 56.98 ? 27  LYS A NZ    1 
ATOM   184  N N     . ASP A 1 28  ? 12.053  7.896   6.262   1.00 30.71 ? 28  ASP A N     1 
ATOM   185  C CA    . ASP A 1 28  ? 12.559  7.068   7.349   1.00 39.00 ? 28  ASP A CA    1 
ATOM   186  C C     . ASP A 1 28  ? 13.959  6.529   7.067   1.00 41.68 ? 28  ASP A C     1 
ATOM   187  O O     . ASP A 1 28  ? 14.559  5.913   7.952   1.00 41.54 ? 28  ASP A O     1 
ATOM   188  C CB    . ASP A 1 28  ? 11.571  5.921   7.609   1.00 38.53 ? 28  ASP A CB    1 
ATOM   189  C CG    . ASP A 1 28  ? 11.787  5.219   8.953   1.00 50.28 ? 28  ASP A CG    1 
ATOM   190  O OD1   . ASP A 1 28  ? 11.930  5.900   9.994   1.00 48.02 ? 28  ASP A OD1   1 
ATOM   191  O OD2   . ASP A 1 28  ? 11.789  3.966   8.964   1.00 46.97 ? 28  ASP A OD2   1 
ATOM   192  N N     . GLN A 1 29  ? 14.491  6.748   5.866   1.00 36.62 ? 29  GLN A N     1 
ATOM   193  C CA    . GLN A 1 29  ? 15.818  6.251   5.535   1.00 41.22 ? 29  GLN A CA    1 
ATOM   194  C C     . GLN A 1 29  ? 16.904  7.025   6.275   1.00 42.29 ? 29  GLN A C     1 
ATOM   195  O O     . GLN A 1 29  ? 16.806  8.243   6.471   1.00 42.58 ? 29  GLN A O     1 
ATOM   196  C CB    . GLN A 1 29  ? 16.060  6.356   4.036   1.00 38.25 ? 29  GLN A CB    1 
ATOM   197  C CG    . GLN A 1 29  ? 15.534  5.183   3.250   1.00 42.47 ? 29  GLN A CG    1 
ATOM   198  C CD    . GLN A 1 29  ? 15.889  5.319   1.800   1.00 49.05 ? 29  GLN A CD    1 
ATOM   199  O OE1   . GLN A 1 29  ? 16.734  4.571   1.293   1.00 46.96 ? 29  GLN A OE1   1 
ATOM   200  N NE2   . GLN A 1 29  ? 15.267  6.298   1.115   1.00 41.68 ? 29  GLN A NE2   1 
ATOM   201  N N     . PHE A 1 30  ? 17.942  6.302   6.686   1.00 46.06 ? 30  PHE A N     1 
ATOM   202  C CA    . PHE A 1 30  ? 19.133  6.922   7.258   1.00 48.86 ? 30  PHE A CA    1 
ATOM   203  C C     . PHE A 1 30  ? 20.368  6.334   6.584   1.00 50.47 ? 30  PHE A C     1 
ATOM   204  O O     . PHE A 1 30  ? 20.465  5.119   6.428   1.00 48.28 ? 30  PHE A O     1 
ATOM   205  C CB    . PHE A 1 30  ? 19.226  6.743   8.777   1.00 50.60 ? 30  PHE A CB    1 
ATOM   206  C CG    . PHE A 1 30  ? 20.318  7.580   9.404   1.00 52.46 ? 30  PHE A CG    1 
ATOM   207  C CD1   . PHE A 1 30  ? 20.077  8.891   9.769   1.00 51.25 ? 30  PHE A CD1   1 
ATOM   208  C CD2   . PHE A 1 30  ? 21.596  7.069   9.564   1.00 55.45 ? 30  PHE A CD2   1 
ATOM   209  C CE1   . PHE A 1 30  ? 21.075  9.668   10.316  1.00 57.75 ? 30  PHE A CE1   1 
ATOM   210  C CE2   . PHE A 1 30  ? 22.600  7.841   10.108  1.00 52.72 ? 30  PHE A CE2   1 
ATOM   211  C CZ    . PHE A 1 30  ? 22.337  9.144   10.483  1.00 54.93 ? 30  PHE A CZ    1 
ATOM   212  N N     . PRO A 1 31  ? 21.307  7.194   6.161   1.00 46.58 ? 31  PRO A N     1 
ATOM   213  C CA    . PRO A 1 31  ? 21.292  8.660   6.254   1.00 50.65 ? 31  PRO A CA    1 
ATOM   214  C C     . PRO A 1 31  ? 20.102  9.293   5.554   1.00 51.70 ? 31  PRO A C     1 
ATOM   215  O O     . PRO A 1 31  ? 19.532  8.687   4.643   1.00 44.35 ? 31  PRO A O     1 
ATOM   216  C CB    . PRO A 1 31  ? 22.592  9.074   5.559   1.00 53.82 ? 31  PRO A CB    1 
ATOM   217  C CG    . PRO A 1 31  ? 23.459  7.865   5.607   1.00 51.72 ? 31  PRO A CG    1 
ATOM   218  C CD    . PRO A 1 31  ? 22.533  6.697   5.514   1.00 52.78 ? 31  PRO A CD    1 
ATOM   219  N N     . GLU A 1 32  ? 19.712  10.477  6.010   1.00 47.45 ? 32  GLU A N     1 
ATOM   220  C CA    . GLU A 1 32  ? 18.574  11.150  5.413   1.00 52.49 ? 32  GLU A CA    1 
ATOM   221  C C     . GLU A 1 32  ? 18.913  11.606  4.004   1.00 54.77 ? 32  GLU A C     1 
ATOM   222  O O     . GLU A 1 32  ? 20.046  12.000  3.715   1.00 50.26 ? 32  GLU A O     1 
ATOM   223  C CB    . GLU A 1 32  ? 18.143  12.339  6.264   1.00 52.12 ? 32  GLU A CB    1 
ATOM   224  C CG    . GLU A 1 32  ? 17.469  11.953  7.571   1.00 57.02 ? 32  GLU A CG    1 
ATOM   225  C CD    . GLU A 1 32  ? 16.838  13.147  8.276   1.00 60.77 ? 32  GLU A CD    1 
ATOM   226  O OE1   . GLU A 1 32  ? 17.256  14.297  7.996   1.00 65.66 ? 32  GLU A OE1   1 
ATOM   227  O OE2   . GLU A 1 32  ? 15.915  12.939  9.104   1.00 63.95 ? 32  GLU A OE2   1 
ATOM   228  N N     . VAL A 1 33  ? 17.921  11.529  3.119   1.00 46.96 ? 33  VAL A N     1 
ATOM   229  C CA    . VAL A 1 33  ? 18.073  11.917  1.727   1.00 42.55 ? 33  VAL A CA    1 
ATOM   230  C C     . VAL A 1 33  ? 16.916  12.834  1.364   1.00 46.37 ? 33  VAL A C     1 
ATOM   231  O O     . VAL A 1 33  ? 15.912  12.927  2.075   1.00 45.29 ? 33  VAL A O     1 
ATOM   232  C CB    . VAL A 1 33  ? 18.123  10.693  0.786   1.00 49.17 ? 33  VAL A CB    1 
ATOM   233  C CG1   . VAL A 1 33  ? 19.402  9.895   1.010   1.00 51.28 ? 33  VAL A CG1   1 
ATOM   234  C CG2   . VAL A 1 33  ? 16.917  9.796   1.012   1.00 42.13 ? 33  VAL A CG2   1 
ATOM   235  N N     . TYR A 1 34  ? 17.074  13.539  0.252   1.00 45.60 ? 34  TYR A N     1 
ATOM   236  C CA    . TYR A 1 34  ? 15.968  14.319  -0.266  1.00 46.72 ? 34  TYR A CA    1 
ATOM   237  C C     . TYR A 1 34  ? 14.880  13.367  -0.741  1.00 40.40 ? 34  TYR A C     1 
ATOM   238  O O     . TYR A 1 34  ? 15.154  12.419  -1.484  1.00 41.86 ? 34  TYR A O     1 
ATOM   239  C CB    . TYR A 1 34  ? 16.416  15.231  -1.409  1.00 48.99 ? 34  TYR A CB    1 
ATOM   240  C CG    . TYR A 1 34  ? 15.256  16.010  -1.989  1.00 47.88 ? 34  TYR A CG    1 
ATOM   241  C CD1   . TYR A 1 34  ? 14.744  17.122  -1.330  1.00 52.37 ? 34  TYR A CD1   1 
ATOM   242  C CD2   . TYR A 1 34  ? 14.654  15.617  -3.175  1.00 46.86 ? 34  TYR A CD2   1 
ATOM   243  C CE1   . TYR A 1 34  ? 13.675  17.829  -1.845  1.00 52.16 ? 34  TYR A CE1   1 
ATOM   244  C CE2   . TYR A 1 34  ? 13.582  16.319  -3.705  1.00 49.49 ? 34  TYR A CE2   1 
ATOM   245  C CZ    . TYR A 1 34  ? 13.095  17.425  -3.032  1.00 55.14 ? 34  TYR A CZ    1 
ATOM   246  O OH    . TYR A 1 34  ? 12.027  18.132  -3.542  1.00 61.79 ? 34  TYR A OH    1 
ATOM   247  N N     . VAL A 1 35  ? 13.659  13.588  -0.282  1.00 41.82 ? 35  VAL A N     1 
ATOM   248  C CA    . VAL A 1 35  ? 12.520  12.759  -0.659  1.00 41.45 ? 35  VAL A CA    1 
ATOM   249  C C     . VAL A 1 35  ? 11.730  13.509  -1.724  1.00 38.30 ? 35  VAL A C     1 
ATOM   250  O O     . VAL A 1 35  ? 11.284  14.632  -1.463  1.00 42.56 ? 35  VAL A O     1 
ATOM   251  C CB    . VAL A 1 35  ? 11.640  12.417  0.549   1.00 42.35 ? 35  VAL A CB    1 
ATOM   252  C CG1   . VAL A 1 35  ? 10.471  11.529  0.113   1.00 35.40 ? 35  VAL A CG1   1 
ATOM   253  C CG2   . VAL A 1 35  ? 12.485  11.714  1.595   1.00 38.41 ? 35  VAL A CG2   1 
ATOM   254  N N     . PRO A 1 36  ? 11.548  12.949  -2.905  1.00 38.33 ? 36  PRO A N     1 
ATOM   255  C CA    . PRO A 1 36  ? 10.840  13.649  -3.970  1.00 38.68 ? 36  PRO A CA    1 
ATOM   256  C C     . PRO A 1 36  ? 9.343   13.568  -3.750  1.00 34.78 ? 36  PRO A C     1 
ATOM   257  O O     . PRO A 1 36  ? 8.846   12.993  -2.785  1.00 35.33 ? 36  PRO A O     1 
ATOM   258  C CB    . PRO A 1 36  ? 11.241  12.871  -5.226  1.00 37.92 ? 36  PRO A CB    1 
ATOM   259  C CG    . PRO A 1 36  ? 11.374  11.480  -4.727  1.00 31.10 ? 36  PRO A CG    1 
ATOM   260  C CD    . PRO A 1 36  ? 11.982  11.612  -3.341  1.00 35.13 ? 36  PRO A CD    1 
ATOM   261  N N     . THR A 1 37  ? 8.631   14.139  -4.704  1.00 38.34 ? 37  THR A N     1 
ATOM   262  C CA    . THR A 1 37  ? 7.190   14.073  -4.755  1.00 39.63 ? 37  THR A CA    1 
ATOM   263  C C     . THR A 1 37  ? 6.696   12.987  -5.697  1.00 42.75 ? 37  THR A C     1 
ATOM   264  O O     . THR A 1 37  ? 5.526   12.594  -5.612  1.00 33.84 ? 37  THR A O     1 
ATOM   265  C CB    . THR A 1 37  ? 6.646   15.439  -5.198  1.00 45.17 ? 37  THR A CB    1 
ATOM   266  O OG1   . THR A 1 37  ? 5.253   15.333  -5.507  1.00 54.39 ? 37  THR A OG1   1 
ATOM   267  C CG2   . THR A 1 37  ? 7.423   15.939  -6.424  1.00 46.69 ? 37  THR A CG2   1 
ATOM   268  N N     . VAL A 1 38  ? 7.560   12.497  -6.588  1.00 36.72 ? 38  VAL A N     1 
ATOM   269  C CA    . VAL A 1 38  ? 7.195   11.484  -7.565  1.00 32.69 ? 38  VAL A CA    1 
ATOM   270  C C     . VAL A 1 38  ? 8.129   10.298  -7.408  1.00 32.33 ? 38  VAL A C     1 
ATOM   271  O O     . VAL A 1 38  ? 9.331   10.459  -7.159  1.00 30.49 ? 38  VAL A O     1 
ATOM   272  C CB    . VAL A 1 38  ? 7.238   12.034  -9.008  1.00 39.73 ? 38  VAL A CB    1 
ATOM   273  C CG1   . VAL A 1 38  ? 6.129   13.064  -9.230  1.00 38.33 ? 38  VAL A CG1   1 
ATOM   274  C CG2   . VAL A 1 38  ? 8.577   12.659  -9.276  1.00 44.41 ? 38  VAL A CG2   1 
ATOM   275  N N     . PHE A 1 39  ? 7.577   9.100   -7.554  1.00 26.92 ? 39  PHE A N     1 
ATOM   276  C CA    . PHE A 1 39  ? 8.323   7.874   -7.328  1.00 21.96 ? 39  PHE A CA    1 
ATOM   277  C C     . PHE A 1 39  ? 8.220   7.015   -8.571  1.00 27.64 ? 39  PHE A C     1 
ATOM   278  O O     . PHE A 1 39  ? 7.176   6.405   -8.827  1.00 24.05 ? 39  PHE A O     1 
ATOM   279  C CB    . PHE A 1 39  ? 7.801   7.136   -6.084  1.00 24.20 ? 39  PHE A CB    1 
ATOM   280  C CG    . PHE A 1 39  ? 8.011   7.914   -4.813  1.00 24.16 ? 39  PHE A CG    1 
ATOM   281  C CD1   . PHE A 1 39  ? 7.124   8.903   -4.439  1.00 26.48 ? 39  PHE A CD1   1 
ATOM   282  C CD2   . PHE A 1 39  ? 9.140   7.704   -4.038  1.00 26.92 ? 39  PHE A CD2   1 
ATOM   283  C CE1   . PHE A 1 39  ? 7.344   9.652   -3.291  1.00 26.64 ? 39  PHE A CE1   1 
ATOM   284  C CE2   . PHE A 1 39  ? 9.364   8.455   -2.898  1.00 23.36 ? 39  PHE A CE2   1 
ATOM   285  C CZ    . PHE A 1 39  ? 8.460   9.415   -2.523  1.00 22.88 ? 39  PHE A CZ    1 
ATOM   286  N N     . GLU A 1 40  ? 9.318   6.945   -9.321  1.00 24.95 ? 40  GLU A N     1 
ATOM   287  C CA    . GLU A 1 40  ? 9.400   6.113   -10.517 1.00 23.42 ? 40  GLU A CA    1 
ATOM   288  C C     . GLU A 1 40  ? 10.807  5.534   -10.550 1.00 28.33 ? 40  GLU A C     1 
ATOM   289  O O     . GLU A 1 40  ? 11.769  6.244   -10.865 1.00 26.68 ? 40  GLU A O     1 
ATOM   290  C CB    . GLU A 1 40  ? 9.082   6.917   -11.774 1.00 33.00 ? 40  GLU A CB    1 
ATOM   291  C CG    . GLU A 1 40  ? 7.706   7.554   -11.735 1.00 33.35 ? 40  GLU A CG    1 
ATOM   292  C CD    . GLU A 1 40  ? 7.146   7.857   -13.103 1.00 46.43 ? 40  GLU A CD    1 
ATOM   293  O OE1   . GLU A 1 40  ? 7.158   9.044   -13.494 1.00 49.28 ? 40  GLU A OE1   1 
ATOM   294  O OE2   . GLU A 1 40  ? 6.696   6.915   -13.787 1.00 51.33 ? 40  GLU A OE2   1 
ATOM   295  N N     . ASN A 1 41  ? 10.927  4.247   -10.205 1.00 25.85 ? 41  ASN A N     1 
ATOM   296  C CA    . ASN A 1 41  ? 12.222  3.595   -10.013 1.00 28.97 ? 41  ASN A CA    1 
ATOM   297  C C     . ASN A 1 41  ? 13.080  4.352   -8.994  1.00 27.38 ? 41  ASN A C     1 
ATOM   298  O O     . ASN A 1 41  ? 14.304  4.409   -9.127  1.00 25.67 ? 41  ASN A O     1 
ATOM   299  C CB    . ASN A 1 41  ? 12.976  3.427   -11.340 1.00 30.77 ? 41  ASN A CB    1 
ATOM   300  C CG    . ASN A 1 41  ? 14.003  2.292   -11.306 1.00 37.35 ? 41  ASN A CG    1 
ATOM   301  O OD1   . ASN A 1 41  ? 13.826  1.304   -10.596 1.00 40.01 ? 41  ASN A OD1   1 
ATOM   302  N ND2   . ASN A 1 41  ? 15.081  2.428   -12.084 1.00 38.42 ? 41  ASN A ND2   1 
ATOM   303  N N     . TYR A 1 42  ? 12.439  4.929   -7.973  1.00 24.76 ? 42  TYR A N     1 
ATOM   304  C CA    . TYR A 1 42  ? 13.155  5.547   -6.855  1.00 28.92 ? 42  TYR A CA    1 
ATOM   305  C C     . TYR A 1 42  ? 13.750  4.474   -5.945  1.00 31.21 ? 42  TYR A C     1 
ATOM   306  O O     . TYR A 1 42  ? 13.028  3.605   -5.449  1.00 27.78 ? 42  TYR A O     1 
ATOM   307  C CB    . TYR A 1 42  ? 12.190  6.434   -6.064  1.00 27.09 ? 42  TYR A CB    1 
ATOM   308  C CG    . TYR A 1 42  ? 12.777  7.057   -4.821  1.00 32.31 ? 42  TYR A CG    1 
ATOM   309  C CD1   . TYR A 1 42  ? 12.835  6.348   -3.622  1.00 30.94 ? 42  TYR A CD1   1 
ATOM   310  C CD2   . TYR A 1 42  ? 13.268  8.350   -4.837  1.00 32.87 ? 42  TYR A CD2   1 
ATOM   311  C CE1   . TYR A 1 42  ? 13.368  6.901   -2.492  1.00 30.17 ? 42  TYR A CE1   1 
ATOM   312  C CE2   . TYR A 1 42  ? 13.818  8.914   -3.704  1.00 32.77 ? 42  TYR A CE2   1 
ATOM   313  C CZ    . TYR A 1 42  ? 13.857  8.187   -2.535  1.00 34.36 ? 42  TYR A CZ    1 
ATOM   314  O OH    . TYR A 1 42  ? 14.383  8.753   -1.407  1.00 34.26 ? 42  TYR A OH    1 
ATOM   315  N N     . VAL A 1 43  ? 15.062  4.516   -5.692  1.00 25.58 ? 43  VAL A N     1 
ATOM   316  C CA    . VAL A 1 43  ? 15.689  3.408   -4.971  1.00 26.33 ? 43  VAL A CA    1 
ATOM   317  C C     . VAL A 1 43  ? 15.868  3.780   -3.510  1.00 35.40 ? 43  VAL A C     1 
ATOM   318  O O     . VAL A 1 43  ? 16.477  4.804   -3.177  1.00 32.32 ? 43  VAL A O     1 
ATOM   319  C CB    . VAL A 1 43  ? 17.002  2.956   -5.615  1.00 31.76 ? 43  VAL A CB    1 
ATOM   320  C CG1   . VAL A 1 43  ? 17.761  2.002   -4.676  1.00 33.90 ? 43  VAL A CG1   1 
ATOM   321  C CG2   . VAL A 1 43  ? 16.663  2.203   -6.871  1.00 36.17 ? 43  VAL A CG2   1 
ATOM   322  N N     . ALA A 1 44  ? 15.298  2.946   -2.642  1.00 31.61 ? 44  ALA A N     1 
ATOM   323  C CA    . ALA A 1 44  ? 15.403  3.071   -1.200  1.00 33.68 ? 44  ALA A CA    1 
ATOM   324  C C     . ALA A 1 44  ? 16.095  1.832   -0.664  1.00 38.87 ? 44  ALA A C     1 
ATOM   325  O O     . ALA A 1 44  ? 15.824  0.714   -1.112  1.00 41.43 ? 44  ALA A O     1 
ATOM   326  C CB    . ALA A 1 44  ? 14.026  3.225   -0.548  1.00 37.13 ? 44  ALA A CB    1 
ATOM   327  N N     . ASP A 1 45  ? 17.002  2.021   0.279   1.00 38.84 ? 45  ASP A N     1 
ATOM   328  C CA    . ASP A 1 45  ? 17.702  0.883   0.843   1.00 42.83 ? 45  ASP A CA    1 
ATOM   329  C C     . ASP A 1 45  ? 17.001  0.446   2.118   1.00 41.60 ? 45  ASP A C     1 
ATOM   330  O O     . ASP A 1 45  ? 16.449  1.268   2.855   1.00 47.10 ? 45  ASP A O     1 
ATOM   331  C CB    . ASP A 1 45  ? 19.167  1.229   1.082   1.00 44.74 ? 45  ASP A CB    1 
ATOM   332  C CG    . ASP A 1 45  ? 19.828  1.710   -0.176  1.00 45.21 ? 45  ASP A CG    1 
ATOM   333  O OD1   . ASP A 1 45  ? 20.119  0.856   -1.050  1.00 44.83 ? 45  ASP A OD1   1 
ATOM   334  O OD2   . ASP A 1 45  ? 19.992  2.940   -0.326  1.00 48.70 ? 45  ASP A OD2   1 
ATOM   335  N N     . ILE A 1 46  ? 16.952  -0.863  2.329   1.00 42.90 ? 46  ILE A N     1 
ATOM   336  C CA    . ILE A 1 46  ? 16.315  -1.408  3.516   1.00 43.25 ? 46  ILE A CA    1 
ATOM   337  C C     . ILE A 1 46  ? 17.026  -2.704  3.875   1.00 43.47 ? 46  ILE A C     1 
ATOM   338  O O     . ILE A 1 46  ? 17.483  -3.447  3.000   1.00 45.31 ? 46  ILE A O     1 
ATOM   339  C CB    . ILE A 1 46  ? 14.796  -1.614  3.304   1.00 43.43 ? 46  ILE A CB    1 
ATOM   340  C CG1   . ILE A 1 46  ? 14.119  -1.976  4.623   1.00 43.79 ? 46  ILE A CG1   1 
ATOM   341  C CG2   . ILE A 1 46  ? 14.515  -2.703  2.263   1.00 36.41 ? 46  ILE A CG2   1 
ATOM   342  C CD1   . ILE A 1 46  ? 12.591  -2.073  4.520   1.00 46.49 ? 46  ILE A CD1   1 
ATOM   343  N N     . GLU A 1 47  ? 17.168  -2.944  5.170   1.00 42.43 ? 47  GLU A N     1 
ATOM   344  C CA    . GLU A 1 47  ? 17.648  -4.222  5.663   1.00 48.19 ? 47  GLU A CA    1 
ATOM   345  C C     . GLU A 1 47  ? 16.479  -4.898  6.356   1.00 40.98 ? 47  GLU A C     1 
ATOM   346  O O     . GLU A 1 47  ? 15.874  -4.327  7.268   1.00 44.22 ? 47  GLU A O     1 
ATOM   347  C CB    . GLU A 1 47  ? 18.833  -4.067  6.613   1.00 51.65 ? 47  GLU A CB    1 
ATOM   348  C CG    . GLU A 1 47  ? 19.757  -5.279  6.583   1.00 52.84 ? 47  GLU A CG    1 
ATOM   349  C CD    . GLU A 1 47  ? 20.675  -5.355  7.788   1.00 57.02 ? 47  GLU A CD    1 
ATOM   350  O OE1   . GLU A 1 47  ? 21.260  -6.434  8.023   1.00 57.58 ? 47  GLU A OE1   1 
ATOM   351  O OE2   . GLU A 1 47  ? 20.803  -4.339  8.502   1.00 61.55 ? 47  GLU A OE2   1 
ATOM   352  N N     . VAL A 1 48  ? 16.131  -6.083  5.894   1.00 43.09 ? 48  VAL A N     1 
ATOM   353  C CA    . VAL A 1 48  ? 15.077  -6.866  6.513   1.00 49.44 ? 48  VAL A CA    1 
ATOM   354  C C     . VAL A 1 48  ? 15.658  -8.231  6.833   1.00 47.14 ? 48  VAL A C     1 
ATOM   355  O O     . VAL A 1 48  ? 16.303  -8.857  5.979   1.00 51.08 ? 48  VAL A O     1 
ATOM   356  C CB    . VAL A 1 48  ? 13.828  -6.956  5.616   1.00 44.78 ? 48  VAL A CB    1 
ATOM   357  C CG1   . VAL A 1 48  ? 13.393  -5.570  5.229   1.00 38.60 ? 48  VAL A CG1   1 
ATOM   358  C CG2   . VAL A 1 48  ? 14.102  -7.769  4.375   1.00 47.12 ? 48  VAL A CG2   1 
ATOM   359  N N     . ASP A 1 49  ? 15.461  -8.667  8.075   1.00 54.48 ? 49  ASP A N     1 
ATOM   360  C CA    . ASP A 1 49  ? 16.097  -9.881  8.558   1.00 53.58 ? 49  ASP A CA    1 
ATOM   361  C C     . ASP A 1 49  ? 17.596  -9.754  8.310   1.00 57.01 ? 49  ASP A C     1 
ATOM   362  O O     . ASP A 1 49  ? 18.235  -8.844  8.850   1.00 55.16 ? 49  ASP A O     1 
ATOM   363  C CB    . ASP A 1 49  ? 15.471  -11.105 7.879   1.00 53.99 ? 49  ASP A CB    1 
ATOM   364  C CG    . ASP A 1 49  ? 13.948  -11.113 8.003   1.00 52.72 ? 49  ASP A CG    1 
ATOM   365  O OD1   . ASP A 1 49  ? 13.441  -10.503 8.982   1.00 47.48 ? 49  ASP A OD1   1 
ATOM   366  O OD2   . ASP A 1 49  ? 13.269  -11.710 7.125   1.00 44.54 ? 49  ASP A OD2   1 
ATOM   367  N N     . GLY A 1 50  ? 18.160  -10.603 7.457   1.00 55.94 ? 50  GLY A N     1 
ATOM   368  C CA    . GLY A 1 50  ? 19.590  -10.538 7.239   1.00 58.89 ? 50  GLY A CA    1 
ATOM   369  C C     . GLY A 1 50  ? 20.036  -9.566  6.166   1.00 60.86 ? 50  GLY A C     1 
ATOM   370  O O     . GLY A 1 50  ? 21.107  -8.961  6.275   1.00 63.66 ? 50  GLY A O     1 
ATOM   371  N N     . LYS A 1 51  ? 19.209  -9.380  5.143   1.00 56.63 ? 51  LYS A N     1 
ATOM   372  C CA    . LYS A 1 51  ? 19.674  -8.919  3.846   1.00 57.55 ? 51  LYS A CA    1 
ATOM   373  C C     . LYS A 1 51  ? 19.474  -7.418  3.647   1.00 53.69 ? 51  LYS A C     1 
ATOM   374  O O     . LYS A 1 51  ? 18.465  -6.843  4.065   1.00 52.53 ? 51  LYS A O     1 
ATOM   375  C CB    . LYS A 1 51  ? 18.967  -9.697  2.735   1.00 55.48 ? 51  LYS A CB    1 
ATOM   376  C CG    . LYS A 1 51  ? 19.042  -11.220 2.879   1.00 58.75 ? 51  LYS A CG    1 
ATOM   377  C CD    . LYS A 1 51  ? 17.739  -11.803 3.430   1.00 62.08 ? 51  LYS A CD    1 
ATOM   378  C CE    . LYS A 1 51  ? 17.568  -13.268 3.053   1.00 63.13 ? 51  LYS A CE    1 
ATOM   379  N NZ    . LYS A 1 51  ? 16.156  -13.707 3.243   1.00 65.47 ? 51  LYS A NZ    1 
ATOM   380  N N     . GLN A 1 52  ? 20.459  -6.787  3.008   1.00 52.30 ? 52  GLN A N     1 
ATOM   381  C CA    . GLN A 1 52  ? 20.330  -5.431  2.500   1.00 46.88 ? 52  GLN A CA    1 
ATOM   382  C C     . GLN A 1 52  ? 19.678  -5.495  1.126   1.00 39.37 ? 52  GLN A C     1 
ATOM   383  O O     . GLN A 1 52  ? 20.092  -6.286  0.272   1.00 43.56 ? 52  GLN A O     1 
ATOM   384  C CB    . GLN A 1 52  ? 21.699  -4.752  2.413   1.00 55.48 ? 52  GLN A CB    1 
ATOM   385  C CG    . GLN A 1 52  ? 22.336  -4.480  3.761   1.00 54.94 ? 52  GLN A CG    1 
ATOM   386  C CD    . GLN A 1 52  ? 21.805  -3.207  4.390   1.00 60.41 ? 52  GLN A CD    1 
ATOM   387  O OE1   . GLN A 1 52  ? 21.058  -2.458  3.757   1.00 57.15 ? 52  GLN A OE1   1 
ATOM   388  N NE2   . GLN A 1 52  ? 22.191  -2.950  5.641   1.00 61.98 ? 52  GLN A NE2   1 
ATOM   389  N N     . VAL A 1 53  ? 18.647  -4.688  0.922   1.00 42.06 ? 53  VAL A N     1 
ATOM   390  C CA    . VAL A 1 53  ? 17.853  -4.745  -0.299  1.00 37.79 ? 53  VAL A CA    1 
ATOM   391  C C     . VAL A 1 53  ? 17.735  -3.343  -0.872  1.00 30.02 ? 53  VAL A C     1 
ATOM   392  O O     . VAL A 1 53  ? 17.537  -2.371  -0.137  1.00 35.41 ? 53  VAL A O     1 
ATOM   393  C CB    . VAL A 1 53  ? 16.455  -5.356  -0.044  1.00 35.60 ? 53  VAL A CB    1 
ATOM   394  C CG1   . VAL A 1 53  ? 15.559  -5.265  -1.296  1.00 34.08 ? 53  VAL A CG1   1 
ATOM   395  C CG2   . VAL A 1 53  ? 16.588  -6.801  0.419   1.00 43.76 ? 53  VAL A CG2   1 
ATOM   396  N N     . GLU A 1 54  ? 17.852  -3.243  -2.185  1.00 29.10 ? 54  GLU A N     1 
ATOM   397  C CA    . GLU A 1 54  ? 17.536  -2.018  -2.906  1.00 37.14 ? 54  GLU A CA    1 
ATOM   398  C C     . GLU A 1 54  ? 16.102  -2.137  -3.414  1.00 32.04 ? 54  GLU A C     1 
ATOM   399  O O     . GLU A 1 54  ? 15.836  -2.897  -4.346  1.00 34.38 ? 54  GLU A O     1 
ATOM   400  C CB    . GLU A 1 54  ? 18.511  -1.807  -4.062  1.00 37.31 ? 54  GLU A CB    1 
ATOM   401  C CG    . GLU A 1 54  ? 19.958  -1.663  -3.616  1.00 39.87 ? 54  GLU A CG    1 
ATOM   402  C CD    . GLU A 1 54  ? 20.948  -1.760  -4.783  1.00 46.84 ? 54  GLU A CD    1 
ATOM   403  O OE1   . GLU A 1 54  ? 22.160  -1.643  -4.531  1.00 42.52 ? 54  GLU A OE1   1 
ATOM   404  O OE2   . GLU A 1 54  ? 20.516  -1.976  -5.940  1.00 43.00 ? 54  GLU A OE2   1 
ATOM   405  N N     . LEU A 1 55  ? 15.193  -1.376  -2.811  1.00 30.74 ? 55  LEU A N     1 
ATOM   406  C CA    . LEU A 1 55  ? 13.773  -1.389  -3.159  1.00 29.36 ? 55  LEU A CA    1 
ATOM   407  C C     . LEU A 1 55  ? 13.488  -0.237  -4.110  1.00 27.86 ? 55  LEU A C     1 
ATOM   408  O O     . LEU A 1 55  ? 13.484  0.921   -3.690  1.00 35.38 ? 55  LEU A O     1 
ATOM   409  C CB    . LEU A 1 55  ? 12.911  -1.234  -1.910  1.00 28.28 ? 55  LEU A CB    1 
ATOM   410  C CG    . LEU A 1 55  ? 12.118  -2.348  -1.236  1.00 39.77 ? 55  LEU A CG    1 
ATOM   411  C CD1   . LEU A 1 55  ? 11.005  -1.681  -0.426  1.00 28.20 ? 55  LEU A CD1   1 
ATOM   412  C CD2   . LEU A 1 55  ? 11.543  -3.364  -2.209  1.00 29.59 ? 55  LEU A CD2   1 
ATOM   413  N N     . ALA A 1 56  ? 13.205  -0.551  -5.374  1.00 25.24 ? 56  ALA A N     1 
ATOM   414  C CA    . ALA A 1 56  ? 12.843  0.460   -6.358  1.00 28.00 ? 56  ALA A CA    1 
ATOM   415  C C     . ALA A 1 56  ? 11.340  0.719   -6.308  1.00 29.59 ? 56  ALA A C     1 
ATOM   416  O O     . ALA A 1 56  ? 10.537  -0.192  -6.577  1.00 31.08 ? 56  ALA A O     1 
ATOM   417  C CB    . ALA A 1 56  ? 13.284  -0.005  -7.744  1.00 29.95 ? 56  ALA A CB    1 
ATOM   418  N N     . LEU A 1 57  ? 10.961  1.959   -5.986  1.00 26.13 ? 57  LEU A N     1 
ATOM   419  C CA    . LEU A 1 57  ? 9.579   2.337   -5.713  1.00 22.57 ? 57  LEU A CA    1 
ATOM   420  C C     . LEU A 1 57  ? 8.938   2.945   -6.956  1.00 28.30 ? 57  LEU A C     1 
ATOM   421  O O     . LEU A 1 57  ? 9.508   3.859   -7.575  1.00 27.51 ? 57  LEU A O     1 
ATOM   422  C CB    . LEU A 1 57  ? 9.499   3.343   -4.559  1.00 21.82 ? 57  LEU A CB    1 
ATOM   423  C CG    . LEU A 1 57  ? 10.272  2.969   -3.282  1.00 23.83 ? 57  LEU A CG    1 
ATOM   424  C CD1   . LEU A 1 57  ? 10.095  4.049   -2.229  1.00 21.60 ? 57  LEU A CD1   1 
ATOM   425  C CD2   . LEU A 1 57  ? 9.809   1.622   -2.762  1.00 26.00 ? 57  LEU A CD2   1 
ATOM   426  N N     . TRP A 1 58  ? 7.738   2.470   -7.297  1.00 21.85 ? 58  TRP A N     1 
ATOM   427  C CA    . TRP A 1 58  ? 6.956   2.998   -8.414  1.00 23.22 ? 58  TRP A CA    1 
ATOM   428  C C     . TRP A 1 58  ? 5.561   3.345   -7.931  1.00 25.79 ? 58  TRP A C     1 
ATOM   429  O O     . TRP A 1 58  ? 4.815   2.449   -7.525  1.00 25.60 ? 58  TRP A O     1 
ATOM   430  C CB    . TRP A 1 58  ? 6.856   1.977   -9.545  1.00 23.08 ? 58  TRP A CB    1 
ATOM   431  C CG    . TRP A 1 58  ? 8.117   1.741   -10.308 1.00 32.47 ? 58  TRP A CG    1 
ATOM   432  C CD1   . TRP A 1 58  ? 9.165   0.935   -9.957  1.00 33.79 ? 58  TRP A CD1   1 
ATOM   433  C CD2   . TRP A 1 58  ? 8.443   2.290   -11.586 1.00 30.98 ? 58  TRP A CD2   1 
ATOM   434  N NE1   . TRP A 1 58  ? 10.146  0.985   -10.927 1.00 35.72 ? 58  TRP A NE1   1 
ATOM   435  C CE2   . TRP A 1 58  ? 9.715   1.784   -11.951 1.00 36.94 ? 58  TRP A CE2   1 
ATOM   436  C CE3   . TRP A 1 58  ? 7.790   3.164   -12.455 1.00 34.73 ? 58  TRP A CE3   1 
ATOM   437  C CZ2   . TRP A 1 58  ? 10.340  2.127   -13.148 1.00 37.06 ? 58  TRP A CZ2   1 
ATOM   438  C CZ3   . TRP A 1 58  ? 8.420   3.505   -13.654 1.00 37.74 ? 58  TRP A CZ3   1 
ATOM   439  C CH2   . TRP A 1 58  ? 9.678   2.991   -13.980 1.00 36.07 ? 58  TRP A CH2   1 
ATOM   440  N N     . ASP A 1 59  ? 5.175   4.616   -8.050  1.00 23.55 ? 59  ASP A N     1 
ATOM   441  C CA    . ASP A 1 59  ? 3.846   5.068   -7.662  1.00 29.39 ? 59  ASP A CA    1 
ATOM   442  C C     . ASP A 1 59  ? 3.003   5.361   -8.891  1.00 39.08 ? 59  ASP A C     1 
ATOM   443  O O     . ASP A 1 59  ? 3.462   5.989   -9.851  1.00 34.77 ? 59  ASP A O     1 
ATOM   444  C CB    . ASP A 1 59  ? 3.929   6.314   -6.785  1.00 28.12 ? 59  ASP A CB    1 
ATOM   445  C CG    . ASP A 1 59  ? 2.573   6.854   -6.364  1.00 31.52 ? 59  ASP A CG    1 
ATOM   446  O OD1   . ASP A 1 59  ? 1.545   6.236   -6.628  1.00 37.67 ? 59  ASP A OD1   1 
ATOM   447  O OD2   . ASP A 1 59  ? 2.549   7.941   -5.752  1.00 45.09 ? 59  ASP A OD2   1 
ATOM   448  N N     . THR A 1 60  ? 1.738   4.969   -8.806  1.00 40.10 ? 60  THR A N     1 
ATOM   449  C CA    . THR A 1 60  ? 0.785   5.140   -9.887  1.00 41.58 ? 60  THR A CA    1 
ATOM   450  C C     . THR A 1 60  ? -0.173  6.303   -9.644  1.00 46.41 ? 60  THR A C     1 
ATOM   451  O O     . THR A 1 60  ? -1.249  6.346   -10.249 1.00 45.65 ? 60  THR A O     1 
ATOM   452  C CB    . THR A 1 60  ? 0.010   3.838   -10.079 1.00 42.60 ? 60  THR A CB    1 
ATOM   453  O OG1   . THR A 1 60  ? -0.671  3.547   -8.855  1.00 32.88 ? 60  THR A OG1   1 
ATOM   454  C CG2   . THR A 1 60  ? 0.973   2.682   -10.416 1.00 36.01 ? 60  THR A CG2   1 
ATOM   455  N N     . ALA A 1 61  ? 0.183   7.239   -8.761  1.00 47.68 ? 61  ALA A N     1 
ATOM   456  C CA    . ALA A 1 61  ? -0.665  8.410   -8.557  1.00 50.87 ? 61  ALA A CA    1 
ATOM   457  C C     . ALA A 1 61  ? -0.706  9.251   -9.829  1.00 55.25 ? 61  ALA A C     1 
ATOM   458  O O     . ALA A 1 61  ? 0.312   9.439   -10.503 1.00 54.79 ? 61  ALA A O     1 
ATOM   459  C CB    . ALA A 1 61  ? -0.164  9.243   -7.372  1.00 46.38 ? 61  ALA A CB    1 
ATOM   460  N N     . GLY A 1 62  ? -1.903  9.738   -10.170 1.00 56.21 ? 62  GLY A N     1 
ATOM   461  C CA    . GLY A 1 62  ? -2.137  10.390  -11.442 1.00 58.79 ? 62  GLY A CA    1 
ATOM   462  C C     . GLY A 1 62  ? -2.417  9.463   -12.613 1.00 60.88 ? 62  GLY A C     1 
ATOM   463  O O     . GLY A 1 62  ? -2.870  9.940   -13.661 1.00 61.48 ? 62  GLY A O     1 
ATOM   464  N N     . GLN A 1 63  ? -2.159  8.161   -12.477 1.00 60.01 ? 63  GLN A N     1 
ATOM   465  C CA    . GLN A 1 63  ? -2.382  7.188   -13.542 1.00 59.50 ? 63  GLN A CA    1 
ATOM   466  C C     . GLN A 1 63  ? -3.328  6.074   -13.085 1.00 59.26 ? 63  GLN A C     1 
ATOM   467  O O     . GLN A 1 63  ? -3.262  4.947   -13.583 1.00 62.61 ? 63  GLN A O     1 
ATOM   468  C CB    . GLN A 1 63  ? -1.043  6.625   -14.034 1.00 60.17 ? 63  GLN A CB    1 
ATOM   469  C CG    . GLN A 1 63  ? 0.024   6.586   -12.938 1.00 54.62 ? 63  GLN A CG    1 
ATOM   470  C CD    . GLN A 1 63  ? 1.424   6.162   -13.378 1.00 59.21 ? 63  GLN A CD    1 
ATOM   471  O OE1   . GLN A 1 63  ? 1.795   4.985   -13.265 1.00 63.86 ? 63  GLN A OE1   1 
ATOM   472  N NE2   . GLN A 1 63  ? 2.230   7.130   -13.811 1.00 64.02 ? 63  GLN A NE2   1 
ATOM   473  N N     . GLU A 1 64  ? -4.222  6.385   -12.134 1.00 56.77 ? 64  GLU A N     1 
ATOM   474  C CA    . GLU A 1 64  ? -5.215  5.406   -11.687 1.00 54.26 ? 64  GLU A CA    1 
ATOM   475  C C     . GLU A 1 64  ? -6.257  5.138   -12.772 1.00 61.32 ? 64  GLU A C     1 
ATOM   476  O O     . GLU A 1 64  ? -6.693  3.994   -12.960 1.00 59.39 ? 64  GLU A O     1 
ATOM   477  C CB    . GLU A 1 64  ? -5.899  5.875   -10.392 1.00 51.23 ? 64  GLU A CB    1 
ATOM   478  C CG    . GLU A 1 64  ? -4.998  5.910   -9.134  1.00 40.55 ? 64  GLU A CG    1 
ATOM   479  C CD    . GLU A 1 64  ? -4.466  7.331   -8.836  1.00 51.39 ? 64  GLU A CD    1 
ATOM   480  O OE1   . GLU A 1 64  ? -4.705  8.231   -9.682  1.00 48.99 ? 64  GLU A OE1   1 
ATOM   481  O OE2   . GLU A 1 64  ? -3.830  7.552   -7.764  1.00 35.49 ? 64  GLU A OE2   1 
ATOM   482  N N     . ASP A 1 65  ? -6.671  6.179   -13.496 1.00 65.33 ? 65  ASP A N     1 
ATOM   483  C CA    . ASP A 1 65  ? -7.565  6.032   -14.635 1.00 63.24 ? 65  ASP A CA    1 
ATOM   484  C C     . ASP A 1 65  ? -6.801  5.773   -15.936 1.00 68.52 ? 65  ASP A C     1 
ATOM   485  O O     . ASP A 1 65  ? -7.345  6.002   -17.024 1.00 71.13 ? 65  ASP A O     1 
ATOM   486  C CB    . ASP A 1 65  ? -8.454  7.270   -14.767 1.00 61.67 ? 65  ASP A CB    1 
ATOM   487  C CG    . ASP A 1 65  ? -9.205  7.597   -13.479 1.00 62.06 ? 65  ASP A CG    1 
ATOM   488  O OD1   . ASP A 1 65  ? -9.278  8.798   -13.134 1.00 66.59 ? 65  ASP A OD1   1 
ATOM   489  O OD2   . ASP A 1 65  ? -9.729  6.669   -12.815 1.00 61.93 ? 65  ASP A OD2   1 
ATOM   490  N N     . TYR A 1 66  ? -5.561  5.295   -15.832 1.00 71.47 ? 66  TYR A N     1 
ATOM   491  C CA    . TYR A 1 66  ? -4.680  5.039   -16.972 1.00 73.09 ? 66  TYR A CA    1 
ATOM   492  C C     . TYR A 1 66  ? -4.457  6.331   -17.763 1.00 76.04 ? 66  TYR A C     1 
ATOM   493  O O     . TYR A 1 66  ? -3.974  7.331   -17.214 1.00 69.96 ? 66  TYR A O     1 
ATOM   494  C CB    . TYR A 1 66  ? -5.252  3.929   -17.868 1.00 76.86 ? 66  TYR A CB    1 
ATOM   495  C CG    . TYR A 1 66  ? -4.199  3.061   -18.530 1.00 79.18 ? 66  TYR A CG    1 
ATOM   496  C CD1   . TYR A 1 66  ? -2.865  3.464   -18.580 1.00 83.47 ? 66  TYR A CD1   1 
ATOM   497  C CD2   . TYR A 1 66  ? -4.536  1.836   -19.101 1.00 77.80 ? 66  TYR A CD2   1 
ATOM   498  C CE1   . TYR A 1 66  ? -1.895  2.676   -19.185 1.00 82.72 ? 66  TYR A CE1   1 
ATOM   499  C CE2   . TYR A 1 66  ? -3.575  1.039   -19.708 1.00 83.22 ? 66  TYR A CE2   1 
ATOM   500  C CZ    . TYR A 1 66  ? -2.253  1.464   -19.747 1.00 86.85 ? 66  TYR A CZ    1 
ATOM   501  O OH    . TYR A 1 66  ? -1.289  0.675   -20.346 1.00 79.60 ? 66  TYR A OH    1 
ATOM   502  N N     . PRO A 1 75  ? 12.398  -4.528  -15.076 1.00 63.11 ? 75  PRO A N     1 
ATOM   503  C CA    . PRO A 1 75  ? 11.050  -3.970  -15.246 1.00 58.40 ? 75  PRO A CA    1 
ATOM   504  C C     . PRO A 1 75  ? 9.978   -4.865  -14.632 1.00 60.36 ? 75  PRO A C     1 
ATOM   505  O O     . PRO A 1 75  ? 8.873   -4.407  -14.309 1.00 57.99 ? 75  PRO A O     1 
ATOM   506  C CB    . PRO A 1 75  ? 10.893  -3.894  -16.768 1.00 55.75 ? 75  PRO A CB    1 
ATOM   507  C CG    . PRO A 1 75  ? 11.784  -4.976  -17.289 1.00 57.98 ? 75  PRO A CG    1 
ATOM   508  C CD    . PRO A 1 75  ? 12.951  -5.047  -16.342 1.00 62.56 ? 75  PRO A CD    1 
ATOM   509  N N     . ASP A 1 76  ? 10.302  -6.145  -14.477 1.00 60.42 ? 76  ASP A N     1 
ATOM   510  C CA    . ASP A 1 76  ? 9.345   -7.070  -13.898 1.00 54.41 ? 76  ASP A CA    1 
ATOM   511  C C     . ASP A 1 76  ? 9.232   -6.832  -12.400 1.00 50.05 ? 76  ASP A C     1 
ATOM   512  O O     . ASP A 1 76  ? 10.233  -6.795  -11.677 1.00 48.66 ? 76  ASP A O     1 
ATOM   513  C CB    . ASP A 1 76  ? 9.743   -8.507  -14.202 1.00 61.13 ? 76  ASP A CB    1 
ATOM   514  C CG    . ASP A 1 76  ? 9.304   -8.930  -15.581 1.00 67.01 ? 76  ASP A CG    1 
ATOM   515  O OD1   . ASP A 1 76  ? 8.136   -8.648  -15.934 1.00 69.10 ? 76  ASP A OD1   1 
ATOM   516  O OD2   . ASP A 1 76  ? 10.125  -9.515  -16.320 1.00 74.41 ? 76  ASP A OD2   1 
ATOM   517  N N     . THR A 1 77  ? 7.998   -6.667  -11.953 1.00 45.83 ? 77  THR A N     1 
ATOM   518  C CA    . THR A 1 77  ? 7.690   -6.236  -10.601 1.00 40.18 ? 77  THR A CA    1 
ATOM   519  C C     . THR A 1 77  ? 7.877   -7.378  -9.615  1.00 37.42 ? 77  THR A C     1 
ATOM   520  O O     . THR A 1 77  ? 7.599   -8.536  -9.928  1.00 37.82 ? 77  THR A O     1 
ATOM   521  C CB    . THR A 1 77  ? 6.251   -5.729  -10.570 1.00 36.38 ? 77  THR A CB    1 
ATOM   522  O OG1   . THR A 1 77  ? 6.113   -4.667  -11.527 1.00 41.40 ? 77  THR A OG1   1 
ATOM   523  C CG2   . THR A 1 77  ? 5.866   -5.255  -9.180  1.00 30.90 ? 77  THR A CG2   1 
ATOM   524  N N     . ASP A 1 78  ? 8.356   -7.055  -8.414  1.00 32.18 ? 78  ASP A N     1 
ATOM   525  C CA    . ASP A 1 78  ? 8.565   -8.098  -7.421  1.00 31.09 ? 78  ASP A CA    1 
ATOM   526  C C     . ASP A 1 78  ? 7.516   -8.135  -6.317  1.00 31.27 ? 78  ASP A C     1 
ATOM   527  O O     . ASP A 1 78  ? 7.338   -9.187  -5.696  1.00 30.13 ? 78  ASP A O     1 
ATOM   528  C CB    . ASP A 1 78  ? 9.946   -7.961  -6.788  1.00 31.33 ? 78  ASP A CB    1 
ATOM   529  C CG    . ASP A 1 78  ? 11.057  -8.126  -7.807  1.00 34.79 ? 78  ASP A CG    1 
ATOM   530  O OD1   . ASP A 1 78  ? 11.193  -9.234  -8.355  1.00 37.27 ? 78  ASP A OD1   1 
ATOM   531  O OD2   . ASP A 1 78  ? 11.770  -7.145  -8.078  1.00 35.48 ? 78  ASP A OD2   1 
ATOM   532  N N     . VAL A 1 79  ? 6.843   -7.024  -6.024  1.00 26.56 ? 79  VAL A N     1 
ATOM   533  C CA    . VAL A 1 79  ? 5.819   -7.010  -4.978  1.00 25.00 ? 79  VAL A CA    1 
ATOM   534  C C     . VAL A 1 79  ? 4.900   -5.829  -5.248  1.00 27.39 ? 79  VAL A C     1 
ATOM   535  O O     . VAL A 1 79  ? 5.333   -4.787  -5.747  1.00 24.92 ? 79  VAL A O     1 
ATOM   536  C CB    . VAL A 1 79  ? 6.445   -6.960  -3.557  1.00 25.82 ? 79  VAL A CB    1 
ATOM   537  C CG1   . VAL A 1 79  ? 7.292   -5.689  -3.334  1.00 21.63 ? 79  VAL A CG1   1 
ATOM   538  C CG2   . VAL A 1 79  ? 5.379   -7.059  -2.486  1.00 22.94 ? 79  VAL A CG2   1 
ATOM   539  N N     . ILE A 1 80  ? 3.616   -6.001  -4.940  1.00 24.38 ? 80  ILE A N     1 
ATOM   540  C CA    . ILE A 1 80  ? 2.606   -4.965  -5.132  1.00 23.70 ? 80  ILE A CA    1 
ATOM   541  C C     . ILE A 1 80  ? 2.049   -4.573  -3.775  1.00 22.09 ? 80  ILE A C     1 
ATOM   542  O O     . ILE A 1 80  ? 1.647   -5.441  -2.987  1.00 22.47 ? 80  ILE A O     1 
ATOM   543  C CB    . ILE A 1 80  ? 1.472   -5.456  -6.054  1.00 25.64 ? 80  ILE A CB    1 
ATOM   544  C CG1   . ILE A 1 80  ? 2.022   -5.738  -7.452  1.00 29.64 ? 80  ILE A CG1   1 
ATOM   545  C CG2   . ILE A 1 80  ? 0.301   -4.454  -6.072  1.00 21.82 ? 80  ILE A CG2   1 
ATOM   546  C CD1   . ILE A 1 80  ? 1.252   -6.843  -8.186  1.00 37.05 ? 80  ILE A CD1   1 
ATOM   547  N N     . LEU A 1 81  ? 2.048   -3.274  -3.490  1.00 21.08 ? 81  LEU A N     1 
ATOM   548  C CA    . LEU A 1 81  ? 1.268   -2.724  -2.392  1.00 20.67 ? 81  LEU A CA    1 
ATOM   549  C C     . LEU A 1 81  ? -0.058  -2.280  -2.995  1.00 23.09 ? 81  LEU A C     1 
ATOM   550  O O     . LEU A 1 81  ? -0.080  -1.419  -3.882  1.00 21.65 ? 81  LEU A O     1 
ATOM   551  C CB    . LEU A 1 81  ? 1.972   -1.546  -1.717  1.00 19.71 ? 81  LEU A CB    1 
ATOM   552  C CG    . LEU A 1 81  ? 3.244   -1.793  -0.897  1.00 24.97 ? 81  LEU A CG    1 
ATOM   553  C CD1   . LEU A 1 81  ? 3.650   -0.526  -0.137  1.00 22.80 ? 81  LEU A CD1   1 
ATOM   554  C CD2   . LEU A 1 81  ? 3.086   -2.951  0.051   1.00 22.89 ? 81  LEU A CD2   1 
ATOM   555  N N     . MET A 1 82  ? -1.148  -2.899  -2.569  1.00 19.66 ? 82  MET A N     1 
ATOM   556  C CA    . MET A 1 82  ? -2.462  -2.579  -3.108  1.00 21.83 ? 82  MET A CA    1 
ATOM   557  C C     . MET A 1 82  ? -3.216  -1.899  -1.980  1.00 23.19 ? 82  MET A C     1 
ATOM   558  O O     . MET A 1 82  ? -3.478  -2.518  -0.943  1.00 24.36 ? 82  MET A O     1 
ATOM   559  C CB    . MET A 1 82  ? -3.170  -3.831  -3.610  1.00 23.04 ? 82  MET A CB    1 
ATOM   560  C CG    . MET A 1 82  ? -4.513  -3.550  -4.277  1.00 25.00 ? 82  MET A CG    1 
ATOM   561  S SD    . MET A 1 82  ? -5.299  -5.120  -4.755  1.00 27.81 ? 82  MET A SD    1 
ATOM   562  C CE    . MET A 1 82  ? -4.271  -5.650  -6.100  1.00 23.78 ? 82  MET A CE    1 
ATOM   563  N N     . VAL A 1 83  ? -3.537  -0.623  -2.164  1.00 20.12 ? 83  VAL A N     1 
ATOM   564  C CA    . VAL A 1 83  ? -3.972  0.231   -1.070  1.00 20.80 ? 83  VAL A CA    1 
ATOM   565  C C     . VAL A 1 83  ? -5.437  0.604   -1.245  1.00 28.28 ? 83  VAL A C     1 
ATOM   566  O O     . VAL A 1 83  ? -5.874  0.969   -2.346  1.00 23.89 ? 83  VAL A O     1 
ATOM   567  C CB    . VAL A 1 83  ? -3.097  1.494   -0.987  1.00 23.47 ? 83  VAL A CB    1 
ATOM   568  C CG1   . VAL A 1 83  ? -3.398  2.242   0.293   1.00 23.13 ? 83  VAL A CG1   1 
ATOM   569  C CG2   . VAL A 1 83  ? -1.587  1.107   -1.058  1.00 20.92 ? 83  VAL A CG2   1 
ATOM   570  N N     . PHE A 1 84  ? -6.193  0.513   -0.152  1.00 24.99 ? 84  PHE A N     1 
ATOM   571  C CA    . PHE A 1 84  ? -7.476  1.207   -0.024  1.00 30.56 ? 84  PHE A CA    1 
ATOM   572  C C     . PHE A 1 84  ? -7.418  2.084   1.220   1.00 30.42 ? 84  PHE A C     1 
ATOM   573  O O     . PHE A 1 84  ? -6.445  2.066   1.980   1.00 26.06 ? 84  PHE A O     1 
ATOM   574  C CB    . PHE A 1 84  ? -8.666  0.221   0.056   1.00 26.08 ? 84  PHE A CB    1 
ATOM   575  C CG    . PHE A 1 84  ? -8.705  -0.583  1.334   1.00 30.99 ? 84  PHE A CG    1 
ATOM   576  C CD1   . PHE A 1 84  ? -8.052  -1.806  1.424   1.00 27.53 ? 84  PHE A CD1   1 
ATOM   577  C CD2   . PHE A 1 84  ? -9.393  -0.109  2.444   1.00 30.22 ? 84  PHE A CD2   1 
ATOM   578  C CE1   . PHE A 1 84  ? -8.094  -2.560  2.608   1.00 28.68 ? 84  PHE A CE1   1 
ATOM   579  C CE2   . PHE A 1 84  ? -9.419  -0.833  3.632   1.00 33.30 ? 84  PHE A CE2   1 
ATOM   580  C CZ    . PHE A 1 84  ? -8.769  -2.060  3.713   1.00 30.92 ? 84  PHE A CZ    1 
ATOM   581  N N     . SER A 1 85  ? -8.454  2.897   1.416   1.00 29.72 ? 85  SER A N     1 
ATOM   582  C CA    . SER A 1 85  ? -8.520  3.771   2.573   1.00 33.11 ? 85  SER A CA    1 
ATOM   583  C C     . SER A 1 85  ? -9.634  3.326   3.512   1.00 34.58 ? 85  SER A C     1 
ATOM   584  O O     . SER A 1 85  ? -10.750 3.037   3.069   1.00 33.90 ? 85  SER A O     1 
ATOM   585  C CB    . SER A 1 85  ? -8.744  5.219   2.154   1.00 33.11 ? 85  SER A CB    1 
ATOM   586  O OG    . SER A 1 85  ? -9.001  5.979   3.305   1.00 38.94 ? 85  SER A OG    1 
ATOM   587  N N     . ILE A 1 86  ? -9.324  3.280   4.811   1.00 36.50 ? 86  ILE A N     1 
ATOM   588  C CA    . ILE A 1 86  ? -10.319 2.892   5.817   1.00 41.58 ? 86  ILE A CA    1 
ATOM   589  C C     . ILE A 1 86  ? -11.501 3.864   5.831   1.00 42.82 ? 86  ILE A C     1 
ATOM   590  O O     . ILE A 1 86  ? -12.622 3.482   6.191   1.00 46.12 ? 86  ILE A O     1 
ATOM   591  C CB    . ILE A 1 86  ? -9.658  2.786   7.214   1.00 43.78 ? 86  ILE A CB    1 
ATOM   592  C CG1   . ILE A 1 86  ? -8.498  1.802   7.195   1.00 39.86 ? 86  ILE A CG1   1 
ATOM   593  C CG2   . ILE A 1 86  ? -10.638 2.315   8.281   1.00 43.50 ? 86  ILE A CG2   1 
ATOM   594  C CD1   . ILE A 1 86  ? -8.896  0.448   6.827   1.00 40.46 ? 86  ILE A CD1   1 
ATOM   595  N N     . ASP A 1 87  ? -11.285 5.127   5.455   1.00 40.35 ? 87  ASP A N     1 
ATOM   596  C CA    . ASP A 1 87  ? -12.377 6.097   5.428   1.00 43.42 ? 87  ASP A CA    1 
ATOM   597  C C     . ASP A 1 87  ? -13.159 6.071   4.115   1.00 41.37 ? 87  ASP A C     1 
ATOM   598  O O     . ASP A 1 87  ? -13.903 7.017   3.824   1.00 46.92 ? 87  ASP A O     1 
ATOM   599  C CB    . ASP A 1 87  ? -11.852 7.511   5.735   1.00 43.64 ? 87  ASP A CB    1 
ATOM   600  C CG    . ASP A 1 87  ? -11.288 8.248   4.515   1.00 41.96 ? 87  ASP A CG    1 
ATOM   601  O OD1   . ASP A 1 87  ? -10.913 7.632   3.492   1.00 44.11 ? 87  ASP A OD1   1 
ATOM   602  O OD2   . ASP A 1 87  ? -11.205 9.486   4.592   1.00 42.46 ? 87  ASP A OD2   1 
ATOM   603  N N     . SER A 1 88  ? -13.020 5.010   3.321   1.00 39.68 ? 88  SER A N     1 
ATOM   604  C CA    . SER A 1 88  ? -13.616 4.970   1.987   1.00 38.17 ? 88  SER A CA    1 
ATOM   605  C C     . SER A 1 88  ? -13.955 3.535   1.643   1.00 39.05 ? 88  SER A C     1 
ATOM   606  O O     . SER A 1 88  ? -13.174 2.831   0.990   1.00 38.85 ? 88  SER A O     1 
ATOM   607  C CB    . SER A 1 88  ? -12.693 5.585   0.937   1.00 42.11 ? 88  SER A CB    1 
ATOM   608  O OG    . SER A 1 88  ? -13.250 5.540   -0.367  1.00 39.26 ? 88  SER A OG    1 
ATOM   609  N N     . PRO A 1 89  ? -15.129 3.057   2.069   1.00 38.62 ? 89  PRO A N     1 
ATOM   610  C CA    . PRO A 1 89  ? -15.574 1.734   1.622   1.00 32.26 ? 89  PRO A CA    1 
ATOM   611  C C     . PRO A 1 89  ? -15.602 1.593   0.110   1.00 30.90 ? 89  PRO A C     1 
ATOM   612  O O     . PRO A 1 89  ? -15.396 0.487   -0.411  1.00 36.32 ? 89  PRO A O     1 
ATOM   613  C CB    . PRO A 1 89  ? -16.975 1.618   2.242   1.00 44.79 ? 89  PRO A CB    1 
ATOM   614  C CG    . PRO A 1 89  ? -16.891 2.456   3.469   1.00 43.59 ? 89  PRO A CG    1 
ATOM   615  C CD    . PRO A 1 89  ? -16.045 3.637   3.065   1.00 43.21 ? 89  PRO A CD    1 
ATOM   616  N N     . ASP A 1 90  ? -15.846 2.685   -0.615  1.00 33.62 ? 90  ASP A N     1 
ATOM   617  C CA    . ASP A 1 90  ? -15.736 2.639   -2.066  1.00 32.94 ? 90  ASP A CA    1 
ATOM   618  C C     . ASP A 1 90  ? -14.342 2.196   -2.504  1.00 32.67 ? 90  ASP A C     1 
ATOM   619  O O     . ASP A 1 90  ? -14.204 1.430   -3.460  1.00 29.64 ? 90  ASP A O     1 
ATOM   620  C CB    . ASP A 1 90  ? -16.059 4.000   -2.660  1.00 30.12 ? 90  ASP A CB    1 
ATOM   621  C CG    . ASP A 1 90  ? -17.528 4.398   -2.472  1.00 42.57 ? 90  ASP A CG    1 
ATOM   622  O OD1   . ASP A 1 90  ? -18.364 3.544   -2.107  1.00 39.71 ? 90  ASP A OD1   1 
ATOM   623  O OD2   . ASP A 1 90  ? -17.832 5.580   -2.704  1.00 45.04 ? 90  ASP A OD2   1 
ATOM   624  N N     . SER A 1 91  ? -13.295 2.681   -1.826  1.00 31.00 ? 91  SER A N     1 
ATOM   625  C CA    . SER A 1 91  ? -11.946 2.304   -2.249  1.00 29.83 ? 91  SER A CA    1 
ATOM   626  C C     . SER A 1 91  ? -11.673 0.830   -1.981  1.00 28.66 ? 91  SER A C     1 
ATOM   627  O O     . SER A 1 91  ? -10.914 0.194   -2.723  1.00 26.50 ? 91  SER A O     1 
ATOM   628  C CB    . SER A 1 91  ? -10.909 3.196   -1.565  1.00 28.23 ? 91  SER A CB    1 
ATOM   629  O OG    . SER A 1 91  ? -10.762 2.867   -0.201  1.00 30.43 ? 91  SER A OG    1 
ATOM   630  N N     . LEU A 1 92  ? -12.278 0.264   -0.930  1.00 30.39 ? 92  LEU A N     1 
ATOM   631  C CA    . LEU A 1 92  ? -12.143 -1.170  -0.692  1.00 33.04 ? 92  LEU A CA    1 
ATOM   632  C C     . LEU A 1 92  ? -12.872 -1.979  -1.761  1.00 33.91 ? 92  LEU A C     1 
ATOM   633  O O     . LEU A 1 92  ? -12.350 -2.998  -2.231  1.00 28.36 ? 92  LEU A O     1 
ATOM   634  C CB    . LEU A 1 92  ? -12.652 -1.533  0.714   1.00 34.05 ? 92  LEU A CB    1 
ATOM   635  C CG    . LEU A 1 92  ? -12.697 -3.028  1.068   1.00 37.65 ? 92  LEU A CG    1 
ATOM   636  C CD1   . LEU A 1 92  ? -11.308 -3.718  1.024   1.00 32.38 ? 92  LEU A CD1   1 
ATOM   637  C CD2   . LEU A 1 92  ? -13.366 -3.265  2.419   1.00 39.87 ? 92  LEU A CD2   1 
ATOM   638  N N     . GLU A 1 93  ? -14.073 -1.540  -2.180  1.00 30.75 ? 93  GLU A N     1 
ATOM   639  C CA    . GLU A 1 93  ? -14.783 -2.313  -3.202  1.00 34.62 ? 93  GLU A CA    1 
ATOM   640  C C     . GLU A 1 93  ? -14.005 -2.332  -4.509  1.00 27.51 ? 93  GLU A C     1 
ATOM   641  O O     . GLU A 1 93  ? -14.065 -3.314  -5.252  1.00 30.80 ? 93  GLU A O     1 
ATOM   642  C CB    . GLU A 1 93  ? -16.205 -1.774  -3.438  1.00 34.18 ? 93  GLU A CB    1 
ATOM   643  C CG    . GLU A 1 93  ? -17.044 -2.688  -4.336  1.00 43.34 ? 93  GLU A CG    1 
ATOM   644  C CD    . GLU A 1 93  ? -18.349 -2.051  -4.841  1.00 52.41 ? 93  GLU A CD    1 
ATOM   645  O OE1   . GLU A 1 93  ? -18.887 -2.528  -5.870  1.00 52.07 ? 93  GLU A OE1   1 
ATOM   646  O OE2   . GLU A 1 93  ? -18.833 -1.079  -4.219  1.00 50.46 ? 93  GLU A OE2   1 
ATOM   647  N N     . ASN A 1 94  ? -13.224 -1.284  -4.786  1.00 32.28 ? 94  ASN A N     1 
ATOM   648  C CA    . ASN A 1 94  ? -12.414 -1.314  -5.999  1.00 27.43 ? 94  ASN A CA    1 
ATOM   649  C C     . ASN A 1 94  ? -11.251 -2.298  -5.937  1.00 25.88 ? 94  ASN A C     1 
ATOM   650  O O     . ASN A 1 94  ? -10.639 -2.565  -6.974  1.00 28.44 ? 94  ASN A O     1 
ATOM   651  C CB    . ASN A 1 94  ? -11.930 0.097   -6.317  1.00 28.76 ? 94  ASN A CB    1 
ATOM   652  C CG    . ASN A 1 94  ? -12.950 0.853   -7.152  1.00 40.17 ? 94  ASN A CG    1 
ATOM   653  O OD1   . ASN A 1 94  ? -13.637 0.238   -7.970  1.00 40.14 ? 94  ASN A OD1   1 
ATOM   654  N ND2   . ASN A 1 94  ? -13.081 2.164   -6.935  1.00 33.90 ? 94  ASN A ND2   1 
ATOM   655  N N     . ILE A 1 95  ? -10.942 -2.856  -4.772  1.00 29.09 ? 95  ILE A N     1 
ATOM   656  C CA    . ILE A 1 95  ? -9.877  -3.854  -4.670  1.00 27.15 ? 95  ILE A CA    1 
ATOM   657  C C     . ILE A 1 95  ? -10.235 -5.080  -5.508  1.00 29.92 ? 95  ILE A C     1 
ATOM   658  O O     . ILE A 1 95  ? -9.480  -5.426  -6.431  1.00 28.82 ? 95  ILE A O     1 
ATOM   659  C CB    . ILE A 1 95  ? -9.590  -4.199  -3.196  1.00 25.04 ? 95  ILE A CB    1 
ATOM   660  C CG1   . ILE A 1 95  ? -9.021  -2.986  -2.478  1.00 30.14 ? 95  ILE A CG1   1 
ATOM   661  C CG2   . ILE A 1 95  ? -8.672  -5.409  -3.089  1.00 28.04 ? 95  ILE A CG2   1 
ATOM   662  C CD1   . ILE A 1 95  ? -7.675  -2.539  -3.066  1.00 27.17 ? 95  ILE A CD1   1 
ATOM   663  N N     . PRO A 1 96  ? -11.378 -5.773  -5.262  1.00 29.25 ? 96  PRO A N     1 
ATOM   664  C CA    . PRO A 1 96  ? -11.706 -6.928  -6.111  1.00 31.76 ? 96  PRO A CA    1 
ATOM   665  C C     . PRO A 1 96  ? -12.216 -6.552  -7.495  1.00 30.22 ? 96  PRO A C     1 
ATOM   666  O O     . PRO A 1 96  ? -12.039 -7.306  -8.458  1.00 33.79 ? 96  PRO A O     1 
ATOM   667  C CB    . PRO A 1 96  ? -12.787 -7.656  -5.299  1.00 32.94 ? 96  PRO A CB    1 
ATOM   668  C CG    . PRO A 1 96  ? -13.444 -6.612  -4.547  1.00 32.25 ? 96  PRO A CG    1 
ATOM   669  C CD    . PRO A 1 96  ? -12.345 -5.649  -4.153  1.00 31.79 ? 96  PRO A CD    1 
ATOM   670  N N     . GLU A 1 97  ? -12.841 -5.385  -7.622  1.00 29.37 ? 97  GLU A N     1 
ATOM   671  C CA    . GLU A 1 97  ? -13.493 -5.075  -8.889  1.00 32.68 ? 97  GLU A CA    1 
ATOM   672  C C     . GLU A 1 97  ? -12.549 -4.443  -9.900  1.00 34.24 ? 97  GLU A C     1 
ATOM   673  O O     . GLU A 1 97  ? -12.759 -4.591  -11.109 1.00 33.47 ? 97  GLU A O     1 
ATOM   674  C CB    . GLU A 1 97  ? -14.702 -4.183  -8.631  1.00 36.03 ? 97  GLU A CB    1 
ATOM   675  C CG    . GLU A 1 97  ? -15.765 -4.920  -7.808  1.00 42.32 ? 97  GLU A CG    1 
ATOM   676  C CD    . GLU A 1 97  ? -17.086 -4.174  -7.706  1.00 45.85 ? 97  GLU A CD    1 
ATOM   677  O OE1   . GLU A 1 97  ? -17.159 -2.993  -8.123  1.00 46.49 ? 97  GLU A OE1   1 
ATOM   678  O OE2   . GLU A 1 97  ? -18.050 -4.784  -7.202  1.00 46.61 ? 97  GLU A OE2   1 
ATOM   679  N N     . LYS A 1 98  ? -11.491 -3.768  -9.443  1.00 28.44 ? 98  LYS A N     1 
ATOM   680  C CA    . LYS A 1 98  ? -10.629 -3.047  -10.366 1.00 30.81 ? 98  LYS A CA    1 
ATOM   681  C C     . LYS A 1 98  ? -9.150  -3.417  -10.236 1.00 27.36 ? 98  LYS A C     1 
ATOM   682  O O     . LYS A 1 98  ? -8.537  -3.853  -11.210 1.00 27.36 ? 98  LYS A O     1 
ATOM   683  C CB    . LYS A 1 98  ? -10.798 -1.542  -10.161 1.00 31.19 ? 98  LYS A CB    1 
ATOM   684  C CG    . LYS A 1 98  ? -9.838  -0.743  -10.994 1.00 33.48 ? 98  LYS A CG    1 
ATOM   685  C CD    . LYS A 1 98  ? -10.067 0.746   -10.839 1.00 33.89 ? 98  LYS A CD    1 
ATOM   686  C CE    . LYS A 1 98  ? -9.165  1.522   -11.794 1.00 39.27 ? 98  LYS A CE    1 
ATOM   687  N NZ    . LYS A 1 98  ? -9.488  2.980   -11.744 1.00 41.36 ? 98  LYS A NZ    1 
ATOM   688  N N     . TRP A 1 99  ? -8.567  -3.269  -9.038  1.00 27.57 ? 99  TRP A N     1 
ATOM   689  C CA    . TRP A 1 99  ? -7.108  -3.416  -8.909  1.00 26.70 ? 99  TRP A CA    1 
ATOM   690  C C     . TRP A 1 99  ? -6.657  -4.864  -8.987  1.00 29.44 ? 99  TRP A C     1 
ATOM   691  O O     . TRP A 1 99  ? -5.626  -5.159  -9.606  1.00 25.91 ? 99  TRP A O     1 
ATOM   692  C CB    . TRP A 1 99  ? -6.634  -2.771  -7.602  1.00 22.00 ? 99  TRP A CB    1 
ATOM   693  C CG    . TRP A 1 99  ? -7.004  -1.338  -7.616  1.00 25.08 ? 99  TRP A CG    1 
ATOM   694  C CD1   . TRP A 1 99  ? -7.889  -0.707  -6.813  1.00 23.48 ? 99  TRP A CD1   1 
ATOM   695  C CD2   . TRP A 1 99  ? -6.531  -0.367  -8.542  1.00 25.46 ? 99  TRP A CD2   1 
ATOM   696  N NE1   . TRP A 1 99  ? -7.997  0.614   -7.169  1.00 25.04 ? 99  TRP A NE1   1 
ATOM   697  C CE2   . TRP A 1 99  ? -7.176  0.849   -8.236  1.00 25.70 ? 99  TRP A CE2   1 
ATOM   698  C CE3   . TRP A 1 99  ? -5.622  -0.409  -9.605  1.00 28.35 ? 99  TRP A CE3   1 
ATOM   699  C CZ2   . TRP A 1 99  ? -6.936  2.025   -8.949  1.00 29.14 ? 99  TRP A CZ2   1 
ATOM   700  C CZ3   . TRP A 1 99  ? -5.384  0.751   -10.324 1.00 30.10 ? 99  TRP A CZ3   1 
ATOM   701  C CH2   . TRP A 1 99  ? -6.037  1.959   -9.989  1.00 34.31 ? 99  TRP A CH2   1 
ATOM   702  N N     . THR A 1 100 ? -7.391  -5.797  -8.366  1.00 27.27 ? 100 THR A N     1 
ATOM   703  C CA    . THR A 1 100 ? -6.937  -7.185  -8.447  1.00 26.29 ? 100 THR A CA    1 
ATOM   704  C C     . THR A 1 100 ? -7.021  -7.735  -9.859  1.00 29.53 ? 100 THR A C     1 
ATOM   705  O O     . THR A 1 100 ? -6.036  -8.338  -10.319 1.00 30.05 ? 100 THR A O     1 
ATOM   706  C CB    . THR A 1 100 ? -7.689  -8.060  -7.447  1.00 31.39 ? 100 THR A CB    1 
ATOM   707  O OG1   . THR A 1 100 ? -7.434  -7.573  -6.132  1.00 29.82 ? 100 THR A OG1   1 
ATOM   708  C CG2   . THR A 1 100 ? -7.190  -9.489  -7.550  1.00 33.63 ? 100 THR A CG2   1 
ATOM   709  N N     . PRO A 1 101 ? -8.126  -7.570  -10.605 1.00 32.09 ? 101 PRO A N     1 
ATOM   710  C CA    . PRO A 1 101 ? -8.106  -8.006  -12.010 1.00 29.51 ? 101 PRO A CA    1 
ATOM   711  C C     . PRO A 1 101 ? -6.980  -7.382  -12.798 1.00 30.43 ? 101 PRO A C     1 
ATOM   712  O O     . PRO A 1 101 ? -6.315  -8.068  -13.582 1.00 30.12 ? 101 PRO A O     1 
ATOM   713  C CB    . PRO A 1 101 ? -9.481  -7.560  -12.531 1.00 28.25 ? 101 PRO A CB    1 
ATOM   714  C CG    . PRO A 1 101 ? -10.342 -7.564  -11.323 1.00 28.03 ? 101 PRO A CG    1 
ATOM   715  C CD    . PRO A 1 101 ? -9.463  -7.076  -10.215 1.00 29.44 ? 101 PRO A CD    1 
ATOM   716  N N     . GLU A 1 102 ? -6.728  -6.093  -12.595 1.00 29.77 ? 102 GLU A N     1 
ATOM   717  C CA    . GLU A 1 102 ? -5.685  -5.432  -13.363 1.00 31.36 ? 102 GLU A CA    1 
ATOM   718  C C     . GLU A 1 102 ? -4.314  -6.012  -13.047 1.00 33.92 ? 102 GLU A C     1 
ATOM   719  O O     . GLU A 1 102 ? -3.576  -6.422  -13.952 1.00 38.17 ? 102 GLU A O     1 
ATOM   720  C CB    . GLU A 1 102 ? -5.706  -3.928  -13.100 1.00 31.82 ? 102 GLU A CB    1 
ATOM   721  C CG    . GLU A 1 102 ? -4.463  -3.275  -13.671 1.00 39.74 ? 102 GLU A CG    1 
ATOM   722  C CD    . GLU A 1 102 ? -4.417  -1.778  -13.455 1.00 43.95 ? 102 GLU A CD    1 
ATOM   723  O OE1   . GLU A 1 102 ? -3.303  -1.255  -13.216 1.00 42.61 ? 102 GLU A OE1   1 
ATOM   724  O OE2   . GLU A 1 102 ? -5.492  -1.137  -13.533 1.00 47.03 ? 102 GLU A OE2   1 
ATOM   725  N N     . VAL A 1 103 ? -3.948  -6.065  -11.764 1.00 34.05 ? 103 VAL A N     1 
ATOM   726  C CA    . VAL A 1 103 ? -2.603  -6.538  -11.461 1.00 35.58 ? 103 VAL A CA    1 
ATOM   727  C C     . VAL A 1 103 ? -2.466  -8.014  -11.812 1.00 38.78 ? 103 VAL A C     1 
ATOM   728  O O     . VAL A 1 103 ? -1.400  -8.450  -12.256 1.00 39.68 ? 103 VAL A O     1 
ATOM   729  C CB    . VAL A 1 103 ? -2.197  -6.243  -9.999  1.00 34.47 ? 103 VAL A CB    1 
ATOM   730  C CG1   . VAL A 1 103 ? -2.372  -4.757  -9.664  1.00 30.11 ? 103 VAL A CG1   1 
ATOM   731  C CG2   . VAL A 1 103 ? -2.925  -7.123  -9.024  1.00 36.04 ? 103 VAL A CG2   1 
ATOM   732  N N     . LYS A 1 104 ? -3.537  -8.804  -11.689 1.00 37.61 ? 104 LYS A N     1 
ATOM   733  C CA    . LYS A 1 104 ? -3.381  -10.217 -12.016 1.00 39.98 ? 104 LYS A CA    1 
ATOM   734  C C     . LYS A 1 104 ? -3.313  -10.455 -13.514 1.00 40.52 ? 104 LYS A C     1 
ATOM   735  O O     . LYS A 1 104 ? -2.761  -11.474 -13.937 1.00 42.83 ? 104 LYS A O     1 
ATOM   736  C CB    . LYS A 1 104 ? -4.493  -11.048 -11.365 1.00 39.72 ? 104 LYS A CB    1 
ATOM   737  C CG    . LYS A 1 104 ? -4.395  -10.984 -9.840  1.00 41.35 ? 104 LYS A CG    1 
ATOM   738  C CD    . LYS A 1 104 ? -5.198  -12.034 -9.114  1.00 43.37 ? 104 LYS A CD    1 
ATOM   739  C CE    . LYS A 1 104 ? -4.711  -12.160 -7.669  1.00 44.98 ? 104 LYS A CE    1 
ATOM   740  N NZ    . LYS A 1 104 ? -5.641  -12.936 -6.791  1.00 43.87 ? 104 LYS A NZ    1 
ATOM   741  N N     . HIS A 1 105 ? -3.813  -9.526  -14.329 1.00 41.33 ? 105 HIS A N     1 
ATOM   742  C CA    . HIS A 1 105 ? -3.606  -9.639  -15.768 1.00 45.06 ? 105 HIS A CA    1 
ATOM   743  C C     . HIS A 1 105 ? -2.188  -9.234  -16.167 1.00 48.42 ? 105 HIS A C     1 
ATOM   744  O O     . HIS A 1 105 ? -1.582  -9.879  -17.028 1.00 52.75 ? 105 HIS A O     1 
ATOM   745  C CB    . HIS A 1 105 ? -4.631  -8.788  -16.519 1.00 43.51 ? 105 HIS A CB    1 
ATOM   746  C CG    . HIS A 1 105 ? -4.380  -8.702  -17.992 1.00 47.91 ? 105 HIS A CG    1 
ATOM   747  N ND1   . HIS A 1 105 ? -4.190  -9.817  -18.781 1.00 54.08 ? 105 HIS A ND1   1 
ATOM   748  C CD2   . HIS A 1 105 ? -4.286  -7.636  -18.822 1.00 51.23 ? 105 HIS A CD2   1 
ATOM   749  C CE1   . HIS A 1 105 ? -3.982  -9.440  -20.031 1.00 50.09 ? 105 HIS A CE1   1 
ATOM   750  N NE2   . HIS A 1 105 ? -4.034  -8.122  -20.082 1.00 54.74 ? 105 HIS A NE2   1 
ATOM   751  N N     . PHE A 1 106 ? -1.639  -8.182  -15.547 1.00 45.01 ? 106 PHE A N     1 
ATOM   752  C CA    . PHE A 1 106 ? -0.357  -7.607  -15.954 1.00 45.58 ? 106 PHE A CA    1 
ATOM   753  C C     . PHE A 1 106 ? 0.824   -7.983  -15.063 1.00 49.21 ? 106 PHE A C     1 
ATOM   754  O O     . PHE A 1 106 ? 1.975   -7.825  -15.489 1.00 48.23 ? 106 PHE A O     1 
ATOM   755  C CB    . PHE A 1 106 ? -0.438  -6.082  -15.981 1.00 45.66 ? 106 PHE A CB    1 
ATOM   756  C CG    . PHE A 1 106 ? -1.264  -5.536  -17.094 1.00 51.23 ? 106 PHE A CG    1 
ATOM   757  C CD1   . PHE A 1 106 ? -0.879  -5.716  -18.411 1.00 53.66 ? 106 PHE A CD1   1 
ATOM   758  C CD2   . PHE A 1 106 ? -2.413  -4.816  -16.824 1.00 48.78 ? 106 PHE A CD2   1 
ATOM   759  C CE1   . PHE A 1 106 ? -1.631  -5.198  -19.445 1.00 53.48 ? 106 PHE A CE1   1 
ATOM   760  C CE2   . PHE A 1 106 ? -3.176  -4.297  -17.855 1.00 52.99 ? 106 PHE A CE2   1 
ATOM   761  C CZ    . PHE A 1 106 ? -2.783  -4.491  -19.168 1.00 53.26 ? 106 PHE A CZ    1 
ATOM   762  N N     . CYS A 1 107 ? 0.582   -8.409  -13.830 1.00 49.06 ? 107 CYS A N     1 
ATOM   763  C CA    . CYS A 1 107 ? 1.640   -8.882  -12.934 1.00 46.42 ? 107 CYS A CA    1 
ATOM   764  C C     . CYS A 1 107 ? 1.200   -10.190 -12.291 1.00 43.78 ? 107 CYS A C     1 
ATOM   765  O O     . CYS A 1 107 ? 1.107   -10.295 -11.064 1.00 46.15 ? 107 CYS A O     1 
ATOM   766  C CB    . CYS A 1 107 ? 1.962   -7.840  -11.863 1.00 47.41 ? 107 CYS A CB    1 
ATOM   767  S SG    . CYS A 1 107 ? 3.011   -6.462  -12.371 0.68 46.48 ? 107 CYS A SG    1 
ATOM   768  N N     . PRO A 1 108 ? 0.904   -11.209 -13.089 1.00 43.29 ? 108 PRO A N     1 
ATOM   769  C CA    . PRO A 1 108 ? 0.473   -12.479 -12.494 1.00 42.18 ? 108 PRO A CA    1 
ATOM   770  C C     . PRO A 1 108 ? 1.605   -13.101 -11.692 1.00 48.32 ? 108 PRO A C     1 
ATOM   771  O O     . PRO A 1 108 ? 2.791   -12.936 -12.012 1.00 41.19 ? 108 PRO A O     1 
ATOM   772  C CB    . PRO A 1 108 ? 0.098   -13.336 -13.708 1.00 45.60 ? 108 PRO A CB    1 
ATOM   773  C CG    . PRO A 1 108 ? 0.939   -12.802 -14.814 1.00 46.95 ? 108 PRO A CG    1 
ATOM   774  C CD    . PRO A 1 108 ? 1.119   -11.320 -14.543 1.00 47.49 ? 108 PRO A CD    1 
ATOM   775  N N     . ASN A 1 109 ? 1.217   -13.791 -10.617 1.00 38.12 ? 109 ASN A N     1 
ATOM   776  C CA    . ASN A 1 109 ? 2.086   -14.462 -9.655  1.00 43.16 ? 109 ASN A CA    1 
ATOM   777  C C     . ASN A 1 109 ? 2.943   -13.500 -8.840  1.00 39.35 ? 109 ASN A C     1 
ATOM   778  O O     . ASN A 1 109 ? 3.732   -13.958 -8.019  1.00 44.65 ? 109 ASN A O     1 
ATOM   779  C CB    . ASN A 1 109 ? 2.997   -15.506 -10.319 1.00 47.35 ? 109 ASN A CB    1 
ATOM   780  C CG    . ASN A 1 109 ? 2.205   -16.600 -11.028 1.00 49.58 ? 109 ASN A CG    1 
ATOM   781  O OD1   . ASN A 1 109 ? 1.111   -16.970 -10.594 1.00 49.03 ? 109 ASN A OD1   1 
ATOM   782  N ND2   . ASN A 1 109 ? 2.749   -17.112 -12.129 1.00 50.88 ? 109 ASN A ND2   1 
ATOM   783  N N     . VAL A 1 110 ? 2.805   -12.195 -9.019  1.00 39.71 ? 110 VAL A N     1 
ATOM   784  C CA    . VAL A 1 110 ? 3.510   -11.249 -8.150  1.00 35.84 ? 110 VAL A CA    1 
ATOM   785  C C     . VAL A 1 110 ? 2.763   -11.159 -6.823  1.00 34.42 ? 110 VAL A C     1 
ATOM   786  O O     . VAL A 1 110 ? 1.537   -10.958 -6.825  1.00 32.47 ? 110 VAL A O     1 
ATOM   787  C CB    . VAL A 1 110 ? 3.617   -9.879  -8.816  1.00 34.00 ? 110 VAL A CB    1 
ATOM   788  C CG1   . VAL A 1 110 ? 4.284   -8.872  -7.863  1.00 32.67 ? 110 VAL A CG1   1 
ATOM   789  C CG2   . VAL A 1 110 ? 4.400   -9.982  -10.124 1.00 40.74 ? 110 VAL A CG2   1 
ATOM   790  N N     . PRO A 1 111 ? 3.443   -11.282 -5.688  1.00 31.76 ? 111 PRO A N     1 
ATOM   791  C CA    . PRO A 1 111 ? 2.738   -11.201 -4.403  1.00 34.31 ? 111 PRO A CA    1 
ATOM   792  C C     . PRO A 1 111 ? 2.140   -9.823  -4.152  1.00 32.81 ? 111 PRO A C     1 
ATOM   793  O O     . PRO A 1 111 ? 2.695   -8.787  -4.540  1.00 25.99 ? 111 PRO A O     1 
ATOM   794  C CB    . PRO A 1 111 ? 3.828   -11.530 -3.375  1.00 32.73 ? 111 PRO A CB    1 
ATOM   795  C CG    . PRO A 1 111 ? 5.101   -11.304 -4.082  1.00 33.57 ? 111 PRO A CG    1 
ATOM   796  C CD    . PRO A 1 111 ? 4.850   -11.663 -5.509  1.00 34.70 ? 111 PRO A CD    1 
ATOM   797  N N     . ILE A 1 112 ? 0.990   -9.826  -3.485  1.00 25.98 ? 112 ILE A N     1 
ATOM   798  C CA    . ILE A 1 112 ? 0.241   -8.619  -3.170  1.00 28.86 ? 112 ILE A CA    1 
ATOM   799  C C     . ILE A 1 112 ? 0.213   -8.465  -1.664  1.00 27.95 ? 112 ILE A C     1 
ATOM   800  O O     . ILE A 1 112 ? -0.097  -9.426  -0.945  1.00 26.24 ? 112 ILE A O     1 
ATOM   801  C CB    . ILE A 1 112 ? -1.192  -8.686  -3.725  1.00 24.44 ? 112 ILE A CB    1 
ATOM   802  C CG1   . ILE A 1 112 ? -1.161  -8.813  -5.248  1.00 25.59 ? 112 ILE A CG1   1 
ATOM   803  C CG2   . ILE A 1 112 ? -2.031  -7.504  -3.189  1.00 23.26 ? 112 ILE A CG2   1 
ATOM   804  C CD1   . ILE A 1 112 ? -2.510  -9.220  -5.853  1.00 31.94 ? 112 ILE A CD1   1 
ATOM   805  N N     . ILE A 1 113 ? 0.526   -7.265  -1.193  1.00 22.53 ? 113 ILE A N     1 
ATOM   806  C CA    . ILE A 1 113 ? 0.235   -6.839  0.167   1.00 22.98 ? 113 ILE A CA    1 
ATOM   807  C C     . ILE A 1 113 ? -0.980  -5.932  0.107   1.00 29.20 ? 113 ILE A C     1 
ATOM   808  O O     . ILE A 1 113 ? -0.936  -4.876  -0.537  1.00 24.07 ? 113 ILE A O     1 
ATOM   809  C CB    . ILE A 1 113 ? 1.410   -6.090  0.803   1.00 26.25 ? 113 ILE A CB    1 
ATOM   810  C CG1   . ILE A 1 113 ? 2.744   -6.842  0.611   1.00 31.21 ? 113 ILE A CG1   1 
ATOM   811  C CG2   . ILE A 1 113 ? 1.083   -5.784  2.259   1.00 26.03 ? 113 ILE A CG2   1 
ATOM   812  C CD1   . ILE A 1 113 ? 2.763   -8.261  1.181   1.00 30.68 ? 113 ILE A CD1   1 
ATOM   813  N N     . LEU A 1 114 ? -2.061  -6.318  0.790   1.00 24.30 ? 114 LEU A N     1 
ATOM   814  C CA    . LEU A 1 114 ? -3.234  -5.456  0.873   1.00 21.96 ? 114 LEU A CA    1 
ATOM   815  C C     . LEU A 1 114 ? -3.025  -4.496  2.024   1.00 26.31 ? 114 LEU A C     1 
ATOM   816  O O     . LEU A 1 114 ? -2.663  -4.920  3.128   1.00 28.47 ? 114 LEU A O     1 
ATOM   817  C CB    . LEU A 1 114 ? -4.522  -6.269  1.067   1.00 25.57 ? 114 LEU A CB    1 
ATOM   818  C CG    . LEU A 1 114 ? -5.827  -5.453  1.039   1.00 25.72 ? 114 LEU A CG    1 
ATOM   819  C CD1   . LEU A 1 114 ? -6.028  -4.798  -0.358  1.00 22.67 ? 114 LEU A CD1   1 
ATOM   820  C CD2   . LEU A 1 114 ? -7.043  -6.320  1.436   1.00 30.77 ? 114 LEU A CD2   1 
ATOM   821  N N     . VAL A 1 115 ? -3.218  -3.202  1.765   1.00 21.40 ? 115 VAL A N     1 
ATOM   822  C CA    . VAL A 1 115 ? -2.929  -2.152  2.730   1.00 23.22 ? 115 VAL A CA    1 
ATOM   823  C C     . VAL A 1 115 ? -4.188  -1.334  2.973   1.00 27.63 ? 115 VAL A C     1 
ATOM   824  O O     . VAL A 1 115 ? -4.708  -0.691  2.052   1.00 24.24 ? 115 VAL A O     1 
ATOM   825  C CB    . VAL A 1 115 ? -1.782  -1.238  2.265   1.00 21.95 ? 115 VAL A CB    1 
ATOM   826  C CG1   . VAL A 1 115 ? -1.476  -0.229  3.328   1.00 22.77 ? 115 VAL A CG1   1 
ATOM   827  C CG2   . VAL A 1 115 ? -0.546  -2.075  1.961   1.00 28.12 ? 115 VAL A CG2   1 
ATOM   828  N N     . GLY A 1 116 ? -4.654  -1.328  4.226   1.00 27.90 ? 116 GLY A N     1 
ATOM   829  C CA    . GLY A 1 116 ? -5.698  -0.409  4.633   1.00 26.78 ? 116 GLY A CA    1 
ATOM   830  C C     . GLY A 1 116 ? -5.093  0.825   5.264   1.00 34.30 ? 116 GLY A C     1 
ATOM   831  O O     . GLY A 1 116 ? -4.643  0.759   6.409   1.00 31.98 ? 116 GLY A O     1 
ATOM   832  N N     . ASN A 1 117 ? -5.057  1.948   4.532   1.00 27.22 ? 117 ASN A N     1 
ATOM   833  C CA    . ASN A 1 117 ? -4.425  3.165   5.005   1.00 29.04 ? 117 ASN A CA    1 
ATOM   834  C C     . ASN A 1 117 ? -5.447  4.076   5.679   1.00 35.60 ? 117 ASN A C     1 
ATOM   835  O O     . ASN A 1 117 ? -6.649  3.814   5.672   1.00 34.72 ? 117 ASN A O     1 
ATOM   836  C CB    . ASN A 1 117 ? -3.731  3.897   3.847   1.00 26.77 ? 117 ASN A CB    1 
ATOM   837  C CG    . ASN A 1 117 ? -2.886  5.063   4.313   1.00 27.59 ? 117 ASN A CG    1 
ATOM   838  O OD1   . ASN A 1 117 ? -2.165  4.960   5.295   1.00 29.24 ? 117 ASN A OD1   1 
ATOM   839  N ND2   . ASN A 1 117 ? -2.984  6.184   3.617   1.00 30.89 ? 117 ASN A ND2   1 
ATOM   840  N N     . LYS A 1 118 ? -4.935  5.151   6.288   1.00 30.92 ? 118 LYS A N     1 
ATOM   841  C CA    . LYS A 1 118 ? -5.739  6.155   7.000   1.00 38.12 ? 118 LYS A CA    1 
ATOM   842  C C     . LYS A 1 118 ? -6.477  5.555   8.196   1.00 42.80 ? 118 LYS A C     1 
ATOM   843  O O     . LYS A 1 118 ? -7.587  5.976   8.530   1.00 40.44 ? 118 LYS A O     1 
ATOM   844  C CB    . LYS A 1 118 ? -6.729  6.857   6.069   1.00 37.78 ? 118 LYS A CB    1 
ATOM   845  C CG    . LYS A 1 118 ? -6.109  7.452   4.829   1.00 38.43 ? 118 LYS A CG    1 
ATOM   846  C CD    . LYS A 1 118 ? -7.038  8.441   4.161   1.00 39.04 ? 118 LYS A CD    1 
ATOM   847  C CE    . LYS A 1 118 ? -6.357  9.067   2.972   1.00 35.63 ? 118 LYS A CE    1 
ATOM   848  N NZ    . LYS A 1 118 ? -7.237  9.940   2.154   1.00 35.45 ? 118 LYS A NZ    1 
ATOM   849  N N     . LYS A 1 119 ? -5.853  4.580   8.864   1.00 41.12 ? 119 LYS A N     1 
ATOM   850  C CA    . LYS A 1 119 ? -6.522  3.930   9.986   1.00 44.30 ? 119 LYS A CA    1 
ATOM   851  C C     . LYS A 1 119 ? -6.760  4.887   11.147  1.00 47.95 ? 119 LYS A C     1 
ATOM   852  O O     . LYS A 1 119 ? -7.566  4.578   12.030  1.00 51.69 ? 119 LYS A O     1 
ATOM   853  C CB    . LYS A 1 119 ? -5.726  2.715   10.464  1.00 44.33 ? 119 LYS A CB    1 
ATOM   854  C CG    . LYS A 1 119 ? -4.432  3.055   11.206  1.00 44.75 ? 119 LYS A CG    1 
ATOM   855  C CD    . LYS A 1 119 ? -3.708  1.783   11.619  1.00 45.23 ? 119 LYS A CD    1 
ATOM   856  C CE    . LYS A 1 119 ? -2.366  2.097   12.285  1.00 47.57 ? 119 LYS A CE    1 
ATOM   857  N NZ    . LYS A 1 119 ? -1.535  0.868   12.451  1.00 48.31 ? 119 LYS A NZ    1 
ATOM   858  N N     . ASP A 1 120 ? -6.085  6.037   11.158  1.00 47.79 ? 120 ASP A N     1 
ATOM   859  C CA    . ASP A 1 120 ? -6.344  7.100   12.123  1.00 48.26 ? 120 ASP A CA    1 
ATOM   860  C C     . ASP A 1 120 ? -7.713  7.741   11.950  1.00 52.60 ? 120 ASP A C     1 
ATOM   861  O O     . ASP A 1 120 ? -8.072  8.609   12.757  1.00 52.40 ? 120 ASP A O     1 
ATOM   862  C CB    . ASP A 1 120 ? -5.269  8.177   12.007  1.00 49.64 ? 120 ASP A CB    1 
ATOM   863  C CG    . ASP A 1 120 ? -5.230  8.817   10.628  1.00 47.63 ? 120 ASP A CG    1 
ATOM   864  O OD1   . ASP A 1 120 ? -4.830  8.136   9.658   1.00 43.64 ? 120 ASP A OD1   1 
ATOM   865  O OD2   . ASP A 1 120 ? -5.582  10.008  10.509  1.00 47.49 ? 120 ASP A OD2   1 
ATOM   866  N N     . LEU A 1 121 ? -8.473  7.360   10.924  1.00 49.40 ? 121 LEU A N     1 
ATOM   867  C CA    . LEU A 1 121 ? -9.802  7.905   10.689  1.00 51.21 ? 121 LEU A CA    1 
ATOM   868  C C     . LEU A 1 121 ? -10.910 6.913   11.022  1.00 53.62 ? 121 LEU A C     1 
ATOM   869  O O     . LEU A 1 121 ? -12.084 7.202   10.768  1.00 59.10 ? 121 LEU A O     1 
ATOM   870  C CB    . LEU A 1 121 ? -9.933  8.368   9.233   1.00 46.42 ? 121 LEU A CB    1 
ATOM   871  C CG    . LEU A 1 121 ? -9.049  9.526   8.753   1.00 45.33 ? 121 LEU A CG    1 
ATOM   872  C CD1   . LEU A 1 121 ? -9.390  9.926   7.318   1.00 46.60 ? 121 LEU A CD1   1 
ATOM   873  C CD2   . LEU A 1 121 ? -9.170  10.726  9.684   1.00 47.55 ? 121 LEU A CD2   1 
ATOM   874  N N     . ARG A 1 122 ? -10.572 5.747   11.575  1.00 47.61 ? 122 ARG A N     1 
ATOM   875  C CA    . ARG A 1 122 ? -11.604 4.758   11.859  1.00 53.51 ? 122 ARG A CA    1 
ATOM   876  C C     . ARG A 1 122 ? -12.562 5.247   12.941  1.00 60.64 ? 122 ARG A C     1 
ATOM   877  O O     . ARG A 1 122 ? -13.776 5.036   12.839  1.00 65.02 ? 122 ARG A O     1 
ATOM   878  C CB    . ARG A 1 122 ? -10.970 3.430   12.262  1.00 53.89 ? 122 ARG A CB    1 
ATOM   879  C CG    . ARG A 1 122 ? -11.983 2.315   12.371  1.00 50.45 ? 122 ARG A CG    1 
ATOM   880  C CD    . ARG A 1 122 ? -11.331 0.984   12.628  1.00 52.64 ? 122 ARG A CD    1 
ATOM   881  N NE    . ARG A 1 122 ? -11.194 0.200   11.404  1.00 48.51 ? 122 ARG A NE    1 
ATOM   882  C CZ    . ARG A 1 122 ? -10.053 -0.344  10.987  1.00 48.14 ? 122 ARG A CZ    1 
ATOM   883  N NH1   . ARG A 1 122 ? -8.950  -0.208  11.708  1.00 42.19 ? 122 ARG A NH1   1 
ATOM   884  N NH2   . ARG A 1 122 ? -10.024 -1.053  9.863   1.00 44.02 ? 122 ARG A NH2   1 
ATOM   885  N N     . ASN A 1 123 ? -12.042 5.910   13.976  1.00 65.46 ? 123 ASN A N     1 
ATOM   886  C CA    . ASN A 1 123 ? -12.856 6.450   15.060  1.00 65.11 ? 123 ASN A CA    1 
ATOM   887  C C     . ASN A 1 123 ? -12.937 7.974   15.024  1.00 64.89 ? 123 ASN A C     1 
ATOM   888  O O     . ASN A 1 123 ? -13.193 8.600   16.057  1.00 70.06 ? 123 ASN A O     1 
ATOM   889  C CB    . ASN A 1 123 ? -12.314 5.998   16.419  1.00 59.02 ? 123 ASN A CB    1 
ATOM   890  C CG    . ASN A 1 123 ? -11.957 4.530   16.452  1.00 63.40 ? 123 ASN A CG    1 
ATOM   891  O OD1   . ASN A 1 123 ? -10.850 4.160   16.853  1.00 70.91 ? 123 ASN A OD1   1 
ATOM   892  N ND2   . ASN A 1 123 ? -12.886 3.680   16.032  1.00 64.26 ? 123 ASN A ND2   1 
ATOM   893  N N     . ASP A 1 124 ? -12.712 8.586   13.865  1.00 61.13 ? 124 ASP A N     1 
ATOM   894  C CA    . ASP A 1 124 ? -12.766 10.037  13.750  1.00 61.44 ? 124 ASP A CA    1 
ATOM   895  C C     . ASP A 1 124 ? -14.204 10.466  13.480  1.00 68.66 ? 124 ASP A C     1 
ATOM   896  O O     . ASP A 1 124 ? -14.815 10.016  12.505  1.00 67.46 ? 124 ASP A O     1 
ATOM   897  C CB    . ASP A 1 124 ? -11.835 10.518  12.642  1.00 60.64 ? 124 ASP A CB    1 
ATOM   898  C CG    . ASP A 1 124 ? -11.889 12.023  12.444  1.00 65.40 ? 124 ASP A CG    1 
ATOM   899  O OD1   . ASP A 1 124 ? -11.261 12.758  13.238  1.00 67.91 ? 124 ASP A OD1   1 
ATOM   900  O OD2   . ASP A 1 124 ? -12.555 12.473  11.485  1.00 66.47 ? 124 ASP A OD2   1 
ATOM   901  N N     . GLU A 1 125 ? -14.737 11.348  14.333  1.00 68.39 ? 125 GLU A N     1 
ATOM   902  C CA    . GLU A 1 125 ? -16.164 11.659  14.283  1.00 66.63 ? 125 GLU A CA    1 
ATOM   903  C C     . GLU A 1 125 ? -16.544 12.341  12.975  1.00 65.12 ? 125 GLU A C     1 
ATOM   904  O O     . GLU A 1 125 ? -17.581 12.018  12.381  1.00 65.29 ? 125 GLU A O     1 
ATOM   905  C CB    . GLU A 1 125 ? -16.560 12.531  15.479  1.00 73.33 ? 125 GLU A CB    1 
ATOM   906  C CG    . GLU A 1 125 ? -18.081 12.722  15.656  1.00 75.21 ? 125 GLU A CG    1 
ATOM   907  C CD    . GLU A 1 125 ? -18.664 13.830  14.779  1.00 73.58 ? 125 GLU A CD    1 
ATOM   908  O OE1   . GLU A 1 125 ? -19.844 13.724  14.367  1.00 71.70 ? 125 GLU A OE1   1 
ATOM   909  O OE2   . GLU A 1 125 ? -17.941 14.812  14.502  1.00 71.13 ? 125 GLU A OE2   1 
ATOM   910  N N     . HIS A 1 126 ? -15.733 13.296  12.516  1.00 67.19 ? 126 HIS A N     1 
ATOM   911  C CA    . HIS A 1 126 ? -16.050 13.979  11.265  1.00 68.47 ? 126 HIS A CA    1 
ATOM   912  C C     . HIS A 1 126 ? -16.160 12.987  10.115  1.00 68.36 ? 126 HIS A C     1 
ATOM   913  O O     . HIS A 1 126 ? -17.097 13.059  9.309   1.00 67.27 ? 126 HIS A O     1 
ATOM   914  C CB    . HIS A 1 126 ? -14.999 15.042  10.953  1.00 65.92 ? 126 HIS A CB    1 
ATOM   915  C CG    . HIS A 1 126 ? -15.240 15.760  9.660   1.00 67.56 ? 126 HIS A CG    1 
ATOM   916  N ND1   . HIS A 1 126 ? -16.169 16.769  9.532   1.00 73.85 ? 126 HIS A ND1   1 
ATOM   917  C CD2   . HIS A 1 126 ? -14.683 15.607  8.436   1.00 69.11 ? 126 HIS A CD2   1 
ATOM   918  C CE1   . HIS A 1 126 ? -16.170 17.212  8.286   1.00 72.41 ? 126 HIS A CE1   1 
ATOM   919  N NE2   . HIS A 1 126 ? -15.278 16.522  7.600   1.00 69.22 ? 126 HIS A NE2   1 
ATOM   920  N N     . THR A 1 127 ? -15.217 12.041  10.035  1.00 66.33 ? 127 THR A N     1 
ATOM   921  C CA    . THR A 1 127 ? -15.269 11.025  8.989   1.00 64.78 ? 127 THR A CA    1 
ATOM   922  C C     . THR A 1 127 ? -16.533 10.184  9.099   1.00 61.18 ? 127 THR A C     1 
ATOM   923  O O     . THR A 1 127 ? -17.193 9.906   8.093   1.00 61.40 ? 127 THR A O     1 
ATOM   924  C CB    . THR A 1 127 ? -14.028 10.131  9.055   1.00 57.06 ? 127 THR A CB    1 
ATOM   925  O OG1   . THR A 1 127 ? -12.905 10.829  8.507   1.00 60.99 ? 127 THR A OG1   1 
ATOM   926  C CG2   . THR A 1 127 ? -14.251 8.843   8.272   1.00 53.68 ? 127 THR A CG2   1 
ATOM   927  N N     . ARG A 1 128 ? -16.887 9.772   10.316  1.00 63.35 ? 128 ARG A N     1 
ATOM   928  C CA    . ARG A 1 128 ? -18.039 8.893   10.478  1.00 65.56 ? 128 ARG A CA    1 
ATOM   929  C C     . ARG A 1 128 ? -19.343 9.575   10.083  1.00 65.34 ? 128 ARG A C     1 
ATOM   930  O O     . ARG A 1 128 ? -20.239 8.918   9.539   1.00 63.46 ? 128 ARG A O     1 
ATOM   931  C CB    . ARG A 1 128 ? -18.105 8.385   11.916  1.00 67.55 ? 128 ARG A CB    1 
ATOM   932  C CG    . ARG A 1 128 ? -16.801 7.771   12.393  1.00 66.97 ? 128 ARG A CG    1 
ATOM   933  C CD    . ARG A 1 128 ? -16.948 7.037   13.713  1.00 67.33 ? 128 ARG A CD    1 
ATOM   934  N NE    . ARG A 1 128 ? -17.074 5.597   13.512  1.00 74.42 ? 128 ARG A NE    1 
ATOM   935  C CZ    . ARG A 1 128 ? -18.205 4.979   13.183  1.00 72.98 ? 128 ARG A CZ    1 
ATOM   936  N NH1   . ARG A 1 128 ? -19.324 5.676   13.018  1.00 76.52 ? 128 ARG A NH1   1 
ATOM   937  N NH2   . ARG A 1 128 ? -18.216 3.664   13.016  1.00 71.85 ? 128 ARG A NH2   1 
ATOM   938  N N     . ARG A 1 129 ? -19.470 10.885  10.321  1.00 64.08 ? 129 ARG A N     1 
ATOM   939  C CA    . ARG A 1 129 ? -20.724 11.552  9.978   1.00 69.44 ? 129 ARG A CA    1 
ATOM   940  C C     . ARG A 1 129 ? -20.836 11.804  8.475   1.00 68.06 ? 129 ARG A C     1 
ATOM   941  O O     . ARG A 1 129 ? -21.926 11.669  7.905   1.00 64.67 ? 129 ARG A O     1 
ATOM   942  C CB    . ARG A 1 129 ? -20.888 12.852  10.783  1.00 69.65 ? 129 ARG A CB    1 
ATOM   943  C CG    . ARG A 1 129 ? -20.110 14.085  10.303  1.00 73.68 ? 129 ARG A CG    1 
ATOM   944  C CD    . ARG A 1 129 ? -20.412 15.311  11.191  1.00 74.48 ? 129 ARG A CD    1 
ATOM   945  N NE    . ARG A 1 129 ? -19.481 16.423  10.956  1.00 74.55 ? 129 ARG A NE    1 
ATOM   946  C CZ    . ARG A 1 129 ? -18.680 16.935  11.890  1.00 71.87 ? 129 ARG A CZ    1 
ATOM   947  N NH1   . ARG A 1 129 ? -18.692 16.422  13.115  1.00 71.28 ? 129 ARG A NH1   1 
ATOM   948  N NH2   . ARG A 1 129 ? -17.868 17.954  11.607  1.00 68.04 ? 129 ARG A NH2   1 
ATOM   949  N N     . GLU A 1 130 ? -19.725 12.141  7.808   1.00 66.86 ? 130 GLU A N     1 
ATOM   950  C CA    . GLU A 1 130 ? -19.761 12.291  6.356   1.00 66.23 ? 130 GLU A CA    1 
ATOM   951  C C     . GLU A 1 130 ? -20.121 10.975  5.687   1.00 62.73 ? 130 GLU A C     1 
ATOM   952  O O     . GLU A 1 130 ? -20.901 10.946  4.726   1.00 63.41 ? 130 GLU A O     1 
ATOM   953  C CB    . GLU A 1 130 ? -18.414 12.791  5.831   1.00 69.62 ? 130 GLU A CB    1 
ATOM   954  C CG    . GLU A 1 130 ? -18.037 14.212  6.226   1.00 70.21 ? 130 GLU A CG    1 
ATOM   955  C CD    . GLU A 1 130 ? -19.152 15.220  6.006   1.00 73.63 ? 130 GLU A CD    1 
ATOM   956  O OE1   . GLU A 1 130 ? -19.519 15.914  6.978   1.00 76.48 ? 130 GLU A OE1   1 
ATOM   957  O OE2   . GLU A 1 130 ? -19.659 15.332  4.867   1.00 75.60 ? 130 GLU A OE2   1 
ATOM   958  N N     . LEU A 1 131 ? -19.548 9.873   6.179   1.00 60.82 ? 131 LEU A N     1 
ATOM   959  C CA    . LEU A 1 131 ? -19.882 8.552   5.660   1.00 60.08 ? 131 LEU A CA    1 
ATOM   960  C C     . LEU A 1 131 ? -21.309 8.160   6.009   1.00 61.60 ? 131 LEU A C     1 
ATOM   961  O O     . LEU A 1 131 ? -21.933 7.379   5.281   1.00 60.52 ? 131 LEU A O     1 
ATOM   962  C CB    . LEU A 1 131 ? -18.909 7.507   6.210   1.00 58.61 ? 131 LEU A CB    1 
ATOM   963  C CG    . LEU A 1 131 ? -17.471 7.547   5.677   1.00 57.48 ? 131 LEU A CG    1 
ATOM   964  C CD1   . LEU A 1 131 ? -16.658 6.407   6.257   1.00 48.97 ? 131 LEU A CD1   1 
ATOM   965  C CD2   . LEU A 1 131 ? -17.455 7.495   4.157   1.00 51.99 ? 131 LEU A CD2   1 
ATOM   966  N N     . ALA A 1 132 ? -21.832 8.670   7.126   1.00 61.84 ? 132 ALA A N     1 
ATOM   967  C CA    . ALA A 1 132 ? -23.206 8.359   7.499   1.00 61.42 ? 132 ALA A CA    1 
ATOM   968  C C     . ALA A 1 132 ? -24.186 8.900   6.466   1.00 57.30 ? 132 ALA A C     1 
ATOM   969  O O     . ALA A 1 132 ? -25.167 8.233   6.119   1.00 56.61 ? 132 ALA A O     1 
ATOM   970  C CB    . ALA A 1 132 ? -23.512 8.916   8.887   1.00 59.49 ? 132 ALA A CB    1 
ATOM   971  N N     . LYS A 1 133 ? -23.919 10.101  5.942   1.00 63.06 ? 133 LYS A N     1 
ATOM   972  C CA    . LYS A 1 133 ? -24.780 10.682  4.916   1.00 62.00 ? 133 LYS A CA    1 
ATOM   973  C C     . LYS A 1 133 ? -24.831 9.837   3.654   1.00 63.90 ? 133 LYS A C     1 
ATOM   974  O O     . LYS A 1 133 ? -25.706 10.055  2.812   1.00 64.28 ? 133 LYS A O     1 
ATOM   975  C CB    . LYS A 1 133 ? -24.301 12.092  4.574   1.00 62.29 ? 133 LYS A CB    1 
ATOM   976  C CG    . LYS A 1 133 ? -24.132 12.987  5.786   1.00 66.25 ? 133 LYS A CG    1 
ATOM   977  C CD    . LYS A 1 133 ? -23.619 14.352  5.382   1.00 70.04 ? 133 LYS A CD    1 
ATOM   978  C CE    . LYS A 1 133 ? -22.506 14.820  6.305   1.00 71.46 ? 133 LYS A CE    1 
ATOM   979  N NZ    . LYS A 1 133 ? -22.215 16.284  6.157   1.00 68.61 ? 133 LYS A NZ    1 
ATOM   980  N N     . MET A 1 134 ? -23.910 8.887   3.497   1.00 64.18 ? 134 MET A N     1 
ATOM   981  C CA    . MET A 1 134 ? -23.911 7.965   2.370   1.00 59.51 ? 134 MET A CA    1 
ATOM   982  C C     . MET A 1 134 ? -24.351 6.570   2.774   1.00 54.60 ? 134 MET A C     1 
ATOM   983  O O     . MET A 1 134 ? -24.204 5.636   1.983   1.00 55.26 ? 134 MET A O     1 
ATOM   984  C CB    . MET A 1 134 ? -22.518 7.900   1.734   1.00 62.84 ? 134 MET A CB    1 
ATOM   985  C CG    . MET A 1 134 ? -21.899 9.259   1.470   1.00 64.73 ? 134 MET A CG    1 
ATOM   986  S SD    . MET A 1 134 ? -22.920 10.263  0.380   1.00 82.18 ? 134 MET A SD    1 
ATOM   987  C CE    . MET A 1 134 ? -23.253 9.110   -0.954  1.00 62.98 ? 134 MET A CE    1 
ATOM   988  N N     . LYS A 1 135 ? -24.884 6.410   3.986   1.00 59.32 ? 135 LYS A N     1 
ATOM   989  C CA    . LYS A 1 135 ? -25.169 5.091   4.560   1.00 52.81 ? 135 LYS A CA    1 
ATOM   990  C C     . LYS A 1 135 ? -23.925 4.202   4.526   1.00 54.35 ? 135 LYS A C     1 
ATOM   991  O O     . LYS A 1 135 ? -23.982 3.014   4.207   1.00 54.08 ? 135 LYS A O     1 
ATOM   992  C CB    . LYS A 1 135 ? -26.351 4.428   3.855   1.00 57.87 ? 135 LYS A CB    1 
ATOM   993  C CG    . LYS A 1 135 ? -27.675 5.166   4.063   1.00 57.72 ? 135 LYS A CG    1 
ATOM   994  C CD    . LYS A 1 135 ? -28.747 4.695   3.089   1.00 54.30 ? 135 LYS A CD    1 
ATOM   995  C CE    . LYS A 1 135 ? -30.129 4.733   3.724   1.00 52.68 ? 135 LYS A CE    1 
ATOM   996  N NZ    . LYS A 1 135 ? -30.362 6.015   4.440   1.00 51.09 ? 135 LYS A NZ    1 
ATOM   997  N N     . GLN A 1 136 ? -22.782 4.788   4.875   1.00 58.69 ? 136 GLN A N     1 
ATOM   998  C CA    . GLN A 1 136 ? -21.520 4.065   4.937   1.00 61.09 ? 136 GLN A CA    1 
ATOM   999  C C     . GLN A 1 136 ? -20.845 4.329   6.278   1.00 59.19 ? 136 GLN A C     1 
ATOM   1000 O O     . GLN A 1 136 ? -21.149 5.304   6.973   1.00 59.24 ? 136 GLN A O     1 
ATOM   1001 C CB    . GLN A 1 136 ? -20.587 4.457   3.770   1.00 55.15 ? 136 GLN A CB    1 
ATOM   1002 C CG    . GLN A 1 136 ? -20.797 3.618   2.504   1.00 51.77 ? 136 GLN A CG    1 
ATOM   1003 C CD    . GLN A 1 136 ? -20.048 4.153   1.280   1.00 46.80 ? 136 GLN A CD    1 
ATOM   1004 O OE1   . GLN A 1 136 ? -19.492 5.250   1.303   1.00 45.44 ? 136 GLN A OE1   1 
ATOM   1005 N NE2   . GLN A 1 136 ? -20.055 3.378   0.198   1.00 43.03 ? 136 GLN A NE2   1 
ATOM   1006 N N     . GLU A 1 137 ? -19.926 3.435   6.635   1.00 55.66 ? 137 GLU A N     1 
ATOM   1007 C CA    . GLU A 1 137 ? -19.137 3.505   7.855   1.00 54.83 ? 137 GLU A CA    1 
ATOM   1008 C C     . GLU A 1 137 ? -17.703 3.096   7.546   1.00 54.75 ? 137 GLU A C     1 
ATOM   1009 O O     . GLU A 1 137 ? -17.466 2.327   6.607   1.00 54.69 ? 137 GLU A O     1 
ATOM   1010 C CB    . GLU A 1 137 ? -19.702 2.580   8.946   1.00 54.77 ? 137 GLU A CB    1 
ATOM   1011 C CG    . GLU A 1 137 ? -19.877 1.140   8.491   1.00 58.08 ? 137 GLU A CG    1 
ATOM   1012 C CD    . GLU A 1 137 ? -20.189 0.191   9.637   1.00 64.37 ? 137 GLU A CD    1 
ATOM   1013 O OE1   . GLU A 1 137 ? -20.058 0.604   10.808  1.00 67.67 ? 137 GLU A OE1   1 
ATOM   1014 O OE2   . GLU A 1 137 ? -20.574 -0.970  9.365   1.00 69.36 ? 137 GLU A OE2   1 
ATOM   1015 N N     . PRO A 1 138 ? -16.733 3.579   8.327   1.00 54.31 ? 138 PRO A N     1 
ATOM   1016 C CA    . PRO A 1 138 ? -15.334 3.176   8.116   1.00 54.25 ? 138 PRO A CA    1 
ATOM   1017 C C     . PRO A 1 138 ? -15.159 1.665   8.024   1.00 52.14 ? 138 PRO A C     1 
ATOM   1018 O O     . PRO A 1 138 ? -15.893 0.889   8.646   1.00 52.14 ? 138 PRO A O     1 
ATOM   1019 C CB    . PRO A 1 138 ? -14.620 3.747   9.344   1.00 52.24 ? 138 PRO A CB    1 
ATOM   1020 C CG    . PRO A 1 138 ? -15.399 5.007   9.638   1.00 57.81 ? 138 PRO A CG    1 
ATOM   1021 C CD    . PRO A 1 138 ? -16.848 4.655   9.330   1.00 57.09 ? 138 PRO A CD    1 
ATOM   1022 N N     . VAL A 1 139 ? -14.176 1.256   7.215   1.00 51.78 ? 139 VAL A N     1 
ATOM   1023 C CA    . VAL A 1 139 ? -13.896 -0.160  7.022   1.00 41.77 ? 139 VAL A CA    1 
ATOM   1024 C C     . VAL A 1 139 ? -13.457 -0.773  8.340   1.00 48.12 ? 139 VAL A C     1 
ATOM   1025 O O     . VAL A 1 139 ? -12.662 -0.189  9.086   1.00 47.18 ? 139 VAL A O     1 
ATOM   1026 C CB    . VAL A 1 139 ? -12.818 -0.355  5.938   1.00 41.72 ? 139 VAL A CB    1 
ATOM   1027 C CG1   . VAL A 1 139 ? -12.563 -1.831  5.692   1.00 44.22 ? 139 VAL A CG1   1 
ATOM   1028 C CG2   . VAL A 1 139 ? -13.229 0.348   4.645   1.00 41.43 ? 139 VAL A CG2   1 
ATOM   1029 N N     . LYS A 1 140 ? -13.985 -1.956  8.637   1.00 49.44 ? 140 LYS A N     1 
ATOM   1030 C CA    . LYS A 1 140 ? -13.591 -2.661  9.844   1.00 52.69 ? 140 LYS A CA    1 
ATOM   1031 C C     . LYS A 1 140 ? -12.388 -3.554  9.567   1.00 47.53 ? 140 LYS A C     1 
ATOM   1032 O O     . LYS A 1 140 ? -12.247 -4.090  8.462   1.00 46.82 ? 140 LYS A O     1 
ATOM   1033 C CB    . LYS A 1 140 ? -14.746 -3.518  10.366  1.00 53.77 ? 140 LYS A CB    1 
ATOM   1034 C CG    . LYS A 1 140 ? -16.085 -2.799  10.389  1.00 57.68 ? 140 LYS A CG    1 
ATOM   1035 C CD    . LYS A 1 140 ? -16.863 -3.124  11.652  1.00 65.42 ? 140 LYS A CD    1 
ATOM   1036 C CE    . LYS A 1 140 ? -18.220 -2.435  11.655  1.00 60.45 ? 140 LYS A CE    1 
ATOM   1037 N NZ    . LYS A 1 140 ? -19.142 -3.001  10.628  1.00 58.40 ? 140 LYS A NZ    1 
ATOM   1038 N N     . PRO A 1 141 ? -11.526 -3.742  10.569  1.00 48.91 ? 141 PRO A N     1 
ATOM   1039 C CA    . PRO A 1 141 ? -10.359 -4.615  10.375  1.00 40.54 ? 141 PRO A CA    1 
ATOM   1040 C C     . PRO A 1 141 ? -10.674 -5.969  9.769   1.00 49.26 ? 141 PRO A C     1 
ATOM   1041 O O     . PRO A 1 141 ? -9.896  -6.460  8.939   1.00 47.11 ? 141 PRO A O     1 
ATOM   1042 C CB    . PRO A 1 141 ? -9.801  -4.746  11.798  1.00 45.45 ? 141 PRO A CB    1 
ATOM   1043 C CG    . PRO A 1 141 ? -10.177 -3.466  12.458  1.00 45.08 ? 141 PRO A CG    1 
ATOM   1044 C CD    . PRO A 1 141 ? -11.531 -3.115  11.906  1.00 45.75 ? 141 PRO A CD    1 
ATOM   1045 N N     . GLU A 1 142 ? -11.777 -6.613  10.153  1.00 44.18 ? 142 GLU A N     1 
ATOM   1046 C CA    . GLU A 1 142 ? -11.981 -7.959  9.635   1.00 46.37 ? 142 GLU A CA    1 
ATOM   1047 C C     . GLU A 1 142 ? -12.432 -7.925  8.183   1.00 34.56 ? 142 GLU A C     1 
ATOM   1048 O O     . GLU A 1 142 ? -12.262 -8.915  7.460   1.00 44.69 ? 142 GLU A O     1 
ATOM   1049 C CB    . GLU A 1 142 ? -12.980 -8.729  10.504  1.00 53.35 ? 142 GLU A CB    1 
ATOM   1050 C CG    . GLU A 1 142 ? -12.570 -10.192 10.745  1.00 59.58 ? 142 GLU A CG    1 
ATOM   1051 C CD    . GLU A 1 142 ? -11.233 -10.333 11.478  1.00 62.06 ? 142 GLU A CD    1 
ATOM   1052 O OE1   . GLU A 1 142 ? -10.995 -9.552  12.443  1.00 65.43 ? 142 GLU A OE1   1 
ATOM   1053 O OE2   . GLU A 1 142 ? -10.414 -11.205 11.072  1.00 64.26 ? 142 GLU A OE2   1 
ATOM   1054 N N     . GLU A 1 143 ? -13.008 -6.803  7.743   1.00 45.16 ? 143 GLU A N     1 
ATOM   1055 C CA    . GLU A 1 143 ? -13.308 -6.622  6.323   1.00 47.10 ? 143 GLU A CA    1 
ATOM   1056 C C     . GLU A 1 143 ? -12.027 -6.579  5.493   1.00 39.10 ? 143 GLU A C     1 
ATOM   1057 O O     . GLU A 1 143 ? -11.957 -7.178  4.412   1.00 36.59 ? 143 GLU A O     1 
ATOM   1058 C CB    . GLU A 1 143 ? -14.125 -5.346  6.120   1.00 43.15 ? 143 GLU A CB    1 
ATOM   1059 C CG    . GLU A 1 143 ? -15.550 -5.409  6.694   1.00 54.28 ? 143 GLU A CG    1 
ATOM   1060 C CD    . GLU A 1 143 ? -16.232 -4.047  6.767   1.00 54.75 ? 143 GLU A CD    1 
ATOM   1061 O OE1   . GLU A 1 143 ? -17.437 -3.956  6.440   1.00 64.17 ? 143 GLU A OE1   1 
ATOM   1062 O OE2   . GLU A 1 143 ? -15.574 -3.067  7.163   1.00 58.51 ? 143 GLU A OE2   1 
ATOM   1063 N N     . GLY A 1 144 ? -10.999 -5.887  5.991   1.00 42.22 ? 144 GLY A N     1 
ATOM   1064 C CA    . GLY A 1 144 ? -9.707  -5.908  5.318   1.00 35.84 ? 144 GLY A CA    1 
ATOM   1065 C C     . GLY A 1 144 ? -9.107  -7.296  5.241   1.00 33.72 ? 144 GLY A C     1 
ATOM   1066 O O     . GLY A 1 144 ? -8.658  -7.731  4.179   1.00 34.30 ? 144 GLY A O     1 
ATOM   1067 N N     . ARG A 1 145 ? -9.126  -8.036  6.357   1.00 42.09 ? 145 ARG A N     1 
ATOM   1068 C CA    . ARG A 1 145 ? -8.534  -9.374  6.349   1.00 36.72 ? 145 ARG A CA    1 
ATOM   1069 C C     . ARG A 1 145 ? -9.283  -10.313 5.414   1.00 37.13 ? 145 ARG A C     1 
ATOM   1070 O O     . ARG A 1 145 ? -8.662  -11.111 4.696   1.00 37.29 ? 145 ARG A O     1 
ATOM   1071 C CB    . ARG A 1 145 ? -8.490  -9.938  7.770   1.00 44.13 ? 145 ARG A CB    1 
ATOM   1072 C CG    . ARG A 1 145 ? -7.614  -9.125  8.714   1.00 40.23 ? 145 ARG A CG    1 
ATOM   1073 C CD    . ARG A 1 145 ? -7.336  -9.869  10.017  1.00 52.19 ? 145 ARG A CD    1 
ATOM   1074 N NE    . ARG A 1 145 ? -8.297  -9.512  11.054  1.00 57.76 ? 145 ARG A NE    1 
ATOM   1075 C CZ    . ARG A 1 145 ? -8.087  -8.577  11.973  1.00 54.93 ? 145 ARG A CZ    1 
ATOM   1076 N NH1   . ARG A 1 145 ? -6.942  -7.911  11.993  1.00 55.74 ? 145 ARG A NH1   1 
ATOM   1077 N NH2   . ARG A 1 145 ? -9.024  -8.310  12.875  1.00 63.91 ? 145 ARG A NH2   1 
ATOM   1078 N N     . ASP A 1 146 ? -10.623 -10.239 5.412   1.00 44.46 ? 146 ASP A N     1 
ATOM   1079 C CA    . ASP A 1 146 ? -11.409 -11.050 4.485   1.00 43.53 ? 146 ASP A CA    1 
ATOM   1080 C C     . ASP A 1 146 ? -11.053 -10.734 3.040   1.00 37.59 ? 146 ASP A C     1 
ATOM   1081 O O     . ASP A 1 146 ? -10.898 -11.642 2.214   1.00 37.60 ? 146 ASP A O     1 
ATOM   1082 C CB    . ASP A 1 146 ? -12.914 -10.831 4.697   1.00 42.31 ? 146 ASP A CB    1 
ATOM   1083 C CG    . ASP A 1 146 ? -13.437 -11.490 5.965   1.00 52.97 ? 146 ASP A CG    1 
ATOM   1084 O OD1   . ASP A 1 146 ? -14.366 -10.926 6.585   1.00 57.70 ? 146 ASP A OD1   1 
ATOM   1085 O OD2   . ASP A 1 146 ? -12.904 -12.555 6.352   1.00 47.33 ? 146 ASP A OD2   1 
ATOM   1086 N N     . MET A 1 147 ? -10.985 -9.443  2.699   1.00 37.54 ? 147 MET A N     1 
ATOM   1087 C CA    . MET A 1 147 ? -10.622 -9.083  1.333   1.00 34.48 ? 147 MET A CA    1 
ATOM   1088 C C     . MET A 1 147 ? -9.262  -9.656  0.969   1.00 28.74 ? 147 MET A C     1 
ATOM   1089 O O     . MET A 1 147 ? -9.107  -10.282 -0.087  1.00 32.05 ? 147 MET A O     1 
ATOM   1090 C CB    . MET A 1 147 ? -10.627 -7.567  1.147   1.00 38.66 ? 147 MET A CB    1 
ATOM   1091 C CG    . MET A 1 147 ? -10.514 -7.193  -0.313  1.00 30.57 ? 147 MET A CG    1 
ATOM   1092 S SD    . MET A 1 147 ? -11.945 -7.829  -1.216  1.00 38.38 ? 147 MET A SD    1 
ATOM   1093 C CE    . MET A 1 147 ? -13.188 -6.690  -0.623  1.00 30.81 ? 147 MET A CE    1 
ATOM   1094 N N     . ALA A 1 148 ? -8.282  -9.506  1.870   1.00 35.44 ? 148 ALA A N     1 
ATOM   1095 C CA    . ALA A 1 148 ? -6.937  -10.036 1.629   1.00 30.83 ? 148 ALA A CA    1 
ATOM   1096 C C     . ALA A 1 148 ? -6.975  -11.535 1.390   1.00 34.60 ? 148 ALA A C     1 
ATOM   1097 O O     . ALA A 1 148 ? -6.301  -12.057 0.489   1.00 33.05 ? 148 ALA A O     1 
ATOM   1098 C CB    . ALA A 1 148 ? -6.032  -9.704  2.815   1.00 34.93 ? 148 ALA A CB    1 
ATOM   1099 N N     . ASN A 1 149 ? -7.775  -12.247 2.187   1.00 42.46 ? 149 ASN A N     1 
ATOM   1100 C CA    . ASN A 1 149 ? -7.984  -13.668 1.949   1.00 35.00 ? 149 ASN A CA    1 
ATOM   1101 C C     . ASN A 1 149 ? -8.621  -13.898 0.588   1.00 33.22 ? 149 ASN A C     1 
ATOM   1102 O O     . ASN A 1 149 ? -8.161  -14.734 -0.196  1.00 32.77 ? 149 ASN A O     1 
ATOM   1103 C CB    . ASN A 1 149 ? -8.849  -14.237 3.073   1.00 38.65 ? 149 ASN A CB    1 
ATOM   1104 C CG    . ASN A 1 149 ? -8.916  -15.734 3.047   1.00 47.77 ? 149 ASN A CG    1 
ATOM   1105 O OD1   . ASN A 1 149 ? -9.972  -16.312 2.794   1.00 53.53 ? 149 ASN A OD1   1 
ATOM   1106 N ND2   . ASN A 1 149 ? -7.783  -16.382 3.297   1.00 53.67 ? 149 ASN A ND2   1 
ATOM   1107 N N     . ARG A 1 150 ? -9.664  -13.126 0.268   1.00 35.61 ? 150 ARG A N     1 
ATOM   1108 C CA    . ARG A 1 150 ? -10.396 -13.359 -0.971  1.00 35.58 ? 150 ARG A CA    1 
ATOM   1109 C C     . ARG A 1 150 ? -9.511  -13.173 -2.197  1.00 37.67 ? 150 ARG A C     1 
ATOM   1110 O O     . ARG A 1 150 ? -9.614  -13.936 -3.166  1.00 37.30 ? 150 ARG A O     1 
ATOM   1111 C CB    . ARG A 1 150 ? -11.612 -12.443 -1.043  1.00 36.41 ? 150 ARG A CB    1 
ATOM   1112 C CG    . ARG A 1 150 ? -12.757 -13.073 -1.826  1.00 51.09 ? 150 ARG A CG    1 
ATOM   1113 C CD    . ARG A 1 150 ? -13.384 -12.115 -2.799  1.00 47.33 ? 150 ARG A CD    1 
ATOM   1114 N NE    . ARG A 1 150 ? -14.105 -11.030 -2.141  1.00 52.16 ? 150 ARG A NE    1 
ATOM   1115 C CZ    . ARG A 1 150 ? -14.883 -10.163 -2.784  1.00 52.51 ? 150 ARG A CZ    1 
ATOM   1116 N NH1   . ARG A 1 150 ? -15.045 -10.262 -4.103  1.00 57.46 ? 150 ARG A NH1   1 
ATOM   1117 N NH2   . ARG A 1 150 ? -15.505 -9.203  -2.112  1.00 48.71 ? 150 ARG A NH2   1 
ATOM   1118 N N     . ILE A 1 151 ? -8.620  -12.172 -2.182  1.00 32.05 ? 151 ILE A N     1 
ATOM   1119 C CA    . ILE A 1 151 ? -7.815  -11.906 -3.369  1.00 31.64 ? 151 ILE A CA    1 
ATOM   1120 C C     . ILE A 1 151 ? -6.504  -12.685 -3.384  1.00 33.66 ? 151 ILE A C     1 
ATOM   1121 O O     . ILE A 1 151 ? -5.771  -12.625 -4.381  1.00 34.82 ? 151 ILE A O     1 
ATOM   1122 C CB    . ILE A 1 151 ? -7.549  -10.390 -3.511  1.00 34.44 ? 151 ILE A CB    1 
ATOM   1123 C CG1   . ILE A 1 151 ? -6.678  -9.877  -2.361  1.00 26.96 ? 151 ILE A CG1   1 
ATOM   1124 C CG2   . ILE A 1 151 ? -8.870  -9.642  -3.540  1.00 33.59 ? 151 ILE A CG2   1 
ATOM   1125 C CD1   . ILE A 1 151 ? -6.386  -8.345  -2.454  1.00 30.64 ? 151 ILE A CD1   1 
ATOM   1126 N N     . GLY A 1 152 ? -6.209  -13.455 -2.343  1.00 32.31 ? 152 GLY A N     1 
ATOM   1127 C CA    . GLY A 1 152 ? -4.977  -14.220 -2.327  1.00 28.63 ? 152 GLY A CA    1 
ATOM   1128 C C     . GLY A 1 152 ? -3.770  -13.370 -1.978  1.00 28.31 ? 152 GLY A C     1 
ATOM   1129 O O     . GLY A 1 152 ? -2.680  -13.599 -2.512  1.00 29.15 ? 152 GLY A O     1 
ATOM   1130 N N     . ALA A 1 153 ? -3.945  -12.382 -1.114  1.00 30.51 ? 153 ALA A N     1 
ATOM   1131 C CA    . ALA A 1 153 ? -2.847  -11.506 -0.749  1.00 31.81 ? 153 ALA A CA    1 
ATOM   1132 C C     . ALA A 1 153 ? -1.838  -12.259 0.103   1.00 35.34 ? 153 ALA A C     1 
ATOM   1133 O O     . ALA A 1 153 ? -2.173  -13.190 0.842   1.00 29.71 ? 153 ALA A O     1 
ATOM   1134 C CB    . ALA A 1 153 ? -3.351  -10.285 0.020   1.00 25.52 ? 153 ALA A CB    1 
ATOM   1135 N N     . PHE A 1 154 ? -0.587  -11.836 -0.007  1.00 30.15 ? 154 PHE A N     1 
ATOM   1136 C CA    . PHE A 1 154 ? 0.453   -12.378 0.852   1.00 33.07 ? 154 PHE A CA    1 
ATOM   1137 C C     . PHE A 1 154 ? 0.199   -12.006 2.307   1.00 32.49 ? 154 PHE A C     1 
ATOM   1138 O O     . PHE A 1 154 ? 0.416   -12.820 3.216   1.00 32.53 ? 154 PHE A O     1 
ATOM   1139 C CB    . PHE A 1 154 ? 1.808   -11.872 0.353   1.00 32.04 ? 154 PHE A CB    1 
ATOM   1140 C CG    . PHE A 1 154 ? 2.976   -12.285 1.199   1.00 34.28 ? 154 PHE A CG    1 
ATOM   1141 C CD1   . PHE A 1 154 ? 3.701   -13.419 0.884   1.00 34.51 ? 154 PHE A CD1   1 
ATOM   1142 C CD2   . PHE A 1 154 ? 3.376   -11.511 2.277   1.00 33.22 ? 154 PHE A CD2   1 
ATOM   1143 C CE1   . PHE A 1 154 ? 4.794   -13.796 1.649   1.00 37.35 ? 154 PHE A CE1   1 
ATOM   1144 C CE2   . PHE A 1 154 ? 4.479   -11.877 3.037   1.00 36.76 ? 154 PHE A CE2   1 
ATOM   1145 C CZ    . PHE A 1 154 ? 5.180   -13.026 2.719   1.00 35.69 ? 154 PHE A CZ    1 
ATOM   1146 N N     . GLY A 1 155 ? -0.286  -10.790 2.542   1.00 28.26 ? 155 GLY A N     1 
ATOM   1147 C CA    . GLY A 1 155 ? -0.561  -10.300 3.879   1.00 29.02 ? 155 GLY A CA    1 
ATOM   1148 C C     . GLY A 1 155 ? -1.477  -9.099  3.827   1.00 35.34 ? 155 GLY A C     1 
ATOM   1149 O O     . GLY A 1 155 ? -1.769  -8.545  2.763   1.00 31.73 ? 155 GLY A O     1 
ATOM   1150 N N     . TYR A 1 156 ? -1.934  -8.700  5.008   1.00 32.68 ? 156 TYR A N     1 
ATOM   1151 C CA    . TYR A 1 156 ? -2.774  -7.522  5.184   1.00 34.63 ? 156 TYR A CA    1 
ATOM   1152 C C     . TYR A 1 156 ? -2.166  -6.666  6.283   1.00 33.97 ? 156 TYR A C     1 
ATOM   1153 O O     . TYR A 1 156 ? -1.696  -7.194  7.292   1.00 38.83 ? 156 TYR A O     1 
ATOM   1154 C CB    . TYR A 1 156 ? -4.234  -7.917  5.544   1.00 32.76 ? 156 TYR A CB    1 
ATOM   1155 C CG    . TYR A 1 156 ? -5.119  -6.738  5.888   1.00 33.98 ? 156 TYR A CG    1 
ATOM   1156 C CD1   . TYR A 1 156 ? -5.493  -5.832  4.914   1.00 31.29 ? 156 TYR A CD1   1 
ATOM   1157 C CD2   . TYR A 1 156 ? -5.574  -6.533  7.183   1.00 31.56 ? 156 TYR A CD2   1 
ATOM   1158 C CE1   . TYR A 1 156 ? -6.284  -4.754  5.208   1.00 31.33 ? 156 TYR A CE1   1 
ATOM   1159 C CE2   . TYR A 1 156 ? -6.370  -5.452  7.495   1.00 34.79 ? 156 TYR A CE2   1 
ATOM   1160 C CZ    . TYR A 1 156 ? -6.737  -4.572  6.497   1.00 32.78 ? 156 TYR A CZ    1 
ATOM   1161 O OH    . TYR A 1 156 ? -7.519  -3.483  6.773   1.00 32.28 ? 156 TYR A OH    1 
ATOM   1162 N N     . MET A 1 157 ? -2.127  -5.350  6.066   1.00 33.43 ? 157 MET A N     1 
ATOM   1163 C CA    . MET A 1 157 ? -1.608  -4.421  7.061   1.00 34.56 ? 157 MET A CA    1 
ATOM   1164 C C     . MET A 1 157 ? -2.459  -3.173  7.079   1.00 34.46 ? 157 MET A C     1 
ATOM   1165 O O     . MET A 1 157 ? -2.961  -2.728  6.041   1.00 33.45 ? 157 MET A O     1 
ATOM   1166 C CB    . MET A 1 157 ? -0.149  -3.987  6.796   1.00 34.66 ? 157 MET A CB    1 
ATOM   1167 C CG    . MET A 1 157 ? 0.882   -5.062  6.995   1.00 40.71 ? 157 MET A CG    1 
ATOM   1168 S SD    . MET A 1 157 ? 1.386   -5.185  8.725   1.00 42.97 ? 157 MET A SD    1 
ATOM   1169 C CE    . MET A 1 157 ? 1.517   -3.464  9.190   1.00 42.48 ? 157 MET A CE    1 
ATOM   1170 N N     . GLU A 1 158 ? -2.564  -2.576  8.260   1.00 32.81 ? 158 GLU A N     1 
ATOM   1171 C CA    . GLU A 1 158 ? -3.224  -1.296  8.421   1.00 30.64 ? 158 GLU A CA    1 
ATOM   1172 C C     . GLU A 1 158 ? -2.183  -0.245  8.749   1.00 38.56 ? 158 GLU A C     1 
ATOM   1173 O O     . GLU A 1 158 ? -1.270  -0.481  9.544   1.00 37.43 ? 158 GLU A O     1 
ATOM   1174 C CB    . GLU A 1 158 ? -4.301  -1.362  9.505   1.00 40.93 ? 158 GLU A CB    1 
ATOM   1175 C CG    . GLU A 1 158 ? -5.393  -2.372  9.162   1.00 37.40 ? 158 GLU A CG    1 
ATOM   1176 C CD    . GLU A 1 158 ? -6.727  -1.988  9.766   1.00 42.41 ? 158 GLU A CD    1 
ATOM   1177 O OE1   . GLU A 1 158 ? -6.700  -1.288  10.791  1.00 40.03 ? 158 GLU A OE1   1 
ATOM   1178 O OE2   . GLU A 1 158 ? -7.785  -2.349  9.201   1.00 39.93 ? 158 GLU A OE2   1 
ATOM   1179 N N     . THR A 1 159 ? -2.291  0.897   8.094   1.00 36.36 ? 159 THR A N     1 
ATOM   1180 C CA    . THR A 1 159 ? -1.288  1.933   8.228   1.00 34.57 ? 159 THR A CA    1 
ATOM   1181 C C     . THR A 1 159 ? -1.965  3.262   8.485   1.00 35.29 ? 159 THR A C     1 
ATOM   1182 O O     . THR A 1 159 ? -3.156  3.443   8.231   1.00 37.44 ? 159 THR A O     1 
ATOM   1183 C CB    . THR A 1 159 ? -0.434  2.064   6.963   1.00 34.58 ? 159 THR A CB    1 
ATOM   1184 O OG1   . THR A 1 159 ? -1.297  2.423   5.870   1.00 29.56 ? 159 THR A OG1   1 
ATOM   1185 C CG2   . THR A 1 159 ? 0.293   0.751   6.658   1.00 33.69 ? 159 THR A CG2   1 
ATOM   1186 N N     . SER A 1 160 ? -1.164  4.206   8.961   1.00 33.54 ? 160 SER A N     1 
ATOM   1187 C CA    . SER A 1 160 ? -1.521  5.613   8.928   1.00 36.99 ? 160 SER A CA    1 
ATOM   1188 C C     . SER A 1 160 ? -0.290  6.368   8.454   1.00 36.91 ? 160 SER A C     1 
ATOM   1189 O O     . SER A 1 160 ? 0.704   6.437   9.180   1.00 37.80 ? 160 SER A O     1 
ATOM   1190 C CB    . SER A 1 160 ? -1.972  6.106   10.299  1.00 43.21 ? 160 SER A CB    1 
ATOM   1191 O OG    . SER A 1 160 ? -2.172  7.498   10.263  1.00 40.98 ? 160 SER A OG    1 
ATOM   1192 N N     . ALA A 1 161 ? -0.339  6.913   7.235   1.00 33.03 ? 161 ALA A N     1 
ATOM   1193 C CA    . ALA A 1 161 ? 0.751   7.772   6.797   1.00 35.97 ? 161 ALA A CA    1 
ATOM   1194 C C     . ALA A 1 161 ? 0.836   9.040   7.633   1.00 39.30 ? 161 ALA A C     1 
ATOM   1195 O O     . ALA A 1 161 ? 1.908   9.649   7.705   1.00 38.76 ? 161 ALA A O     1 
ATOM   1196 C CB    . ALA A 1 161 ? 0.594   8.120   5.313   1.00 31.98 ? 161 ALA A CB    1 
ATOM   1197 N N     . LYS A 1 162 ? -0.266  9.442   8.271   1.00 38.86 ? 162 LYS A N     1 
ATOM   1198 C CA    . LYS A 1 162 ? -0.249  10.642  9.106   1.00 43.72 ? 162 LYS A CA    1 
ATOM   1199 C C     . LYS A 1 162 ? 0.505   10.398  10.412  1.00 41.98 ? 162 LYS A C     1 
ATOM   1200 O O     . LYS A 1 162 ? 1.432   11.138  10.751  1.00 48.26 ? 162 LYS A O     1 
ATOM   1201 C CB    . LYS A 1 162 ? -1.682  11.112  9.380   1.00 45.90 ? 162 LYS A CB    1 
ATOM   1202 C CG    . LYS A 1 162 ? -1.773  12.520  9.956   1.00 50.43 ? 162 LYS A CG    1 
ATOM   1203 C CD    . LYS A 1 162 ? -3.215  13.016  10.020  1.00 48.98 ? 162 LYS A CD    1 
ATOM   1204 C CE    . LYS A 1 162 ? -3.297  14.530  9.841   1.00 58.92 ? 162 LYS A CE    1 
ATOM   1205 N NZ    . LYS A 1 162 ? -2.882  14.951  8.462   1.00 62.51 ? 162 LYS A NZ    1 
ATOM   1206 N N     . THR A 1 163 ? 0.131   9.367   11.158  1.00 45.07 ? 163 THR A N     1 
ATOM   1207 C CA    . THR A 1 163 ? 0.838   9.063   12.393  1.00 41.35 ? 163 THR A CA    1 
ATOM   1208 C C     . THR A 1 163 ? 2.039   8.153   12.193  1.00 46.67 ? 163 THR A C     1 
ATOM   1209 O O     . THR A 1 163 ? 2.775   7.918   13.157  1.00 44.23 ? 163 THR A O     1 
ATOM   1210 C CB    . THR A 1 163 ? -0.096  8.407   13.401  1.00 45.94 ? 163 THR A CB    1 
ATOM   1211 O OG1   . THR A 1 163 ? -0.192  7.012   13.103  1.00 49.42 ? 163 THR A OG1   1 
ATOM   1212 C CG2   . THR A 1 163 ? -1.488  9.045   13.343  1.00 47.04 ? 163 THR A CG2   1 
ATOM   1213 N N     . LYS A 1 164 ? 2.252   7.637   10.979  1.00 42.64 ? 164 LYS A N     1 
ATOM   1214 C CA    . LYS A 1 164 ? 3.338   6.739   10.592  1.00 36.79 ? 164 LYS A CA    1 
ATOM   1215 C C     . LYS A 1 164 ? 3.177   5.329   11.156  1.00 37.62 ? 164 LYS A C     1 
ATOM   1216 O O     . LYS A 1 164 ? 4.033   4.478   10.904  1.00 38.01 ? 164 LYS A O     1 
ATOM   1217 C CB    . LYS A 1 164 ? 4.722   7.295   10.965  1.00 39.47 ? 164 LYS A CB    1 
ATOM   1218 C CG    . LYS A 1 164 ? 4.905   8.784   10.594  1.00 40.45 ? 164 LYS A CG    1 
ATOM   1219 C CD    . LYS A 1 164 ? 6.081   9.449   11.321  1.00 51.31 ? 164 LYS A CD    1 
ATOM   1220 C CE    . LYS A 1 164 ? 7.223   8.460   11.576  1.00 49.41 ? 164 LYS A CE    1 
ATOM   1221 N NZ    . LYS A 1 164 ? 8.268   9.007   12.495  1.00 61.50 ? 164 LYS A NZ    1 
ATOM   1222 N N     . ASP A 1 165 ? 2.109   5.043   11.895  1.00 40.56 ? 165 ASP A N     1 
ATOM   1223 C CA    . ASP A 1 165 ? 1.945   3.711   12.465  1.00 38.99 ? 165 ASP A CA    1 
ATOM   1224 C C     . ASP A 1 165 ? 1.718   2.680   11.360  1.00 40.34 ? 165 ASP A C     1 
ATOM   1225 O O     . ASP A 1 165 ? 0.882   2.879   10.472  1.00 39.31 ? 165 ASP A O     1 
ATOM   1226 C CB    . ASP A 1 165 ? 0.781   3.703   13.458  1.00 45.14 ? 165 ASP A CB    1 
ATOM   1227 C CG    . ASP A 1 165 ? 0.750   2.448   14.317  1.00 53.40 ? 165 ASP A CG    1 
ATOM   1228 O OD1   . ASP A 1 165 ? 1.824   1.866   14.594  1.00 54.03 ? 165 ASP A OD1   1 
ATOM   1229 O OD2   . ASP A 1 165 ? -0.354  2.042   14.722  1.00 56.92 ? 165 ASP A OD2   1 
ATOM   1230 N N     . GLY A 1 166 ? 2.481   1.587   11.410  1.00 32.19 ? 166 GLY A N     1 
ATOM   1231 C CA    . GLY A 1 166 ? 2.388   0.504   10.457  1.00 38.23 ? 166 GLY A CA    1 
ATOM   1232 C C     . GLY A 1 166 ? 3.225   0.669   9.203   1.00 31.19 ? 166 GLY A C     1 
ATOM   1233 O O     . GLY A 1 166 ? 3.493   -0.327  8.517   1.00 31.96 ? 166 GLY A O     1 
ATOM   1234 N N     . VAL A 1 167 ? 3.669   1.890   8.896   1.00 29.53 ? 167 VAL A N     1 
ATOM   1235 C CA    . VAL A 1 167 ? 4.310   2.132   7.604   1.00 31.77 ? 167 VAL A CA    1 
ATOM   1236 C C     . VAL A 1 167 ? 5.583   1.309   7.479   1.00 27.64 ? 167 VAL A C     1 
ATOM   1237 O O     . VAL A 1 167 ? 5.779   0.584   6.498   1.00 27.49 ? 167 VAL A O     1 
ATOM   1238 C CB    . VAL A 1 167 ? 4.587   3.633   7.404   1.00 27.42 ? 167 VAL A CB    1 
ATOM   1239 C CG1   . VAL A 1 167 ? 5.360   3.837   6.096   1.00 29.05 ? 167 VAL A CG1   1 
ATOM   1240 C CG2   . VAL A 1 167 ? 3.282   4.406   7.345   1.00 29.93 ? 167 VAL A CG2   1 
ATOM   1241 N N     . ARG A 1 168 ? 6.480   1.423   8.464   1.00 32.81 ? 168 ARG A N     1 
ATOM   1242 C CA    . ARG A 1 168 ? 7.717   0.647   8.420   1.00 33.40 ? 168 ARG A CA    1 
ATOM   1243 C C     . ARG A 1 168 ? 7.422   -0.839  8.261   1.00 31.30 ? 168 ARG A C     1 
ATOM   1244 O O     . ARG A 1 168 ? 8.049   -1.524  7.447   1.00 27.27 ? 168 ARG A O     1 
ATOM   1245 C CB    . ARG A 1 168 ? 8.539   0.916   9.688   1.00 38.76 ? 168 ARG A CB    1 
ATOM   1246 C CG    . ARG A 1 168 ? 9.782   0.067   9.817   1.00 43.79 ? 168 ARG A CG    1 
ATOM   1247 C CD    . ARG A 1 168 ? 10.640  0.520   11.007  1.00 45.30 ? 168 ARG A CD    1 
ATOM   1248 N NE    . ARG A 1 168 ? 10.785  1.975   10.987  1.00 56.17 ? 168 ARG A NE    1 
ATOM   1249 C CZ    . ARG A 1 168 ? 11.583  2.640   11.822  1.00 57.59 ? 168 ARG A CZ    1 
ATOM   1250 N NH1   . ARG A 1 168 ? 12.312  1.960   12.727  1.00 64.72 ? 168 ARG A NH1   1 
ATOM   1251 N NH2   . ARG A 1 168 ? 11.669  3.970   11.756  1.00 55.27 ? 168 ARG A NH2   1 
ATOM   1252 N N     . GLU A 1 169 ? 6.427   -1.342  8.993   1.00 34.21 ? 169 GLU A N     1 
ATOM   1253 C CA    . GLU A 1 169 ? 6.105   -2.765  8.958   1.00 30.91 ? 169 GLU A CA    1 
ATOM   1254 C C     . GLU A 1 169 ? 5.574   -3.196  7.598   1.00 28.75 ? 169 GLU A C     1 
ATOM   1255 O O     . GLU A 1 169 ? 5.834   -4.318  7.148   1.00 30.37 ? 169 GLU A O     1 
ATOM   1256 C CB    . GLU A 1 169 ? 5.089   -3.087  10.058  1.00 36.31 ? 169 GLU A CB    1 
ATOM   1257 C CG    . GLU A 1 169 ? 5.651   -2.932  11.503  1.00 40.80 ? 169 GLU A CG    1 
ATOM   1258 C CD    . GLU A 1 169 ? 5.621   -1.488  12.043  1.00 47.43 ? 169 GLU A CD    1 
ATOM   1259 O OE1   . GLU A 1 169 ? 5.708   -1.320  13.280  1.00 57.25 ? 169 GLU A OE1   1 
ATOM   1260 O OE2   . GLU A 1 169 ? 5.515   -0.518  11.258  1.00 40.70 ? 169 GLU A OE2   1 
ATOM   1261 N N     . VAL A 1 170 ? 4.828   -2.326  6.912   1.00 28.01 ? 170 VAL A N     1 
ATOM   1262 C CA    . VAL A 1 170 ? 4.269   -2.778  5.645   1.00 27.19 ? 170 VAL A CA    1 
ATOM   1263 C C     . VAL A 1 170 ? 5.363   -2.873  4.587   1.00 25.34 ? 170 VAL A C     1 
ATOM   1264 O O     . VAL A 1 170 ? 5.369   -3.797  3.771   1.00 26.22 ? 170 VAL A O     1 
ATOM   1265 C CB    . VAL A 1 170 ? 3.076   -1.891  5.213   1.00 29.94 ? 170 VAL A CB    1 
ATOM   1266 C CG1   . VAL A 1 170 ? 3.535   -0.576  4.628   1.00 30.88 ? 170 VAL A CG1   1 
ATOM   1267 C CG2   . VAL A 1 170 ? 2.210   -2.664  4.221   1.00 30.83 ? 170 VAL A CG2   1 
ATOM   1268 N N     . PHE A 1 171 ? 6.351   -1.966  4.622   1.00 24.33 ? 171 PHE A N     1 
ATOM   1269 C CA    . PHE A 1 171 ? 7.457   -2.090  3.678   1.00 26.89 ? 171 PHE A CA    1 
ATOM   1270 C C     . PHE A 1 171 ? 8.406   -3.226  4.060   1.00 26.90 ? 171 PHE A C     1 
ATOM   1271 O O     . PHE A 1 171 ? 9.022   -3.838  3.184   1.00 27.78 ? 171 PHE A O     1 
ATOM   1272 C CB    . PHE A 1 171 ? 8.189   -0.752  3.562   1.00 26.32 ? 171 PHE A CB    1 
ATOM   1273 C CG    . PHE A 1 171 ? 7.405   0.264   2.765   1.00 28.87 ? 171 PHE A CG    1 
ATOM   1274 C CD1   . PHE A 1 171 ? 7.544   0.329   1.388   1.00 27.22 ? 171 PHE A CD1   1 
ATOM   1275 C CD2   . PHE A 1 171 ? 6.477   1.096   3.386   1.00 23.51 ? 171 PHE A CD2   1 
ATOM   1276 C CE1   . PHE A 1 171 ? 6.817   1.262   0.646   1.00 25.78 ? 171 PHE A CE1   1 
ATOM   1277 C CE2   . PHE A 1 171 ? 5.723   2.015   2.651   1.00 26.49 ? 171 PHE A CE2   1 
ATOM   1278 C CZ    . PHE A 1 171 ? 5.902   2.098   1.272   1.00 25.26 ? 171 PHE A CZ    1 
ATOM   1279 N N     . GLU A 1 172 ? 8.518   -3.547  5.348   1.00 28.49 ? 172 GLU A N     1 
ATOM   1280 C CA    . GLU A 1 172 ? 9.216   -4.780  5.726   1.00 30.04 ? 172 GLU A CA    1 
ATOM   1281 C C     . GLU A 1 172 ? 8.495   -6.014  5.196   1.00 28.64 ? 172 GLU A C     1 
ATOM   1282 O O     . GLU A 1 172 ? 9.108   -6.897  4.576   1.00 27.75 ? 172 GLU A O     1 
ATOM   1283 C CB    . GLU A 1 172 ? 9.354   -4.846  7.244   1.00 34.62 ? 172 GLU A CB    1 
ATOM   1284 C CG    . GLU A 1 172 ? 10.450  -3.954  7.753   1.00 39.76 ? 172 GLU A CG    1 
ATOM   1285 C CD    . GLU A 1 172 ? 10.367  -3.742  9.241   1.00 45.12 ? 172 GLU A CD    1 
ATOM   1286 O OE1   . GLU A 1 172 ? 9.494   -4.370  9.879   1.00 45.72 ? 172 GLU A OE1   1 
ATOM   1287 O OE2   . GLU A 1 172 ? 11.164  -2.938  9.765   1.00 48.17 ? 172 GLU A OE2   1 
ATOM   1288 N N     . MET A 1 173 ? 7.177   -6.084  5.403   1.00 28.66 ? 173 MET A N     1 
ATOM   1289 C CA    . MET A 1 173 ? 6.436   -7.223  4.873   1.00 29.31 ? 173 MET A CA    1 
ATOM   1290 C C     . MET A 1 173 ? 6.543   -7.291  3.353   1.00 29.13 ? 173 MET A C     1 
ATOM   1291 O O     . MET A 1 173 ? 6.741   -8.377  2.786   1.00 27.52 ? 173 MET A O     1 
ATOM   1292 C CB    . MET A 1 173 ? 4.973   -7.162  5.321   1.00 27.69 ? 173 MET A CB    1 
ATOM   1293 C CG    . MET A 1 173 ? 4.099   -8.254  4.698   1.00 29.41 ? 173 MET A CG    1 
ATOM   1294 S SD    . MET A 1 173 ? 2.364   -8.149  5.250   1.00 32.16 ? 173 MET A SD    1 
ATOM   1295 C CE    . MET A 1 173 ? 2.583   -8.280  7.029   1.00 33.82 ? 173 MET A CE    1 
ATOM   1296 N N     . ALA A 1 174 ? 6.422   -6.139  2.671   1.00 28.21 ? 174 ALA A N     1 
ATOM   1297 C CA    . ALA A 1 174 ? 6.556   -6.140  1.216   1.00 27.11 ? 174 ALA A CA    1 
ATOM   1298 C C     . ALA A 1 174 ? 7.910   -6.687  0.792   1.00 27.80 ? 174 ALA A C     1 
ATOM   1299 O O     . ALA A 1 174 ? 8.011   -7.429  -0.191  1.00 24.84 ? 174 ALA A O     1 
ATOM   1300 C CB    . ALA A 1 174 ? 6.358   -4.730  0.654   1.00 27.00 ? 174 ALA A CB    1 
ATOM   1301 N N     . THR A 1 175 ? 8.965   -6.342  1.526   1.00 26.41 ? 175 THR A N     1 
ATOM   1302 C CA    . THR A 1 175 ? 10.293  -6.802  1.125   1.00 31.73 ? 175 THR A CA    1 
ATOM   1303 C C     . THR A 1 175 ? 10.452  -8.310  1.314   1.00 29.62 ? 175 THR A C     1 
ATOM   1304 O O     . THR A 1 175 ? 10.986  -8.997  0.437   1.00 31.79 ? 175 THR A O     1 
ATOM   1305 C CB    . THR A 1 175 ? 11.364  -6.044  1.896   1.00 28.41 ? 175 THR A CB    1 
ATOM   1306 O OG1   . THR A 1 175 ? 11.230  -4.635  1.641   1.00 34.88 ? 175 THR A OG1   1 
ATOM   1307 C CG2   . THR A 1 175 ? 12.737  -6.504  1.432   1.00 33.88 ? 175 THR A CG2   1 
ATOM   1308 N N     . ARG A 1 176 ? 9.991   -8.849  2.442   1.00 35.49 ? 176 ARG A N     1 
ATOM   1309 C CA    . ARG A 1 176 ? 10.015  -10.303 2.615   1.00 31.25 ? 176 ARG A CA    1 
ATOM   1310 C C     . ARG A 1 176 ? 9.270   -11.012 1.495   1.00 33.97 ? 176 ARG A C     1 
ATOM   1311 O O     . ARG A 1 176 ? 9.717   -12.055 1.001   1.00 34.89 ? 176 ARG A O     1 
ATOM   1312 C CB    . ARG A 1 176 ? 9.417   -10.682 3.961   1.00 29.87 ? 176 ARG A CB    1 
ATOM   1313 C CG    . ARG A 1 176 ? 10.235  -10.229 5.143   1.00 39.47 ? 176 ARG A CG    1 
ATOM   1314 C CD    . ARG A 1 176 ? 9.636   -10.780 6.434   1.00 40.60 ? 176 ARG A CD    1 
ATOM   1315 N NE    . ARG A 1 176 ? 10.252  -10.171 7.603   1.00 41.99 ? 176 ARG A NE    1 
ATOM   1316 C CZ    . ARG A 1 176 ? 9.676   -9.225  8.329   1.00 44.13 ? 176 ARG A CZ    1 
ATOM   1317 N NH1   . ARG A 1 176 ? 8.470   -8.781  7.999   1.00 43.40 ? 176 ARG A NH1   1 
ATOM   1318 N NH2   . ARG A 1 176 ? 10.304  -8.720  9.378   1.00 46.32 ? 176 ARG A NH2   1 
ATOM   1319 N N     . ALA A 1 177 ? 8.128   -10.460 1.072   1.00 31.32 ? 177 ALA A N     1 
ATOM   1320 C CA    . ALA A 1 177 ? 7.375   -11.090 -0.006  1.00 30.06 ? 177 ALA A CA    1 
ATOM   1321 C C     . ALA A 1 177 ? 8.163   -11.064 -1.310  1.00 33.50 ? 177 ALA A C     1 
ATOM   1322 O O     . ALA A 1 177 ? 8.196   -12.055 -2.050  1.00 34.50 ? 177 ALA A O     1 
ATOM   1323 C CB    . ALA A 1 177 ? 6.026   -10.394 -0.177  1.00 29.47 ? 177 ALA A CB    1 
ATOM   1324 N N     . ALA A 1 178 ? 8.801   -9.931  -1.609  1.00 32.06 ? 178 ALA A N     1 
ATOM   1325 C CA    . ALA A 1 178 ? 9.628   -9.828  -2.811  1.00 30.29 ? 178 ALA A CA    1 
ATOM   1326 C C     . ALA A 1 178 ? 10.808  -10.786 -2.758  1.00 35.50 ? 178 ALA A C     1 
ATOM   1327 O O     . ALA A 1 178 ? 11.237  -11.299 -3.798  1.00 38.05 ? 178 ALA A O     1 
ATOM   1328 C CB    . ALA A 1 178 ? 10.137  -8.393  -2.971  1.00 32.21 ? 178 ALA A CB    1 
ATOM   1329 N N     . LEU A 1 179 ? 11.353  -11.022 -1.558  1.00 38.31 ? 179 LEU A N     1 
ATOM   1330 C CA    . LEU A 1 179 ? 12.490  -11.923 -1.386  1.00 37.93 ? 179 LEU A CA    1 
ATOM   1331 C C     . LEU A 1 179 ? 12.099  -13.393 -1.525  1.00 49.02 ? 179 LEU A C     1 
ATOM   1332 O O     . LEU A 1 179 ? 12.952  -14.219 -1.865  1.00 45.07 ? 179 LEU A O     1 
ATOM   1333 C CB    . LEU A 1 179 ? 13.136  -11.683 -0.020  1.00 41.40 ? 179 LEU A CB    1 
ATOM   1334 C CG    . LEU A 1 179 ? 13.971  -10.415 0.202   1.00 38.46 ? 179 LEU A CG    1 
ATOM   1335 C CD1   . LEU A 1 179 ? 14.326  -10.245 1.676   1.00 40.67 ? 179 LEU A CD1   1 
ATOM   1336 C CD2   . LEU A 1 179 ? 15.234  -10.451 -0.647  1.00 40.77 ? 179 LEU A CD2   1 
ATOM   1337 N N     . GLN A 1 180 ? 10.831  -13.745 -1.268  1.00 44.12 ? 180 GLN A N     1 
ATOM   1338 C CA    . GLN A 1 180 ? 10.379  -15.126 -1.410  1.00 49.59 ? 180 GLN A CA    1 
ATOM   1339 C C     . GLN A 1 180 ? 9.731   -15.412 -2.754  1.00 55.97 ? 180 GLN A C     1 
ATOM   1340 O O     . GLN A 1 180 ? 9.623   -16.586 -3.131  1.00 59.39 ? 180 GLN A O     1 
ATOM   1341 C CB    . GLN A 1 180 ? 9.383   -15.480 -0.303  1.00 44.07 ? 180 GLN A CB    1 
ATOM   1342 C CG    . GLN A 1 180 ? 10.032  -15.603 1.053   1.00 54.64 ? 180 GLN A CG    1 
ATOM   1343 C CD    . GLN A 1 180 ? 9.030   -15.612 2.185   1.00 51.29 ? 180 GLN A CD    1 
ATOM   1344 O OE1   . GLN A 1 180 ? 7.840   -15.880 1.984   1.00 55.80 ? 180 GLN A OE1   1 
ATOM   1345 N NE2   . GLN A 1 180 ? 9.508   -15.327 3.391   1.00 54.18 ? 180 GLN A NE2   1 
ATOM   1346 N N     . ALA A 1 181 ? 9.300   -14.374 -3.472  1.00 58.59 ? 181 ALA A N     1 
ATOM   1347 C CA    . ALA A 1 181 ? 8.565   -14.519 -4.734  1.00 58.49 ? 181 ALA A CA    1 
ATOM   1348 C C     . ALA A 1 181 ? 7.293   -15.344 -4.533  1.00 57.86 ? 181 ALA A C     1 
ATOM   1349 O O     . ALA A 1 181 ? 6.181   -14.873 -4.783  1.00 53.37 ? 181 ALA A O     1 
ATOM   1350 C CB    . ALA A 1 181 ? 9.464   -15.154 -5.816  1.00 61.21 ? 181 ALA A CB    1 
HETATM 1351 P PB    . GDP B 2 .   ? -2.700  9.222   -3.399  1.00 29.53 ? 201 GDP A PB    1 
HETATM 1352 O O1B   . GDP B 2 .   ? -3.059  7.804   -3.342  1.00 27.20 ? 201 GDP A O1B   1 
HETATM 1353 O O2B   . GDP B 2 .   ? -3.518  9.862   -4.415  1.00 27.44 ? 201 GDP A O2B   1 
HETATM 1354 O O3B   . GDP B 2 .   ? -1.316  9.221   -3.847  1.00 24.32 ? 201 GDP A O3B   1 
HETATM 1355 O O3A   . GDP B 2 .   ? -2.968  9.853   -1.918  1.00 30.35 ? 201 GDP A O3A   1 
HETATM 1356 P PA    . GDP B 2 .   ? -2.047  10.982  -1.200  1.00 31.32 ? 201 GDP A PA    1 
HETATM 1357 O O1A   . GDP B 2 .   ? -0.770  10.418  -0.714  1.00 29.26 ? 201 GDP A O1A   1 
HETATM 1358 O O2A   . GDP B 2 .   ? -1.686  12.018  -2.168  1.00 29.38 ? 201 GDP A O2A   1 
HETATM 1359 O "O5'" . GDP B 2 .   ? -2.949  11.535  0.053   1.00 33.86 ? 201 GDP A "O5'" 1 
HETATM 1360 C "C5'" . GDP B 2 .   ? -4.169  12.142  -0.271  1.00 34.81 ? 201 GDP A "C5'" 1 
HETATM 1361 C "C4'" . GDP B 2 .   ? -4.654  12.897  0.925   1.00 36.31 ? 201 GDP A "C4'" 1 
HETATM 1362 O "O4'" . GDP B 2 .   ? -4.916  11.905  1.961   1.00 34.38 ? 201 GDP A "O4'" 1 
HETATM 1363 C "C3'" . GDP B 2 .   ? -3.644  13.860  1.466   1.00 41.42 ? 201 GDP A "C3'" 1 
HETATM 1364 O "O3'" . GDP B 2 .   ? -4.179  15.193  1.376   1.00 49.60 ? 201 GDP A "O3'" 1 
HETATM 1365 C "C2'" . GDP B 2 .   ? -3.134  13.021  2.888   1.00 47.30 ? 201 GDP A "C2'" 1 
HETATM 1366 O "O2'" . GDP B 2 .   ? -2.547  14.057  3.382   1.00 46.00 ? 201 GDP A "O2'" 1 
HETATM 1367 C "C1'" . GDP B 2 .   ? -4.231  12.318  3.205   1.00 36.75 ? 201 GDP A "C1'" 1 
HETATM 1368 N N9    . GDP B 2 .   ? -3.622  11.154  3.752   1.00 38.43 ? 201 GDP A N9    1 
HETATM 1369 C C8    . GDP B 2 .   ? -2.754  10.356  3.132   1.00 36.43 ? 201 GDP A C8    1 
HETATM 1370 N N7    . GDP B 2 .   ? -2.460  9.313   3.965   1.00 33.19 ? 201 GDP A N7    1 
HETATM 1371 C C5    . GDP B 2 .   ? -3.270  9.513   5.194   1.00 37.09 ? 201 GDP A C5    1 
HETATM 1372 C C6    . GDP B 2 .   ? -3.511  8.865   6.517   1.00 34.66 ? 201 GDP A C6    1 
HETATM 1373 O O6    . GDP B 2 .   ? -2.893  7.685   6.891   1.00 37.85 ? 201 GDP A O6    1 
HETATM 1374 N N1    . GDP B 2 .   ? -4.398  9.418   7.406   1.00 42.41 ? 201 GDP A N1    1 
HETATM 1375 C C2    . GDP B 2 .   ? -5.064  10.615  7.077   1.00 41.26 ? 201 GDP A C2    1 
HETATM 1376 N N2    . GDP B 2 .   ? -5.990  11.170  8.040   1.00 41.92 ? 201 GDP A N2    1 
HETATM 1377 N N3    . GDP B 2 .   ? -4.886  11.263  5.905   1.00 40.08 ? 201 GDP A N3    1 
HETATM 1378 C C4    . GDP B 2 .   ? -4.016  10.753  4.936   1.00 35.69 ? 201 GDP A C4    1 
HETATM 1379 C C1    . 8ZO C 3 .   ? 2.752   -1.137  -13.266 0.31 45.63 ? 202 8ZO A C1    1 
HETATM 1380 C C2    . 8ZO C 3 .   ? 1.848   -0.099  -13.127 0.78 46.14 ? 202 8ZO A C2    1 
HETATM 1381 C C3    . 8ZO C 3 .   ? 0.567   -0.355  -12.662 0.35 43.15 ? 202 8ZO A C3    1 
HETATM 1382 C C4    . 8ZO C 3 .   ? 0.209   -1.657  -12.350 1.00 48.75 ? 202 8ZO A C4    1 
HETATM 1383 C C5    . 8ZO C 3 .   ? 1.110   -2.703  -12.487 1.00 43.39 ? 202 8ZO A C5    1 
HETATM 1384 C C6    . 8ZO C 3 .   ? 2.412   -2.444  -12.952 1.00 45.51 ? 202 8ZO A C6    1 
HETATM 1385 C C7    . 8ZO C 3 .   ? 3.249   -3.813  -13.027 1.00 45.43 ? 202 8ZO A C7    1 
HETATM 1386 C C8    . 8ZO C 3 .   ? 2.299   -5.016  -12.838 0.71 46.75 ? 202 8ZO A C8    1 
HETATM 1387 S S9    . 8ZO C 3 .   ? 0.860   -4.348  -12.159 0.73 46.44 ? 202 8ZO A S9    1 
HETATM 1388 C C10   . 8ZO C 3 .   ? 3.892   -3.857  -14.354 1.00 54.64 ? 202 8ZO A C10   1 
HETATM 1389 O O11   . 8ZO C 3 .   ? 3.267   -4.224  -15.296 1.00 53.68 ? 202 8ZO A O11   1 
HETATM 1390 O O12   . 8ZO C 3 .   ? 5.230   -3.451  -14.512 1.00 55.14 ? 202 8ZO A O12   1 
HETATM 1391 C C13   . 8ZO C 3 .   ? 5.409   -2.249  -15.219 1.00 58.12 ? 202 8ZO A C13   1 
HETATM 1392 C C14   . 8ZO C 3 .   ? 5.911   -1.142  -14.286 1.00 50.18 ? 202 8ZO A C14   1 
HETATM 1393 C C15   . 8ZO C 3 .   ? 5.592   0.265   -14.798 1.00 48.80 ? 202 8ZO A C15   1 
HETATM 1394 O O16   . 8ZO C 3 .   ? 0.786   -4.626  -10.539 0.48 40.56 ? 202 8ZO A O16   1 
HETATM 1395 O O17   . 8ZO C 3 .   ? -0.473  -4.898  -12.961 0.37 43.64 ? 202 8ZO A O17   1 
HETATM 1396 O O     . HOH D 4 .   ? -17.853 -6.536  -5.905  1.00 52.29 ? 301 HOH A O     1 
HETATM 1397 O O     . HOH D 4 .   ? 17.532  -6.933  9.974   1.00 61.01 ? 302 HOH A O     1 
HETATM 1398 O O     . HOH D 4 .   ? -14.359 8.578   2.134   1.00 48.48 ? 303 HOH A O     1 
HETATM 1399 O O     . HOH D 4 .   ? -18.721 0.458   -2.435  1.00 42.85 ? 304 HOH A O     1 
HETATM 1400 O O     . HOH D 4 .   ? -6.683  9.137   -10.621 1.00 57.80 ? 305 HOH A O     1 
HETATM 1401 O O     . HOH D 4 .   ? 18.559  6.035   0.703   1.00 52.40 ? 306 HOH A O     1 
HETATM 1402 O O     . HOH D 4 .   ? -1.109  -13.936 -9.990  1.00 49.87 ? 307 HOH A O     1 
HETATM 1403 O O     . HOH D 4 .   ? -12.311 -4.067  -13.442 1.00 38.48 ? 308 HOH A O     1 
HETATM 1404 O O     . HOH D 4 .   ? -3.048  2.913   -8.917  1.00 26.72 ? 309 HOH A O     1 
HETATM 1405 O O     . HOH D 4 .   ? 12.384  -0.535  -11.390 1.00 39.99 ? 310 HOH A O     1 
HETATM 1406 O O     . HOH D 4 .   ? -17.628 -0.078  5.931   1.00 46.34 ? 311 HOH A O     1 
HETATM 1407 O O     . HOH D 4 .   ? 15.941  -0.829  -10.913 1.00 42.22 ? 312 HOH A O     1 
HETATM 1408 O O     . HOH D 4 .   ? -14.636 -10.302 0.237   1.00 53.54 ? 313 HOH A O     1 
HETATM 1409 O O     . HOH D 4 .   ? -12.437 5.697   -4.628  1.00 39.34 ? 314 HOH A O     1 
HETATM 1410 O O     . HOH D 4 .   ? -3.330  10.241  -6.974  1.00 47.78 ? 315 HOH A O     1 
HETATM 1411 O O     . HOH D 4 .   ? 5.310   1.529   12.843  1.00 49.54 ? 316 HOH A O     1 
HETATM 1412 O O     . HOH D 4 .   ? 6.168   -6.303  8.795   1.00 38.24 ? 317 HOH A O     1 
HETATM 1413 O O     . HOH D 4 .   ? -4.862  -6.652  11.068  1.00 48.62 ? 318 HOH A O     1 
HETATM 1414 O O     . HOH D 4 .   ? 11.054  -11.495 -7.015  1.00 45.69 ? 319 HOH A O     1 
HETATM 1415 O O     . HOH D 4 .   ? -12.255 -7.489  13.511  1.00 54.06 ? 320 HOH A O     1 
HETATM 1416 O O     . HOH D 4 .   ? -10.640 8.110   -5.248  1.00 37.77 ? 321 HOH A O     1 
HETATM 1417 O O     . HOH D 4 .   ? 6.426   3.358   10.574  1.00 39.54 ? 322 HOH A O     1 
HETATM 1418 O O     . HOH D 4 .   ? 13.349  -13.037 4.815   1.00 52.93 ? 323 HOH A O     1 
HETATM 1419 O O     . HOH D 4 .   ? -12.213 7.020   -2.329  1.00 45.54 ? 324 HOH A O     1 
HETATM 1420 O O     . HOH D 4 .   ? -4.260  12.421  -4.277  1.00 41.79 ? 325 HOH A O     1 
HETATM 1421 O O     . HOH D 4 .   ? -9.183  -3.727  -13.814 1.00 39.60 ? 326 HOH A O     1 
HETATM 1422 O O     . HOH D 4 .   ? -2.731  -1.117  13.823  1.00 51.64 ? 327 HOH A O     1 
HETATM 1423 O O     . HOH D 4 .   ? -0.330  -10.503 -8.720  1.00 39.91 ? 328 HOH A O     1 
HETATM 1424 O O     . HOH D 4 .   ? 16.511  10.139  -2.333  1.00 39.67 ? 329 HOH A O     1 
HETATM 1425 O O     . HOH D 4 .   ? 11.279  9.067   -8.425  1.00 23.06 ? 330 HOH A O     1 
HETATM 1426 O O     . HOH D 4 .   ? -0.677  12.272  -4.686  1.00 42.14 ? 331 HOH A O     1 
HETATM 1427 O O     . HOH D 4 .   ? 9.162   8.870   8.129   1.00 40.11 ? 332 HOH A O     1 
HETATM 1428 O O     . HOH D 4 .   ? -10.351 3.981   -9.119  1.00 40.64 ? 333 HOH A O     1 
HETATM 1429 O O     . HOH D 4 .   ? 0.873   -15.458 2.627   1.00 37.19 ? 334 HOH A O     1 
HETATM 1430 O O     . HOH D 4 .   ? 21.447  11.584  7.843   1.00 53.31 ? 335 HOH A O     1 
HETATM 1431 O O     . HOH D 4 .   ? -8.269  1.421   -3.649  1.00 25.68 ? 336 HOH A O     1 
HETATM 1432 O O     . HOH D 4 .   ? 11.876  1.893   7.137   1.00 49.12 ? 337 HOH A O     1 
HETATM 1433 O O     . HOH D 4 .   ? -5.477  8.980   -13.942 1.00 57.74 ? 338 HOH A O     1 
HETATM 1434 O O     . HOH D 4 .   ? 15.781  8.885   9.005   1.00 46.27 ? 339 HOH A O     1 
HETATM 1435 O O     . HOH D 4 .   ? -1.807  -10.476 7.194   1.00 40.38 ? 340 HOH A O     1 
HETATM 1436 O O     . HOH D 4 .   ? 8.498   -11.619 -6.539  1.00 43.84 ? 341 HOH A O     1 
HETATM 1437 O O     . HOH D 4 .   ? 4.812   9.095   -8.172  1.00 35.32 ? 342 HOH A O     1 
HETATM 1438 O O     . HOH D 4 .   ? 17.787  3.536   6.073   1.00 55.26 ? 343 HOH A O     1 
HETATM 1439 O O     . HOH D 4 .   ? -9.676  8.796   1.213   1.00 41.15 ? 344 HOH A O     1 
HETATM 1440 O O     . HOH D 4 .   ? -0.199  -12.451 -3.323  1.00 29.98 ? 345 HOH A O     1 
HETATM 1441 O O     . HOH D 4 .   ? -14.764 4.238   -7.970  1.00 47.52 ? 346 HOH A O     1 
HETATM 1442 O O     . HOH D 4 .   ? 7.427   -5.736  -16.425 1.00 57.77 ? 347 HOH A O     1 
HETATM 1443 O O     . HOH D 4 .   ? 7.657   -11.427 -9.669  1.00 47.88 ? 348 HOH A O     1 
HETATM 1444 O O     . HOH D 4 .   ? 13.258  3.601   5.139   1.00 40.60 ? 349 HOH A O     1 
HETATM 1445 O O     . HOH D 4 .   ? -9.068  6.504   -8.715  1.00 40.49 ? 350 HOH A O     1 
HETATM 1446 O O     . HOH D 4 .   ? -0.427  -8.323  9.666   1.00 39.92 ? 351 HOH A O     1 
HETATM 1447 O O     . HOH D 4 .   ? -16.468 -1.983  0.725   1.00 45.47 ? 352 HOH A O     1 
HETATM 1448 O O     . HOH D 4 .   ? -2.065  -4.236  10.617  1.00 36.46 ? 353 HOH A O     1 
HETATM 1449 O O     . HOH D 4 .   ? -16.676 5.343   0.400   1.00 37.92 ? 354 HOH A O     1 
HETATM 1450 O O     . HOH D 4 .   ? -5.937  1.597   -14.571 1.00 57.43 ? 355 HOH A O     1 
HETATM 1451 O O     . HOH D 4 .   ? 15.626  10.039  4.434   1.00 37.44 ? 356 HOH A O     1 
HETATM 1452 O O     . HOH D 4 .   ? -13.584 -6.061  12.449  1.00 50.26 ? 357 HOH A O     1 
HETATM 1453 O O     . HOH D 4 .   ? -8.637  12.396  1.200   1.00 44.86 ? 358 HOH A O     1 
HETATM 1454 O O     . HOH D 4 .   ? -7.420  12.070  4.240   1.00 40.87 ? 359 HOH A O     1 
HETATM 1455 O O     . HOH D 4 .   ? 12.865  -10.202 11.904  1.00 48.58 ? 360 HOH A O     1 
HETATM 1456 O O     . HOH D 4 .   ? 9.698   17.174  -1.741  1.00 50.79 ? 361 HOH A O     1 
HETATM 1457 O O     . HOH D 4 .   ? 10.751  -0.357  6.690   1.00 39.41 ? 362 HOH A O     1 
HETATM 1458 O O     . HOH D 4 .   ? -14.128 -8.183  2.524   1.00 47.86 ? 363 HOH A O     1 
HETATM 1459 O O     . HOH D 4 .   ? -1.150  -13.703 5.706   1.00 43.08 ? 364 HOH A O     1 
HETATM 1460 O O     . HOH D 4 .   ? -16.468 1.233   -5.610  1.00 42.80 ? 365 HOH A O     1 
HETATM 1461 O O     . HOH D 4 .   ? 15.095  2.158   5.541   1.00 51.34 ? 366 HOH A O     1 
HETATM 1462 O O     . HOH D 4 .   ? -16.312 -4.760  3.604   1.00 53.71 ? 367 HOH A O     1 
HETATM 1463 O O     . HOH D 4 .   ? -8.824  -12.613 -7.092  1.00 45.50 ? 368 HOH A O     1 
HETATM 1464 O O     . HOH D 4 .   ? -16.104 7.676   -4.460  1.00 54.02 ? 369 HOH A O     1 
HETATM 1465 O O     . HOH D 4 .   ? -2.791  5.153   13.646  1.00 52.51 ? 370 HOH A O     1 
HETATM 1466 O O     . HOH D 4 .   ? 8.867   3.738   7.492   1.00 41.25 ? 371 HOH A O     1 
HETATM 1467 O O     . HOH D 4 .   ? -6.468  -11.550 -16.754 1.00 43.64 ? 372 HOH A O     1 
HETATM 1468 O O     . HOH D 4 .   ? -16.695 -1.880  3.632   1.00 50.59 ? 373 HOH A O     1 
HETATM 1469 O O     . HOH D 4 .   ? -16.735 -8.338  -6.679  1.00 50.22 ? 374 HOH A O     1 
HETATM 1470 O O     . HOH D 4 .   ? 13.831  -2.368  -10.552 1.00 42.24 ? 375 HOH A O     1 
HETATM 1471 O O     . HOH D 4 .   ? -15.789 -4.181  -0.117  1.00 43.95 ? 376 HOH A O     1 
HETATM 1472 O O     . HOH D 4 .   ? 15.811  -1.028  -13.669 1.00 44.88 ? 377 HOH A O     1 
HETATM 1473 O O     . HOH D 4 .   ? 16.706  -7.327  12.154  1.00 61.82 ? 378 HOH A O     1 
HETATM 1474 O O     . HOH D 4 .   ? -19.138 -1.039  -0.022  1.00 50.98 ? 379 HOH A O     1 
HETATM 1475 O O     . HOH D 4 .   ? -10.689 10.282  -0.244  1.00 50.30 ? 380 HOH A O     1 
HETATM 1476 O O     . HOH D 4 .   ? -14.691 5.980   -5.822  1.00 49.42 ? 381 HOH A O     1 
HETATM 1477 O O     . HOH D 4 .   ? -15.960 -6.028  1.676   1.00 49.79 ? 382 HOH A O     1 
# 
